data_3D3H
# 
_entry.id   3D3H 
# 
_audit_conform.dict_name       mmcif_pdbx.dic 
_audit_conform.dict_version    5.377 
_audit_conform.dict_location   http://mmcif.pdb.org/dictionaries/ascii/mmcif_pdbx.dic 
# 
loop_
_database_2.database_id 
_database_2.database_code 
_database_2.pdbx_database_accession 
_database_2.pdbx_DOI 
PDB   3D3H         pdb_00003d3h 10.2210/pdb3d3h/pdb 
RCSB  RCSB047544   ?            ?                   
WWPDB D_1000047544 ?            ?                   
# 
_pdbx_database_related.db_name        PDB 
_pdbx_database_related.db_id          2OQO 
_pdbx_database_related.details        . 
_pdbx_database_related.content_type   unspecified 
# 
_pdbx_database_status.status_code                     REL 
_pdbx_database_status.entry_id                        3D3H 
_pdbx_database_status.recvd_initial_deposition_date   2008-05-11 
_pdbx_database_status.deposit_site                    RCSB 
_pdbx_database_status.process_site                    RCSB 
_pdbx_database_status.status_code_sf                  REL 
_pdbx_database_status.status_code_mr                  ? 
_pdbx_database_status.SG_entry                        ? 
_pdbx_database_status.pdb_format_compatible           Y 
_pdbx_database_status.status_code_cs                  ? 
_pdbx_database_status.status_code_nmr_data            ? 
_pdbx_database_status.methods_development_category    ? 
# 
loop_
_audit_author.name 
_audit_author.pdbx_ordinal 
'Yuan, Y.'   1 
'Sliz, P.'   2 
'Walker, S.' 3 
# 
_citation.id                        primary 
_citation.title                     
;Structural analysis of the contacts anchoring moenomycin to peptidoglycan glycosyltransferases and implications for antibiotic design.
;
_citation.journal_abbrev            'Acs Chem.Biol.' 
_citation.journal_volume            3 
_citation.page_first                429 
_citation.page_last                 436 
_citation.year                      2008 
_citation.journal_id_ASTM           ? 
_citation.country                   US 
_citation.journal_id_ISSN           1554-8929 
_citation.journal_id_CSD            ? 
_citation.book_publisher            ? 
_citation.pdbx_database_id_PubMed   18642800 
_citation.pdbx_database_id_DOI      10.1021/cb800078a 
# 
loop_
_citation_author.citation_id 
_citation_author.name 
_citation_author.ordinal 
_citation_author.identifier_ORCID 
primary 'Yuan, Y.'   1 ? 
primary 'Fuse, S.'   2 ? 
primary 'Ostash, B.' 3 ? 
primary 'Sliz, P.'   4 ? 
primary 'Kahne, D.'  5 ? 
primary 'Walker, S.' 6 ? 
# 
_cell.entry_id           3D3H 
_cell.length_a           54.939 
_cell.length_b           100.448 
_cell.length_c           104.022 
_cell.angle_alpha        90.00 
_cell.angle_beta         90.00 
_cell.angle_gamma        90.00 
_cell.Z_PDB              8 
_cell.pdbx_unique_axis   ? 
_cell.length_a_esd       ? 
_cell.length_b_esd       ? 
_cell.length_c_esd       ? 
_cell.angle_alpha_esd    ? 
_cell.angle_beta_esd     ? 
_cell.angle_gamma_esd    ? 
# 
_symmetry.entry_id                         3D3H 
_symmetry.space_group_name_H-M             'I 2 2 2' 
_symmetry.pdbx_full_space_group_name_H-M   ? 
_symmetry.cell_setting                     ? 
_symmetry.Int_Tables_number                23 
_symmetry.space_group_name_Hall            ? 
# 
loop_
_entity.id 
_entity.type 
_entity.src_method 
_entity.pdbx_description 
_entity.formula_weight 
_entity.pdbx_number_of_molecules 
_entity.pdbx_ec 
_entity.pdbx_mutation 
_entity.pdbx_fragment 
_entity.details 
1 polymer     man 'Penicillin-insensitive transglycosylase' 22912.428 1  2.4.2.- ? ? ? 
2 non-polymer syn 
;(2R)-3-{[(S)-{[(2R,3R,4R,5S,6S)-3-{[(2S,3R,4R,5S,6R)-3-(acetylamino)-5-{[(2S,3R,4R,5S,6R)-3-(acetylamino)-5-{[(2R,3R,4S,5R,6S)-6-carbamoyl-3,4,5-trihydroxytetrahydro-2H-pyran-2-yl]oxy}-4-hydroxy-6-methyltetrahydro-2H-pyran-2-yl]oxy}-4-hydroxy-6-({[(2R,3R,4S,5S,6R)-3,4,5-trihydroxy-6-(hydroxymethyl)tetrahydro-2H-pyran-2-yl]oxy}methyl)tetrahydro-2H-pyran-2-yl]oxy}-6-carbamoyl-4-(carbamoyloxy)-5-hydroxy-5-methyltetrahydro-2H-pyran-2-yl]oxy}(hydroxy)phosphoryl]oxy}-2-{[(2Z)-3,7-dimethylocta-2,6-dien-1-yl]oxy}propanoic acid
;
1282.148  1  ?       ? ? ? 
3 water       nat water 18.015    48 ?       ? ? ? 
# 
_entity_name_com.entity_id   1 
_entity_name_com.name        'Peptidoglycan TGase' 
# 
_entity_poly.entity_id                      1 
_entity_poly.type                           'polypeptide(L)' 
_entity_poly.nstd_linkage                   no 
_entity_poly.nstd_monomer                   no 
_entity_poly.pdbx_seq_one_letter_code       
;GPGYQDPKGRLYGTIGIQKRFYVSIDKIPEHVINAFVATEDRNFWHHFGIDPVAIVRAAIVNYRAGRIVQGGSTITQQLA
KNLFLTRERTLERKIKEALLAIKIERTFDKKKIMELYLNQIYLGSGAYGVEAAAQVYFGKHVWELSLDEAALLAALPKAP
AKYNPFYHPERALQRRNLVLKRMLEEGYITPEQYEEAVNK
;
_entity_poly.pdbx_seq_one_letter_code_can   
;GPGYQDPKGRLYGTIGIQKRFYVSIDKIPEHVINAFVATEDRNFWHHFGIDPVAIVRAAIVNYRAGRIVQGGSTITQQLA
KNLFLTRERTLERKIKEALLAIKIERTFDKKKIMELYLNQIYLGSGAYGVEAAAQVYFGKHVWELSLDEAALLAALPKAP
AKYNPFYHPERALQRRNLVLKRMLEEGYITPEQYEEAVNK
;
_entity_poly.pdbx_strand_id                 A 
_entity_poly.pdbx_target_identifier         ? 
# 
loop_
_entity_poly_seq.entity_id 
_entity_poly_seq.num 
_entity_poly_seq.mon_id 
_entity_poly_seq.hetero 
1 1   GLY n 
1 2   PRO n 
1 3   GLY n 
1 4   TYR n 
1 5   GLN n 
1 6   ASP n 
1 7   PRO n 
1 8   LYS n 
1 9   GLY n 
1 10  ARG n 
1 11  LEU n 
1 12  TYR n 
1 13  GLY n 
1 14  THR n 
1 15  ILE n 
1 16  GLY n 
1 17  ILE n 
1 18  GLN n 
1 19  LYS n 
1 20  ARG n 
1 21  PHE n 
1 22  TYR n 
1 23  VAL n 
1 24  SER n 
1 25  ILE n 
1 26  ASP n 
1 27  LYS n 
1 28  ILE n 
1 29  PRO n 
1 30  GLU n 
1 31  HIS n 
1 32  VAL n 
1 33  ILE n 
1 34  ASN n 
1 35  ALA n 
1 36  PHE n 
1 37  VAL n 
1 38  ALA n 
1 39  THR n 
1 40  GLU n 
1 41  ASP n 
1 42  ARG n 
1 43  ASN n 
1 44  PHE n 
1 45  TRP n 
1 46  HIS n 
1 47  HIS n 
1 48  PHE n 
1 49  GLY n 
1 50  ILE n 
1 51  ASP n 
1 52  PRO n 
1 53  VAL n 
1 54  ALA n 
1 55  ILE n 
1 56  VAL n 
1 57  ARG n 
1 58  ALA n 
1 59  ALA n 
1 60  ILE n 
1 61  VAL n 
1 62  ASN n 
1 63  TYR n 
1 64  ARG n 
1 65  ALA n 
1 66  GLY n 
1 67  ARG n 
1 68  ILE n 
1 69  VAL n 
1 70  GLN n 
1 71  GLY n 
1 72  GLY n 
1 73  SER n 
1 74  THR n 
1 75  ILE n 
1 76  THR n 
1 77  GLN n 
1 78  GLN n 
1 79  LEU n 
1 80  ALA n 
1 81  LYS n 
1 82  ASN n 
1 83  LEU n 
1 84  PHE n 
1 85  LEU n 
1 86  THR n 
1 87  ARG n 
1 88  GLU n 
1 89  ARG n 
1 90  THR n 
1 91  LEU n 
1 92  GLU n 
1 93  ARG n 
1 94  LYS n 
1 95  ILE n 
1 96  LYS n 
1 97  GLU n 
1 98  ALA n 
1 99  LEU n 
1 100 LEU n 
1 101 ALA n 
1 102 ILE n 
1 103 LYS n 
1 104 ILE n 
1 105 GLU n 
1 106 ARG n 
1 107 THR n 
1 108 PHE n 
1 109 ASP n 
1 110 LYS n 
1 111 LYS n 
1 112 LYS n 
1 113 ILE n 
1 114 MET n 
1 115 GLU n 
1 116 LEU n 
1 117 TYR n 
1 118 LEU n 
1 119 ASN n 
1 120 GLN n 
1 121 ILE n 
1 122 TYR n 
1 123 LEU n 
1 124 GLY n 
1 125 SER n 
1 126 GLY n 
1 127 ALA n 
1 128 TYR n 
1 129 GLY n 
1 130 VAL n 
1 131 GLU n 
1 132 ALA n 
1 133 ALA n 
1 134 ALA n 
1 135 GLN n 
1 136 VAL n 
1 137 TYR n 
1 138 PHE n 
1 139 GLY n 
1 140 LYS n 
1 141 HIS n 
1 142 VAL n 
1 143 TRP n 
1 144 GLU n 
1 145 LEU n 
1 146 SER n 
1 147 LEU n 
1 148 ASP n 
1 149 GLU n 
1 150 ALA n 
1 151 ALA n 
1 152 LEU n 
1 153 LEU n 
1 154 ALA n 
1 155 ALA n 
1 156 LEU n 
1 157 PRO n 
1 158 LYS n 
1 159 ALA n 
1 160 PRO n 
1 161 ALA n 
1 162 LYS n 
1 163 TYR n 
1 164 ASN n 
1 165 PRO n 
1 166 PHE n 
1 167 TYR n 
1 168 HIS n 
1 169 PRO n 
1 170 GLU n 
1 171 ARG n 
1 172 ALA n 
1 173 LEU n 
1 174 GLN n 
1 175 ARG n 
1 176 ARG n 
1 177 ASN n 
1 178 LEU n 
1 179 VAL n 
1 180 LEU n 
1 181 LYS n 
1 182 ARG n 
1 183 MET n 
1 184 LEU n 
1 185 GLU n 
1 186 GLU n 
1 187 GLY n 
1 188 TYR n 
1 189 ILE n 
1 190 THR n 
1 191 PRO n 
1 192 GLU n 
1 193 GLN n 
1 194 TYR n 
1 195 GLU n 
1 196 GLU n 
1 197 ALA n 
1 198 VAL n 
1 199 ASN n 
1 200 LYS n 
# 
_entity_src_gen.entity_id                          1 
_entity_src_gen.pdbx_src_id                        1 
_entity_src_gen.pdbx_alt_source_flag               sample 
_entity_src_gen.pdbx_seq_type                      ? 
_entity_src_gen.pdbx_beg_seq_num                   ? 
_entity_src_gen.pdbx_end_seq_num                   ? 
_entity_src_gen.gene_src_common_name               ? 
_entity_src_gen.gene_src_genus                     ? 
_entity_src_gen.pdbx_gene_src_gene                 'mrcA, ponA' 
_entity_src_gen.gene_src_species                   ? 
_entity_src_gen.gene_src_strain                    VF5 
_entity_src_gen.gene_src_tissue                    ? 
_entity_src_gen.gene_src_tissue_fraction           ? 
_entity_src_gen.gene_src_details                   ? 
_entity_src_gen.pdbx_gene_src_fragment             ? 
_entity_src_gen.pdbx_gene_src_scientific_name      'Aquifex aeolicus' 
_entity_src_gen.pdbx_gene_src_ncbi_taxonomy_id     63363 
_entity_src_gen.pdbx_gene_src_variant              ? 
_entity_src_gen.pdbx_gene_src_cell_line            ? 
_entity_src_gen.pdbx_gene_src_atcc                 ? 
_entity_src_gen.pdbx_gene_src_organ                ? 
_entity_src_gen.pdbx_gene_src_organelle            ? 
_entity_src_gen.pdbx_gene_src_cell                 ? 
_entity_src_gen.pdbx_gene_src_cellular_location    ? 
_entity_src_gen.host_org_common_name               ? 
_entity_src_gen.pdbx_host_org_scientific_name      'Escherichia coli' 
_entity_src_gen.pdbx_host_org_ncbi_taxonomy_id     562 
_entity_src_gen.host_org_genus                     ? 
_entity_src_gen.pdbx_host_org_gene                 ? 
_entity_src_gen.pdbx_host_org_organ                ? 
_entity_src_gen.host_org_species                   ? 
_entity_src_gen.pdbx_host_org_tissue               ? 
_entity_src_gen.pdbx_host_org_tissue_fraction      ? 
_entity_src_gen.pdbx_host_org_strain               'BL21(DE3)' 
_entity_src_gen.pdbx_host_org_variant              ? 
_entity_src_gen.pdbx_host_org_cell_line            ? 
_entity_src_gen.pdbx_host_org_atcc                 ? 
_entity_src_gen.pdbx_host_org_culture_collection   ? 
_entity_src_gen.pdbx_host_org_cell                 ? 
_entity_src_gen.pdbx_host_org_organelle            ? 
_entity_src_gen.pdbx_host_org_cellular_location    ? 
_entity_src_gen.pdbx_host_org_vector_type          plasmid 
_entity_src_gen.pdbx_host_org_vector               ? 
_entity_src_gen.host_org_details                   ? 
_entity_src_gen.expression_system_id               ? 
_entity_src_gen.plasmid_name                       'pET48(b)+' 
_entity_src_gen.plasmid_details                    ? 
_entity_src_gen.pdbx_description                   ? 
# 
_struct_ref.id                         1 
_struct_ref.db_name                    UNP 
_struct_ref.db_code                    PBPA_AQUAE 
_struct_ref.pdbx_db_accession          O66874 
_struct_ref.entity_id                  1 
_struct_ref.pdbx_seq_one_letter_code   
;KGRLYGTIGIQKRFYVSIDKIPEHVINAFVATEDRNFWHHFGIDPVAIVRAAIVNYRAGRIVQGGSTITQQLAKNLFLTR
ERTLERKIKEALLAIKIERTFDKKKIMELYLNQIYLGSGAYGVEAAAQVYFGKHVWELSLDEAALLAALPKAPAKYNPFY
HPERALQRRNLVLKRMLEEGYITPEQYEEAVNK
;
_struct_ref.pdbx_align_begin           51 
_struct_ref.pdbx_db_isoform            ? 
# 
_struct_ref_seq.align_id                      1 
_struct_ref_seq.ref_id                        1 
_struct_ref_seq.pdbx_PDB_id_code              3D3H 
_struct_ref_seq.pdbx_strand_id                A 
_struct_ref_seq.seq_align_beg                 8 
_struct_ref_seq.pdbx_seq_align_beg_ins_code   ? 
_struct_ref_seq.seq_align_end                 200 
_struct_ref_seq.pdbx_seq_align_end_ins_code   ? 
_struct_ref_seq.pdbx_db_accession             O66874 
_struct_ref_seq.db_align_beg                  51 
_struct_ref_seq.pdbx_db_align_beg_ins_code    ? 
_struct_ref_seq.db_align_end                  243 
_struct_ref_seq.pdbx_db_align_end_ins_code    ? 
_struct_ref_seq.pdbx_auth_seq_align_beg       51 
_struct_ref_seq.pdbx_auth_seq_align_end       243 
# 
loop_
_struct_ref_seq_dif.align_id 
_struct_ref_seq_dif.pdbx_pdb_id_code 
_struct_ref_seq_dif.mon_id 
_struct_ref_seq_dif.pdbx_pdb_strand_id 
_struct_ref_seq_dif.seq_num 
_struct_ref_seq_dif.pdbx_pdb_ins_code 
_struct_ref_seq_dif.pdbx_seq_db_name 
_struct_ref_seq_dif.pdbx_seq_db_accession_code 
_struct_ref_seq_dif.db_mon_id 
_struct_ref_seq_dif.pdbx_seq_db_seq_num 
_struct_ref_seq_dif.details 
_struct_ref_seq_dif.pdbx_auth_seq_num 
_struct_ref_seq_dif.pdbx_ordinal 
1 3D3H GLY A 1 ? UNP O66874 ? ? 'expression tag' 44 1 
1 3D3H PRO A 2 ? UNP O66874 ? ? 'expression tag' 45 2 
1 3D3H GLY A 3 ? UNP O66874 ? ? 'expression tag' 46 3 
1 3D3H TYR A 4 ? UNP O66874 ? ? 'expression tag' 47 4 
1 3D3H GLN A 5 ? UNP O66874 ? ? 'expression tag' 48 5 
1 3D3H ASP A 6 ? UNP O66874 ? ? 'expression tag' 49 6 
1 3D3H PRO A 7 ? UNP O66874 ? ? 'expression tag' 50 7 
# 
loop_
_chem_comp.id 
_chem_comp.type 
_chem_comp.mon_nstd_flag 
_chem_comp.name 
_chem_comp.pdbx_synonyms 
_chem_comp.formula 
_chem_comp.formula_weight 
ALA 'L-peptide linking' y ALANINE ?                    'C3 H7 N O2'       89.093   
ARG 'L-peptide linking' y ARGININE ?                    'C6 H15 N4 O2 1'   175.209  
ASN 'L-peptide linking' y ASPARAGINE ?                    'C4 H8 N2 O3'      132.118  
ASP 'L-peptide linking' y 'ASPARTIC ACID' ?                    'C4 H7 N O4'       133.103  
GLN 'L-peptide linking' y GLUTAMINE ?                    'C5 H10 N2 O3'     146.144  
GLU 'L-peptide linking' y 'GLUTAMIC ACID' ?                    'C5 H9 N O4'       147.129  
GLY 'peptide linking'   y GLYCINE ?                    'C2 H5 N O2'       75.067   
HIS 'L-peptide linking' y HISTIDINE ?                    'C6 H10 N3 O2 1'   156.162  
HOH non-polymer         . WATER ?                    'H2 O'             18.015   
ILE 'L-peptide linking' y ISOLEUCINE ?                    'C6 H13 N O2'      131.173  
LEU 'L-peptide linking' y LEUCINE ?                    'C6 H13 N O2'      131.173  
LYS 'L-peptide linking' y LYSINE ?                    'C6 H15 N2 O2 1'   147.195  
M4O non-polymer         . 
;(2R)-3-{[(S)-{[(2R,3R,4R,5S,6S)-3-{[(2S,3R,4R,5S,6R)-3-(acetylamino)-5-{[(2S,3R,4R,5S,6R)-3-(acetylamino)-5-{[(2R,3R,4S,5R,6S)-6-carbamoyl-3,4,5-trihydroxytetrahydro-2H-pyran-2-yl]oxy}-4-hydroxy-6-methyltetrahydro-2H-pyran-2-yl]oxy}-4-hydroxy-6-({[(2R,3R,4S,5S,6R)-3,4,5-trihydroxy-6-(hydroxymethyl)tetrahydro-2H-pyran-2-yl]oxy}methyl)tetrahydro-2H-pyran-2-yl]oxy}-6-carbamoyl-4-(carbamoyloxy)-5-hydroxy-5-methyltetrahydro-2H-pyran-2-yl]oxy}(hydroxy)phosphoryl]oxy}-2-{[(2Z)-3,7-dimethylocta-2,6-dien-1-yl]oxy}propanoic acid
;
'Neryl Moenomycin A' 'C49 H80 N5 O32 P' 1282.148 
MET 'L-peptide linking' y METHIONINE ?                    'C5 H11 N O2 S'    149.211  
PHE 'L-peptide linking' y PHENYLALANINE ?                    'C9 H11 N O2'      165.189  
PRO 'L-peptide linking' y PROLINE ?                    'C5 H9 N O2'       115.130  
SER 'L-peptide linking' y SERINE ?                    'C3 H7 N O3'       105.093  
THR 'L-peptide linking' y THREONINE ?                    'C4 H9 N O3'       119.119  
TRP 'L-peptide linking' y TRYPTOPHAN ?                    'C11 H12 N2 O2'    204.225  
TYR 'L-peptide linking' y TYROSINE ?                    'C9 H11 N O3'      181.189  
VAL 'L-peptide linking' y VALINE ?                    'C5 H11 N O2'      117.146  
# 
_exptl.entry_id          3D3H 
_exptl.method            'X-RAY DIFFRACTION' 
_exptl.crystals_number   1 
# 
_exptl_crystal.id                    1 
_exptl_crystal.density_meas          ? 
_exptl_crystal.density_Matthews      3.13 
_exptl_crystal.density_percent_sol   60.72 
_exptl_crystal.description           ? 
_exptl_crystal.F_000                 ? 
_exptl_crystal.preparation           ? 
# 
_exptl_crystal_grow.crystal_id      1 
_exptl_crystal_grow.method          'VAPOR DIFFUSION, HANGING DROP' 
_exptl_crystal_grow.temp            295 
_exptl_crystal_grow.temp_details    ? 
_exptl_crystal_grow.pH              7.5 
_exptl_crystal_grow.pdbx_details    '100 mM HEPES, 6% PEG6K, pH 7.5, VAPOR DIFFUSION, HANGING DROP, temperature 295K' 
_exptl_crystal_grow.pdbx_pH_range   . 
# 
_diffrn.id                     1 
_diffrn.ambient_temp           100 
_diffrn.ambient_temp_details   ? 
_diffrn.crystal_id             1 
# 
_diffrn_detector.diffrn_id              1 
_diffrn_detector.detector               CCD 
_diffrn_detector.type                   'ADSC QUANTUM 315' 
_diffrn_detector.pdbx_collection_date   2007-03-13 
_diffrn_detector.details                ? 
# 
_diffrn_radiation.diffrn_id                        1 
_diffrn_radiation.wavelength_id                    1 
_diffrn_radiation.pdbx_monochromatic_or_laue_m_l   M 
_diffrn_radiation.monochromator                    Si 
_diffrn_radiation.pdbx_diffrn_protocol             'SINGLE WAVELENGTH' 
_diffrn_radiation.pdbx_scattering_type             x-ray 
# 
_diffrn_radiation_wavelength.id           1 
_diffrn_radiation_wavelength.wavelength   . 
_diffrn_radiation_wavelength.wt           1.0 
# 
_diffrn_source.diffrn_id                   1 
_diffrn_source.source                      SYNCHROTRON 
_diffrn_source.type                        'APS BEAMLINE 24-ID-C' 
_diffrn_source.pdbx_synchrotron_site       APS 
_diffrn_source.pdbx_synchrotron_beamline   24-ID-C 
_diffrn_source.pdbx_wavelength             ? 
_diffrn_source.pdbx_wavelength_list        ? 
# 
_reflns.entry_id                     3D3H 
_reflns.observed_criterion_sigma_I   0 
_reflns.observed_criterion_sigma_F   0 
_reflns.d_resolution_low             50 
_reflns.d_resolution_high            2.31 
_reflns.number_obs                   12059 
_reflns.number_all                   ? 
_reflns.percent_possible_obs         99.1 
_reflns.pdbx_Rmerge_I_obs            ? 
_reflns.pdbx_Rsym_value              0.059 
_reflns.pdbx_netI_over_sigmaI        ? 
_reflns.B_iso_Wilson_estimate        31.1 
_reflns.pdbx_redundancy              6 
_reflns.R_free_details               ? 
_reflns.limit_h_max                  ? 
_reflns.limit_h_min                  ? 
_reflns.limit_k_max                  ? 
_reflns.limit_k_min                  ? 
_reflns.limit_l_max                  ? 
_reflns.limit_l_min                  ? 
_reflns.observed_criterion_F_max     ? 
_reflns.observed_criterion_F_min     ? 
_reflns.pdbx_chi_squared             ? 
_reflns.pdbx_scaling_rejects         ? 
_reflns.pdbx_ordinal                 1 
_reflns.pdbx_diffrn_id               1 
# 
_reflns_shell.d_res_high             2.31 
_reflns_shell.d_res_low              2.39 
_reflns_shell.percent_possible_all   94.8 
_reflns_shell.Rmerge_I_obs           ? 
_reflns_shell.pdbx_Rsym_value        0.396 
_reflns_shell.meanI_over_sigI_obs    ? 
_reflns_shell.pdbx_redundancy        ? 
_reflns_shell.percent_possible_obs   ? 
_reflns_shell.number_unique_all      ? 
_reflns_shell.number_measured_all    ? 
_reflns_shell.number_measured_obs    ? 
_reflns_shell.number_unique_obs      ? 
_reflns_shell.pdbx_chi_squared       ? 
_reflns_shell.pdbx_ordinal           1 
_reflns_shell.pdbx_diffrn_id         1 
# 
_refine.entry_id                                 3D3H 
_refine.ls_number_reflns_obs                     12059 
_refine.ls_number_reflns_all                     ? 
_refine.pdbx_ls_sigma_I                          ? 
_refine.pdbx_ls_sigma_F                          0.0 
_refine.pdbx_data_cutoff_high_absF               102724.10 
_refine.pdbx_data_cutoff_low_absF                0.000000 
_refine.pdbx_data_cutoff_high_rms_absF           ? 
_refine.ls_d_res_low                             28.59 
_refine.ls_d_res_high                            2.31 
_refine.ls_percent_reflns_obs                    ? 
_refine.ls_R_factor_obs                          0.225 
_refine.ls_R_factor_all                          ? 
_refine.ls_R_factor_R_work                       0.225 
_refine.ls_R_factor_R_free                       0.26 
_refine.ls_R_factor_R_free_error                 0.010 
_refine.ls_R_factor_R_free_error_details         ? 
_refine.ls_percent_reflns_R_free                 6.1 
_refine.ls_number_reflns_R_free                  739 
_refine.ls_number_parameters                     ? 
_refine.ls_number_restraints                     ? 
_refine.occupancy_min                            ? 
_refine.occupancy_max                            ? 
_refine.correlation_coeff_Fo_to_Fc               ? 
_refine.correlation_coeff_Fo_to_Fc_free          ? 
_refine.B_iso_mean                               56.7 
_refine.aniso_B[1][1]                            -12.75 
_refine.aniso_B[2][2]                            -18.32 
_refine.aniso_B[3][3]                            31.07 
_refine.aniso_B[1][2]                            0.00 
_refine.aniso_B[1][3]                            0.00 
_refine.aniso_B[2][3]                            0.00 
_refine.solvent_model_details                    'FLAT MODEL' 
_refine.solvent_model_param_ksol                 0.35 
_refine.solvent_model_param_bsol                 50.9162 
_refine.pdbx_solvent_vdw_probe_radii             ? 
_refine.pdbx_solvent_ion_probe_radii             ? 
_refine.pdbx_solvent_shrinkage_radii             ? 
_refine.pdbx_ls_cross_valid_method               ? 
_refine.details                                  ? 
_refine.pdbx_starting_model                      'pdb entry 2OQO' 
_refine.pdbx_method_to_determine_struct          'MOLECULAR REPLACEMENT' 
_refine.pdbx_isotropic_thermal_model             RESTRAINED 
_refine.pdbx_stereochemistry_target_values       ? 
_refine.pdbx_stereochem_target_val_spec_case     ? 
_refine.pdbx_R_Free_selection_details            RANDOM 
_refine.pdbx_overall_ESU_R                       ? 
_refine.pdbx_overall_ESU_R_Free                  ? 
_refine.overall_SU_ML                            ? 
_refine.overall_SU_B                             ? 
_refine.ls_redundancy_reflns_obs                 ? 
_refine.B_iso_min                                ? 
_refine.B_iso_max                                ? 
_refine.overall_SU_R_Cruickshank_DPI             ? 
_refine.overall_SU_R_free                        ? 
_refine.ls_wR_factor_R_free                      ? 
_refine.ls_wR_factor_R_work                      ? 
_refine.overall_FOM_free_R_set                   ? 
_refine.overall_FOM_work_R_set                   ? 
_refine.pdbx_overall_phase_error                 ? 
_refine.pdbx_refine_id                           'X-RAY DIFFRACTION' 
_refine.pdbx_diffrn_id                           1 
_refine.pdbx_TLS_residual_ADP_flag               ? 
_refine.pdbx_overall_SU_R_free_Cruickshank_DPI   ? 
_refine.pdbx_overall_SU_R_Blow_DPI               ? 
_refine.pdbx_overall_SU_R_free_Blow_DPI          ? 
# 
_refine_analyze.entry_id                        3D3H 
_refine_analyze.Luzzati_coordinate_error_obs    0.32 
_refine_analyze.Luzzati_sigma_a_obs             0.45 
_refine_analyze.Luzzati_d_res_low_obs           5.00 
_refine_analyze.Luzzati_coordinate_error_free   0.38 
_refine_analyze.Luzzati_sigma_a_free            0.42 
_refine_analyze.Luzzati_d_res_low_free          ? 
_refine_analyze.number_disordered_residues      ? 
_refine_analyze.occupancy_sum_hydrogen          ? 
_refine_analyze.occupancy_sum_non_hydrogen      ? 
_refine_analyze.pdbx_Luzzati_d_res_high_obs     ? 
_refine_analyze.pdbx_refine_id                  'X-RAY DIFFRACTION' 
# 
_refine_hist.pdbx_refine_id                   'X-RAY DIFFRACTION' 
_refine_hist.cycle_id                         LAST 
_refine_hist.pdbx_number_atoms_protein        1422 
_refine_hist.pdbx_number_atoms_nucleic_acid   0 
_refine_hist.pdbx_number_atoms_ligand         87 
_refine_hist.number_atoms_solvent             48 
_refine_hist.number_atoms_total               1557 
_refine_hist.d_res_high                       2.31 
_refine_hist.d_res_low                        28.59 
# 
loop_
_refine_ls_restr.type 
_refine_ls_restr.dev_ideal 
_refine_ls_restr.dev_ideal_target 
_refine_ls_restr.weight 
_refine_ls_restr.number 
_refine_ls_restr.pdbx_refine_id 
_refine_ls_restr.pdbx_restraint_function 
c_bond_d                0.007 ?    ? ? 'X-RAY DIFFRACTION' ? 
c_bond_d_na             ?     ?    ? ? 'X-RAY DIFFRACTION' ? 
c_bond_d_prot           ?     ?    ? ? 'X-RAY DIFFRACTION' ? 
c_angle_d               ?     ?    ? ? 'X-RAY DIFFRACTION' ? 
c_angle_d_na            ?     ?    ? ? 'X-RAY DIFFRACTION' ? 
c_angle_d_prot          ?     ?    ? ? 'X-RAY DIFFRACTION' ? 
c_angle_deg             1.2   ?    ? ? 'X-RAY DIFFRACTION' ? 
c_angle_deg_na          ?     ?    ? ? 'X-RAY DIFFRACTION' ? 
c_angle_deg_prot        ?     ?    ? ? 'X-RAY DIFFRACTION' ? 
c_dihedral_angle_d      19.1  ?    ? ? 'X-RAY DIFFRACTION' ? 
c_dihedral_angle_d_na   ?     ?    ? ? 'X-RAY DIFFRACTION' ? 
c_dihedral_angle_d_prot ?     ?    ? ? 'X-RAY DIFFRACTION' ? 
c_improper_angle_d      0.75  ?    ? ? 'X-RAY DIFFRACTION' ? 
c_improper_angle_d_na   ?     ?    ? ? 'X-RAY DIFFRACTION' ? 
c_improper_angle_d_prot ?     ?    ? ? 'X-RAY DIFFRACTION' ? 
c_mcbond_it             1.61  1.50 ? ? 'X-RAY DIFFRACTION' ? 
c_mcangle_it            2.71  2.00 ? ? 'X-RAY DIFFRACTION' ? 
c_scbond_it             2.28  2.00 ? ? 'X-RAY DIFFRACTION' ? 
c_scangle_it            3.64  2.50 ? ? 'X-RAY DIFFRACTION' ? 
# 
_refine_ls_shell.pdbx_total_number_of_bins_used   6 
_refine_ls_shell.d_res_high                       2.31 
_refine_ls_shell.d_res_low                        2.45 
_refine_ls_shell.number_reflns_R_work             1615 
_refine_ls_shell.R_factor_R_work                  0.331 
_refine_ls_shell.percent_reflns_obs               80.5 
_refine_ls_shell.R_factor_R_free                  0.343 
_refine_ls_shell.R_factor_R_free_error            0.035 
_refine_ls_shell.percent_reflns_R_free            5.7 
_refine_ls_shell.number_reflns_R_free             97 
_refine_ls_shell.number_reflns_all                ? 
_refine_ls_shell.R_factor_all                     ? 
_refine_ls_shell.number_reflns_obs                ? 
_refine_ls_shell.redundancy_reflns_obs            ? 
_refine_ls_shell.pdbx_refine_id                   'X-RAY DIFFRACTION' 
# 
loop_
_pdbx_xplor_file.serial_no 
_pdbx_xplor_file.param_file 
_pdbx_xplor_file.topol_file 
_pdbx_xplor_file.pdbx_refine_id 
1 protein_rep.param protein.top 'X-RAY DIFFRACTION' 
2 water_rep.param   water.top   'X-RAY DIFFRACTION' 
3 moe.par           moe.top     'X-RAY DIFFRACTION' 
# 
_struct.entry_id                  3D3H 
_struct.title                     
'Crystal structure of a complex of the peptidoglycan glycosyltransferase domain from Aquifex aeolicus and neryl moenomycin A' 
_struct.pdbx_model_details        ? 
_struct.pdbx_CASP_flag            N 
_struct.pdbx_model_type_details   ? 
# 
_struct_keywords.entry_id        3D3H 
_struct_keywords.pdbx_keywords   TRANSFERASE/ANTIBIOTIC 
_struct_keywords.text            
;peptidoglycan glycosyltransferase, cell wall biosynthesis, antibiotics, penicillin-binding protein, transglycosylase, moenomycin, Antibiotic resistance, Cell shape, Cell wall biogenesis/degradation, Hydrolase, Inner membrane, Membrane, Multifunctional enzyme, Peptidoglycan synthesis, Signal-anchor, Transmembrane, TRANSFERASE-ANTIBIOTIC COMPLEX
;
# 
loop_
_struct_asym.id 
_struct_asym.pdbx_blank_PDB_chainid_flag 
_struct_asym.pdbx_modified 
_struct_asym.entity_id 
_struct_asym.details 
A N N 1 ? 
B N N 2 ? 
C N N 3 ? 
# 
_struct_biol.id        1 
_struct_biol.details   ? 
# 
loop_
_struct_conf.conf_type_id 
_struct_conf.id 
_struct_conf.pdbx_PDB_helix_id 
_struct_conf.beg_label_comp_id 
_struct_conf.beg_label_asym_id 
_struct_conf.beg_label_seq_id 
_struct_conf.pdbx_beg_PDB_ins_code 
_struct_conf.end_label_comp_id 
_struct_conf.end_label_asym_id 
_struct_conf.end_label_seq_id 
_struct_conf.pdbx_end_PDB_ins_code 
_struct_conf.beg_auth_comp_id 
_struct_conf.beg_auth_asym_id 
_struct_conf.beg_auth_seq_id 
_struct_conf.end_auth_comp_id 
_struct_conf.end_auth_asym_id 
_struct_conf.end_auth_seq_id 
_struct_conf.pdbx_PDB_helix_class 
_struct_conf.details 
_struct_conf.pdbx_PDB_helix_length 
HELX_P HELX_P1  1  SER A 24  ? ILE A 28  ? SER A 67  ILE A 71  5 ? 5  
HELX_P HELX_P2  2  PRO A 29  ? ASP A 41  ? PRO A 72  ASP A 84  1 ? 13 
HELX_P HELX_P3  3  ASP A 51  ? ILE A 60  ? ASP A 94  ILE A 103 1 ? 10 
HELX_P HELX_P4  4  THR A 74  ? ASN A 82  ? THR A 117 ASN A 125 1 ? 9  
HELX_P HELX_P5  5  THR A 90  ? PHE A 108 ? THR A 133 PHE A 151 1 ? 19 
HELX_P HELX_P6  6  ASP A 109 ? ILE A 121 ? ASP A 152 ILE A 164 1 ? 13 
HELX_P HELX_P7  7  GLY A 129 ? GLY A 139 ? GLY A 172 GLY A 182 1 ? 11 
HELX_P HELX_P8  8  HIS A 141 ? LEU A 145 ? HIS A 184 LEU A 188 5 ? 5  
HELX_P HELX_P9  9  SER A 146 ? ALA A 155 ? SER A 189 ALA A 198 1 ? 10 
HELX_P HELX_P10 10 ALA A 159 ? ASN A 164 ? ALA A 202 ASN A 207 1 ? 6  
HELX_P HELX_P11 11 HIS A 168 ? GLU A 186 ? HIS A 211 GLU A 229 1 ? 19 
HELX_P HELX_P12 12 THR A 190 ? VAL A 198 ? THR A 233 VAL A 241 1 ? 9  
# 
_struct_conf_type.id          HELX_P 
_struct_conf_type.criteria    ? 
_struct_conf_type.reference   ? 
# 
_struct_site.id                   AC1 
_struct_site.pdbx_evidence_code   Software 
_struct_site.pdbx_auth_asym_id    A 
_struct_site.pdbx_auth_comp_id    M4O 
_struct_site.pdbx_auth_seq_id     1 
_struct_site.pdbx_auth_ins_code   ? 
_struct_site.pdbx_num_residues    19 
_struct_site.details              'BINDING SITE FOR RESIDUE M4O A 1' 
# 
loop_
_struct_site_gen.id 
_struct_site_gen.site_id 
_struct_site_gen.pdbx_num_res 
_struct_site_gen.label_comp_id 
_struct_site_gen.label_asym_id 
_struct_site_gen.label_seq_id 
_struct_site_gen.pdbx_auth_ins_code 
_struct_site_gen.auth_comp_id 
_struct_site_gen.auth_asym_id 
_struct_site_gen.auth_seq_id 
_struct_site_gen.label_atom_id 
_struct_site_gen.label_alt_id 
_struct_site_gen.symmetry 
_struct_site_gen.details 
1  AC1 19 GLU A 40  ? GLU A 83  . ? 1_555 ? 
2  AC1 19 GLY A 71  ? GLY A 114 . ? 1_555 ? 
3  AC1 19 GLN A 78  ? GLN A 121 . ? 1_555 ? 
4  AC1 19 LYS A 81  ? LYS A 124 . ? 1_555 ? 
5  AC1 19 ASN A 82  ? ASN A 125 . ? 1_555 ? 
6  AC1 19 ARG A 89  ? ARG A 132 . ? 1_555 ? 
7  AC1 19 THR A 90  ? THR A 133 . ? 1_555 ? 
8  AC1 19 LEU A 91  ? LEU A 134 . ? 1_555 ? 
9  AC1 19 LYS A 94  ? LYS A 137 . ? 1_555 ? 
10 AC1 19 ILE A 121 ? ILE A 164 . ? 1_555 ? 
11 AC1 19 PRO A 157 ? PRO A 200 . ? 1_555 ? 
12 AC1 19 LYS A 158 ? LYS A 201 . ? 1_555 ? 
13 AC1 19 PRO A 160 ? PRO A 203 . ? 1_555 ? 
14 AC1 19 ALA A 161 ? ALA A 204 . ? 1_555 ? 
15 AC1 19 GLU A 195 ? GLU A 238 . ? 8_455 ? 
16 AC1 19 ASN A 199 ? ASN A 242 . ? 8_455 ? 
17 AC1 19 HOH C .   ? HOH A 259 . ? 1_555 ? 
18 AC1 19 HOH C .   ? HOH A 284 . ? 1_555 ? 
19 AC1 19 HOH C .   ? HOH A 291 . ? 1_555 ? 
# 
_atom_sites.entry_id                    3D3H 
_atom_sites.fract_transf_matrix[1][1]   0.01594506 
_atom_sites.fract_transf_matrix[1][2]   -0.00810898 
_atom_sites.fract_transf_matrix[1][3]   0.00336337 
_atom_sites.fract_transf_matrix[2][1]   -0.00423289 
_atom_sites.fract_transf_matrix[2][2]   -0.00530150 
_atom_sites.fract_transf_matrix[2][3]   0.00728552 
_atom_sites.fract_transf_matrix[3][1]   -0.00218823 
_atom_sites.fract_transf_matrix[3][2]   -0.00691819 
_atom_sites.fract_transf_matrix[3][3]   -0.00630556 
_atom_sites.fract_transf_vector[1]      0.694027 
_atom_sites.fract_transf_vector[2]      0.377674 
_atom_sites.fract_transf_vector[3]      0.216171 
# 
loop_
_atom_type.symbol 
C 
N 
O 
P 
S 
# 
loop_
_atom_site.group_PDB 
_atom_site.id 
_atom_site.type_symbol 
_atom_site.label_atom_id 
_atom_site.label_alt_id 
_atom_site.label_comp_id 
_atom_site.label_asym_id 
_atom_site.label_entity_id 
_atom_site.label_seq_id 
_atom_site.pdbx_PDB_ins_code 
_atom_site.Cartn_x 
_atom_site.Cartn_y 
_atom_site.Cartn_z 
_atom_site.occupancy 
_atom_site.B_iso_or_equiv 
_atom_site.pdbx_formal_charge 
_atom_site.auth_seq_id 
_atom_site.auth_comp_id 
_atom_site.auth_asym_id 
_atom_site.auth_atom_id 
_atom_site.pdbx_PDB_model_num 
ATOM   1    N N   . GLN A 1 18  ? -16.063 9.065   -6.127  1.00 87.60  ? 61  GLN A N   1 
ATOM   2    C CA  . GLN A 1 18  ? -14.796 8.368   -5.760  1.00 86.88  ? 61  GLN A CA  1 
ATOM   3    C C   . GLN A 1 18  ? -15.134 7.098   -4.994  1.00 88.33  ? 61  GLN A C   1 
ATOM   4    O O   . GLN A 1 18  ? -14.496 6.057   -5.163  1.00 90.08  ? 61  GLN A O   1 
ATOM   5    C CB  . GLN A 1 18  ? -13.931 9.280   -4.884  1.00 83.61  ? 61  GLN A CB  1 
ATOM   6    C CG  . GLN A 1 18  ? -14.443 9.484   -3.455  1.00 78.75  ? 61  GLN A CG  1 
ATOM   7    C CD  . GLN A 1 18  ? -13.819 8.519   -2.443  1.00 76.79  ? 61  GLN A CD  1 
ATOM   8    O OE1 . GLN A 1 18  ? -13.948 7.296   -2.560  1.00 73.07  ? 61  GLN A OE1 1 
ATOM   9    N NE2 . GLN A 1 18  ? -13.138 9.076   -1.440  1.00 74.19  ? 61  GLN A NE2 1 
ATOM   10   N N   . LYS A 1 19  ? -16.149 7.210   -4.149  1.00 87.95  ? 62  LYS A N   1 
ATOM   11   C CA  . LYS A 1 19  ? -16.623 6.116   -3.314  1.00 86.58  ? 62  LYS A CA  1 
ATOM   12   C C   . LYS A 1 19  ? -17.419 5.112   -4.154  1.00 86.43  ? 62  LYS A C   1 
ATOM   13   O O   . LYS A 1 19  ? -18.407 4.533   -3.696  1.00 86.20  ? 62  LYS A O   1 
ATOM   14   C CB  . LYS A 1 19  ? -17.483 6.710   -2.194  1.00 85.31  ? 62  LYS A CB  1 
ATOM   15   C CG  . LYS A 1 19  ? -18.081 5.735   -1.214  1.00 83.24  ? 62  LYS A CG  1 
ATOM   16   C CD  . LYS A 1 19  ? -18.970 6.478   -0.219  1.00 81.87  ? 62  LYS A CD  1 
ATOM   17   C CE  . LYS A 1 19  ? -20.113 7.199   -0.916  1.00 80.21  ? 62  LYS A CE  1 
ATOM   18   N NZ  . LYS A 1 19  ? -20.989 7.936   0.032   1.00 79.83  ? 62  LYS A NZ  1 
ATOM   19   N N   . ARG A 1 20  ? -16.971 4.915   -5.390  1.00 85.99  ? 63  ARG A N   1 
ATOM   20   C CA  . ARG A 1 20  ? -17.615 3.992   -6.321  1.00 86.15  ? 63  ARG A CA  1 
ATOM   21   C C   . ARG A 1 20  ? -16.557 3.260   -7.145  1.00 83.29  ? 63  ARG A C   1 
ATOM   22   O O   . ARG A 1 20  ? -16.095 3.778   -8.162  1.00 83.62  ? 63  ARG A O   1 
ATOM   23   C CB  . ARG A 1 20  ? -18.549 4.760   -7.264  1.00 90.49  ? 63  ARG A CB  1 
ATOM   24   C CG  . ARG A 1 20  ? -19.689 5.497   -6.574  1.00 94.84  ? 63  ARG A CG  1 
ATOM   25   C CD  . ARG A 1 20  ? -20.749 4.550   -6.020  1.00 98.93  ? 63  ARG A CD  1 
ATOM   26   N NE  . ARG A 1 20  ? -21.546 3.914   -7.069  1.00 102.25 ? 63  ARG A NE  1 
ATOM   27   C CZ  . ARG A 1 20  ? -21.155 2.867   -7.791  1.00 104.31 ? 63  ARG A CZ  1 
ATOM   28   N NH1 . ARG A 1 20  ? -21.958 2.370   -8.721  1.00 104.74 ? 63  ARG A NH1 1 
ATOM   29   N NH2 . ARG A 1 20  ? -19.973 2.306   -7.578  1.00 105.54 ? 63  ARG A NH2 1 
ATOM   30   N N   . PHE A 1 21  ? -16.183 2.063   -6.693  1.00 79.13  ? 64  PHE A N   1 
ATOM   31   C CA  . PHE A 1 21  ? -15.178 1.222   -7.348  1.00 74.22  ? 64  PHE A CA  1 
ATOM   32   C C   . PHE A 1 21  ? -14.575 0.244   -6.345  1.00 70.30  ? 64  PHE A C   1 
ATOM   33   O O   . PHE A 1 21  ? -13.359 0.107   -6.260  1.00 71.13  ? 64  PHE A O   1 
ATOM   34   C CB  . PHE A 1 21  ? -14.056 2.080   -7.946  1.00 76.43  ? 64  PHE A CB  1 
ATOM   35   C CG  . PHE A 1 21  ? -14.165 2.285   -9.437  1.00 78.82  ? 64  PHE A CG  1 
ATOM   36   C CD1 . PHE A 1 21  ? -13.475 3.325   -10.057 1.00 79.48  ? 64  PHE A CD1 1 
ATOM   37   C CD2 . PHE A 1 21  ? -14.940 1.432   -10.221 1.00 79.95  ? 64  PHE A CD2 1 
ATOM   38   C CE1 . PHE A 1 21  ? -13.554 3.514   -11.431 1.00 80.31  ? 64  PHE A CE1 1 
ATOM   39   C CE2 . PHE A 1 21  ? -15.026 1.612   -11.600 1.00 80.21  ? 64  PHE A CE2 1 
ATOM   40   C CZ  . PHE A 1 21  ? -14.332 2.655   -12.207 1.00 81.21  ? 64  PHE A CZ  1 
ATOM   41   N N   . TYR A 1 22  ? -15.429 -0.439  -5.590  1.00 64.45  ? 65  TYR A N   1 
ATOM   42   C CA  . TYR A 1 22  ? -14.963 -1.393  -4.587  1.00 59.13  ? 65  TYR A CA  1 
ATOM   43   C C   . TYR A 1 22  ? -14.731 -2.765  -5.209  1.00 57.10  ? 65  TYR A C   1 
ATOM   44   O O   . TYR A 1 22  ? -15.448 -3.167  -6.113  1.00 57.86  ? 65  TYR A O   1 
ATOM   45   C CB  . TYR A 1 22  ? -15.999 -1.515  -3.462  1.00 54.08  ? 65  TYR A CB  1 
ATOM   46   C CG  . TYR A 1 22  ? -15.496 -2.204  -2.208  1.00 50.00  ? 65  TYR A CG  1 
ATOM   47   C CD1 . TYR A 1 22  ? -15.117 -1.465  -1.092  1.00 49.18  ? 65  TYR A CD1 1 
ATOM   48   C CD2 . TYR A 1 22  ? -15.397 -3.593  -2.140  1.00 49.20  ? 65  TYR A CD2 1 
ATOM   49   C CE1 . TYR A 1 22  ? -14.649 -2.091  0.070   1.00 48.99  ? 65  TYR A CE1 1 
ATOM   50   C CE2 . TYR A 1 22  ? -14.929 -4.228  -0.994  1.00 49.82  ? 65  TYR A CE2 1 
ATOM   51   C CZ  . TYR A 1 22  ? -14.555 -3.468  0.110   1.00 50.51  ? 65  TYR A CZ  1 
ATOM   52   O OH  . TYR A 1 22  ? -14.067 -4.083  1.247   1.00 52.52  ? 65  TYR A OH  1 
ATOM   53   N N   . VAL A 1 23  ? -13.717 -3.475  -4.728  1.00 54.58  ? 66  VAL A N   1 
ATOM   54   C CA  . VAL A 1 23  ? -13.410 -4.818  -5.215  1.00 53.52  ? 66  VAL A CA  1 
ATOM   55   C C   . VAL A 1 23  ? -12.985 -5.694  -4.034  1.00 54.01  ? 66  VAL A C   1 
ATOM   56   O O   . VAL A 1 23  ? -12.124 -5.311  -3.238  1.00 51.94  ? 66  VAL A O   1 
ATOM   57   C CB  . VAL A 1 23  ? -12.285 -4.809  -6.298  1.00 53.19  ? 66  VAL A CB  1 
ATOM   58   C CG1 . VAL A 1 23  ? -11.051 -4.091  -5.774  1.00 53.14  ? 66  VAL A CG1 1 
ATOM   59   C CG2 . VAL A 1 23  ? -11.931 -6.243  -6.692  1.00 50.71  ? 66  VAL A CG2 1 
ATOM   60   N N   . SER A 1 24  ? -13.608 -6.862  -3.917  1.00 54.33  ? 67  SER A N   1 
ATOM   61   C CA  . SER A 1 24  ? -13.299 -7.777  -2.828  1.00 56.18  ? 67  SER A CA  1 
ATOM   62   C C   . SER A 1 24  ? -11.871 -8.320  -2.925  1.00 56.98  ? 67  SER A C   1 
ATOM   63   O O   . SER A 1 24  ? -11.309 -8.446  -4.015  1.00 55.08  ? 67  SER A O   1 
ATOM   64   C CB  . SER A 1 24  ? -14.315 -8.927  -2.797  1.00 56.48  ? 67  SER A CB  1 
ATOM   65   O OG  . SER A 1 24  ? -14.332 -9.632  -4.024  1.00 58.32  ? 67  SER A OG  1 
ATOM   66   N N   . ILE A 1 25  ? -11.304 -8.645  -1.764  1.00 57.85  ? 68  ILE A N   1 
ATOM   67   C CA  . ILE A 1 25  ? -9.939  -9.147  -1.652  1.00 58.31  ? 68  ILE A CA  1 
ATOM   68   C C   . ILE A 1 25  ? -9.681  -10.364 -2.536  1.00 60.36  ? 68  ILE A C   1 
ATOM   69   O O   . ILE A 1 25  ? -8.579  -10.542 -3.063  1.00 59.23  ? 68  ILE A O   1 
ATOM   70   C CB  . ILE A 1 25  ? -9.614  -9.499  -0.163  1.00 57.94  ? 68  ILE A CB  1 
ATOM   71   C CG1 . ILE A 1 25  ? -8.130  -9.835  0.001   1.00 54.67  ? 68  ILE A CG1 1 
ATOM   72   C CG2 . ILE A 1 25  ? -10.465 -10.683 0.299   1.00 56.09  ? 68  ILE A CG2 1 
ATOM   73   C CD1 . ILE A 1 25  ? -7.215  -8.675  -0.224  1.00 52.17  ? 68  ILE A CD1 1 
ATOM   74   N N   . ASP A 1 26  ? -10.704 -11.197 -2.699  1.00 62.50  ? 69  ASP A N   1 
ATOM   75   C CA  . ASP A 1 26  ? -10.581 -12.407 -3.500  1.00 64.58  ? 69  ASP A CA  1 
ATOM   76   C C   . ASP A 1 26  ? -10.423 -12.158 -4.999  1.00 63.83  ? 69  ASP A C   1 
ATOM   77   O O   . ASP A 1 26  ? -10.138 -13.087 -5.754  1.00 63.56  ? 69  ASP A O   1 
ATOM   78   C CB  . ASP A 1 26  ? -11.780 -13.318 -3.237  1.00 69.12  ? 69  ASP A CB  1 
ATOM   79   C CG  . ASP A 1 26  ? -13.084 -12.557 -3.184  1.00 74.24  ? 69  ASP A CG  1 
ATOM   80   O OD1 . ASP A 1 26  ? -13.505 -12.020 -4.230  1.00 75.38  ? 69  ASP A OD1 1 
ATOM   81   O OD2 . ASP A 1 26  ? -13.685 -12.486 -2.091  1.00 77.45  ? 69  ASP A OD2 1 
ATOM   82   N N   . LYS A 1 27  ? -10.599 -10.912 -5.432  1.00 62.07  ? 70  LYS A N   1 
ATOM   83   C CA  . LYS A 1 27  ? -10.452 -10.581 -6.847  1.00 59.84  ? 70  LYS A CA  1 
ATOM   84   C C   . LYS A 1 27  ? -9.203  -9.725  -7.083  1.00 57.17  ? 70  LYS A C   1 
ATOM   85   O O   . LYS A 1 27  ? -8.931  -9.305  -8.213  1.00 54.81  ? 70  LYS A O   1 
ATOM   86   C CB  . LYS A 1 27  ? -11.693 -9.842  -7.364  1.00 63.66  ? 70  LYS A CB  1 
ATOM   87   C CG  . LYS A 1 27  ? -12.992 -10.609 -7.181  1.00 68.55  ? 70  LYS A CG  1 
ATOM   88   C CD  . LYS A 1 27  ? -14.163 -9.943  -7.891  1.00 73.12  ? 70  LYS A CD  1 
ATOM   89   C CE  . LYS A 1 27  ? -14.191 -10.274 -9.381  1.00 76.65  ? 70  LYS A CE  1 
ATOM   90   N NZ  . LYS A 1 27  ? -12.972 -9.826  -10.110 1.00 79.95  ? 70  LYS A NZ  1 
ATOM   91   N N   . ILE A 1 28  ? -8.458  -9.466  -6.005  1.00 53.28  ? 71  ILE A N   1 
ATOM   92   C CA  . ILE A 1 28  ? -7.228  -8.680  -6.076  1.00 49.63  ? 71  ILE A CA  1 
ATOM   93   C C   . ILE A 1 28  ? -6.075  -9.666  -6.154  1.00 47.90  ? 71  ILE A C   1 
ATOM   94   O O   . ILE A 1 28  ? -5.930  -10.520 -5.282  1.00 49.15  ? 71  ILE A O   1 
ATOM   95   C CB  . ILE A 1 28  ? -7.038  -7.790  -4.822  1.00 47.90  ? 71  ILE A CB  1 
ATOM   96   C CG1 . ILE A 1 28  ? -8.178  -6.771  -4.727  1.00 46.78  ? 71  ILE A CG1 1 
ATOM   97   C CG2 . ILE A 1 28  ? -5.722  -7.044  -4.912  1.00 44.49  ? 71  ILE A CG2 1 
ATOM   98   C CD1 . ILE A 1 28  ? -8.171  -5.959  -3.447  1.00 45.47  ? 71  ILE A CD1 1 
ATOM   99   N N   . PRO A 1 29  ? -5.245  -9.566  -7.204  1.00 46.05  ? 72  PRO A N   1 
ATOM   100  C CA  . PRO A 1 29  ? -4.096  -10.458 -7.406  1.00 46.04  ? 72  PRO A CA  1 
ATOM   101  C C   . PRO A 1 29  ? -3.080  -10.473 -6.264  1.00 46.72  ? 72  PRO A C   1 
ATOM   102  O O   . PRO A 1 29  ? -2.887  -9.470  -5.584  1.00 46.59  ? 72  PRO A O   1 
ATOM   103  C CB  . PRO A 1 29  ? -3.476  -9.940  -8.703  1.00 44.46  ? 72  PRO A CB  1 
ATOM   104  C CG  . PRO A 1 29  ? -4.641  -9.363  -9.428  1.00 47.05  ? 72  PRO A CG  1 
ATOM   105  C CD  . PRO A 1 29  ? -5.387  -8.637  -8.334  1.00 44.87  ? 72  PRO A CD  1 
ATOM   106  N N   . GLU A 1 30  ? -2.427  -11.616 -6.077  1.00 48.30  ? 73  GLU A N   1 
ATOM   107  C CA  . GLU A 1 30  ? -1.415  -11.789 -5.039  1.00 50.27  ? 73  GLU A CA  1 
ATOM   108  C C   . GLU A 1 30  ? -0.292  -10.758 -5.180  1.00 48.83  ? 73  GLU A C   1 
ATOM   109  O O   . GLU A 1 30  ? 0.199   -10.225 -4.187  1.00 48.34  ? 73  GLU A O   1 
ATOM   110  C CB  . GLU A 1 30  ? -0.816  -13.197 -5.121  1.00 54.05  ? 73  GLU A CB  1 
ATOM   111  C CG  . GLU A 1 30  ? -1.834  -14.316 -5.030  1.00 61.05  ? 73  GLU A CG  1 
ATOM   112  C CD  . GLU A 1 30  ? -2.353  -14.519 -3.625  1.00 65.75  ? 73  GLU A CD  1 
ATOM   113  O OE1 . GLU A 1 30  ? -1.645  -15.159 -2.817  1.00 68.61  ? 73  GLU A OE1 1 
ATOM   114  O OE2 . GLU A 1 30  ? -3.468  -14.032 -3.328  1.00 66.56  ? 73  GLU A OE2 1 
ATOM   115  N N   . HIS A 1 31  ? 0.118   -10.489 -6.415  1.00 46.53  ? 74  HIS A N   1 
ATOM   116  C CA  . HIS A 1 31  ? 1.184   -9.530  -6.663  1.00 47.92  ? 74  HIS A CA  1 
ATOM   117  C C   . HIS A 1 31  ? 0.872   -8.135  -6.121  1.00 46.67  ? 74  HIS A C   1 
ATOM   118  O O   . HIS A 1 31  ? 1.767   -7.454  -5.615  1.00 46.23  ? 74  HIS A O   1 
ATOM   119  C CB  . HIS A 1 31  ? 1.487   -9.425  -8.163  1.00 50.74  ? 74  HIS A CB  1 
ATOM   120  C CG  . HIS A 1 31  ? 2.208   -10.612 -8.725  1.00 54.86  ? 74  HIS A CG  1 
ATOM   121  N ND1 . HIS A 1 31  ? 3.122   -11.343 -7.996  1.00 55.47  ? 74  HIS A ND1 1 
ATOM   122  C CD2 . HIS A 1 31  ? 2.184   -11.165 -9.961  1.00 55.13  ? 74  HIS A CD2 1 
ATOM   123  C CE1 . HIS A 1 31  ? 3.630   -12.295 -8.760  1.00 56.13  ? 74  HIS A CE1 1 
ATOM   124  N NE2 . HIS A 1 31  ? 3.079   -12.208 -9.956  1.00 55.44  ? 74  HIS A NE2 1 
ATOM   125  N N   . VAL A 1 32  ? -0.385  -7.708  -6.238  1.00 43.83  ? 75  VAL A N   1 
ATOM   126  C CA  . VAL A 1 32  ? -0.793  -6.389  -5.758  1.00 41.06  ? 75  VAL A CA  1 
ATOM   127  C C   . VAL A 1 32  ? -0.771  -6.340  -4.229  1.00 42.32  ? 75  VAL A C   1 
ATOM   128  O O   . VAL A 1 32  ? -0.215  -5.415  -3.637  1.00 42.63  ? 75  VAL A O   1 
ATOM   129  C CB  . VAL A 1 32  ? -2.216  -6.026  -6.254  1.00 38.90  ? 75  VAL A CB  1 
ATOM   130  C CG1 . VAL A 1 32  ? -2.692  -4.706  -5.601  1.00 35.15  ? 75  VAL A CG1 1 
ATOM   131  C CG2 . VAL A 1 32  ? -2.215  -5.887  -7.778  1.00 38.01  ? 75  VAL A CG2 1 
ATOM   132  N N   . ILE A 1 33  ? -1.383  -7.342  -3.605  1.00 42.08  ? 76  ILE A N   1 
ATOM   133  C CA  . ILE A 1 33  ? -1.438  -7.447  -2.151  1.00 42.53  ? 76  ILE A CA  1 
ATOM   134  C C   . ILE A 1 33  ? -0.010  -7.542  -1.609  1.00 42.91  ? 76  ILE A C   1 
ATOM   135  O O   . ILE A 1 33  ? 0.357   -6.858  -0.651  1.00 42.18  ? 76  ILE A O   1 
ATOM   136  C CB  . ILE A 1 33  ? -2.228  -8.717  -1.710  1.00 40.80  ? 76  ILE A CB  1 
ATOM   137  C CG1 . ILE A 1 33  ? -3.676  -8.646  -2.203  1.00 40.95  ? 76  ILE A CG1 1 
ATOM   138  C CG2 . ILE A 1 33  ? -2.221  -8.839  -0.207  1.00 37.95  ? 76  ILE A CG2 1 
ATOM   139  C CD1 . ILE A 1 33  ? -4.485  -9.948  -1.967  1.00 38.94  ? 76  ILE A CD1 1 
ATOM   140  N N   . ASN A 1 34  ? 0.797   -8.387  -2.240  1.00 42.24  ? 77  ASN A N   1 
ATOM   141  C CA  . ASN A 1 34  ? 2.169   -8.571  -1.812  1.00 42.53  ? 77  ASN A CA  1 
ATOM   142  C C   . ASN A 1 34  ? 3.032   -7.344  -2.007  1.00 40.38  ? 77  ASN A C   1 
ATOM   143  O O   . ASN A 1 34  ? 3.909   -7.075  -1.192  1.00 41.26  ? 77  ASN A O   1 
ATOM   144  C CB  . ASN A 1 34  ? 2.797   -9.763  -2.526  1.00 43.30  ? 77  ASN A CB  1 
ATOM   145  C CG  . ASN A 1 34  ? 2.268   -11.082 -2.016  1.00 44.34  ? 77  ASN A CG  1 
ATOM   146  O OD1 . ASN A 1 34  ? 1.718   -11.160 -0.917  1.00 43.40  ? 77  ASN A OD1 1 
ATOM   147  N ND2 . ASN A 1 34  ? 2.446   -12.128 -2.802  1.00 43.20  ? 77  ASN A ND2 1 
ATOM   148  N N   . ALA A 1 35  ? 2.783   -6.597  -3.077  1.00 37.96  ? 78  ALA A N   1 
ATOM   149  C CA  . ALA A 1 35  ? 3.566   -5.395  -3.342  1.00 37.43  ? 78  ALA A CA  1 
ATOM   150  C C   . ALA A 1 35  ? 3.319   -4.362  -2.247  1.00 36.49  ? 78  ALA A C   1 
ATOM   151  O O   . ALA A 1 35  ? 4.246   -3.699  -1.795  1.00 38.91  ? 78  ALA A O   1 
ATOM   152  C CB  . ALA A 1 35  ? 3.207   -4.815  -4.719  1.00 34.12  ? 78  ALA A CB  1 
ATOM   153  N N   . PHE A 1 36  ? 2.063   -4.216  -1.828  1.00 35.34  ? 79  PHE A N   1 
ATOM   154  C CA  . PHE A 1 36  ? 1.724   -3.268  -0.770  1.00 35.53  ? 79  PHE A CA  1 
ATOM   155  C C   . PHE A 1 36  ? 2.280   -3.698  0.586   1.00 34.34  ? 79  PHE A C   1 
ATOM   156  O O   . PHE A 1 36  ? 2.774   -2.874  1.348   1.00 36.83  ? 79  PHE A O   1 
ATOM   157  C CB  . PHE A 1 36  ? 0.200   -3.082  -0.694  1.00 33.76  ? 79  PHE A CB  1 
ATOM   158  C CG  . PHE A 1 36  ? -0.327  -2.062  -1.667  1.00 31.47  ? 79  PHE A CG  1 
ATOM   159  C CD1 . PHE A 1 36  ? -0.391  -0.722  -1.314  1.00 28.72  ? 79  PHE A CD1 1 
ATOM   160  C CD2 . PHE A 1 36  ? -0.720  -2.439  -2.957  1.00 30.01  ? 79  PHE A CD2 1 
ATOM   161  C CE1 . PHE A 1 36  ? -0.844  0.244   -2.237  1.00 31.43  ? 79  PHE A CE1 1 
ATOM   162  C CE2 . PHE A 1 36  ? -1.168  -1.492  -3.888  1.00 29.83  ? 79  PHE A CE2 1 
ATOM   163  C CZ  . PHE A 1 36  ? -1.233  -0.143  -3.528  1.00 31.48  ? 79  PHE A CZ  1 
ATOM   164  N N   . VAL A 1 37  ? 2.203   -4.984  0.889   1.00 35.37  ? 80  VAL A N   1 
ATOM   165  C CA  . VAL A 1 37  ? 2.732   -5.472  2.154   1.00 39.16  ? 80  VAL A CA  1 
ATOM   166  C C   . VAL A 1 37  ? 4.249   -5.267  2.258   1.00 41.43  ? 80  VAL A C   1 
ATOM   167  O O   . VAL A 1 37  ? 4.743   -4.731  3.255   1.00 41.45  ? 80  VAL A O   1 
ATOM   168  C CB  . VAL A 1 37  ? 2.408   -6.972  2.355   1.00 38.43  ? 80  VAL A CB  1 
ATOM   169  C CG1 . VAL A 1 37  ? 3.252   -7.550  3.472   1.00 40.24  ? 80  VAL A CG1 1 
ATOM   170  C CG2 . VAL A 1 37  ? 0.937   -7.137  2.696   1.00 38.56  ? 80  VAL A CG2 1 
ATOM   171  N N   . ALA A 1 38  ? 4.976   -5.672  1.220   1.00 40.79  ? 81  ALA A N   1 
ATOM   172  C CA  . ALA A 1 38  ? 6.428   -5.554  1.198   1.00 41.53  ? 81  ALA A CA  1 
ATOM   173  C C   . ALA A 1 38  ? 6.919   -4.118  1.321   1.00 43.06  ? 81  ALA A C   1 
ATOM   174  O O   . ALA A 1 38  ? 7.942   -3.854  1.945   1.00 45.84  ? 81  ALA A O   1 
ATOM   175  C CB  . ALA A 1 38  ? 6.986   -6.182  -0.091  1.00 40.21  ? 81  ALA A CB  1 
ATOM   176  N N   . THR A 1 39  ? 6.174   -3.198  0.727   1.00 41.81  ? 82  THR A N   1 
ATOM   177  C CA  . THR A 1 39  ? 6.533   -1.784  0.722   1.00 40.60  ? 82  THR A CA  1 
ATOM   178  C C   . THR A 1 39  ? 6.144   -0.993  1.974   1.00 41.17  ? 82  THR A C   1 
ATOM   179  O O   . THR A 1 39  ? 6.944   -0.229  2.510   1.00 39.72  ? 82  THR A O   1 
ATOM   180  C CB  . THR A 1 39  ? 5.881   -1.076  -0.505  1.00 38.84  ? 82  THR A CB  1 
ATOM   181  O OG1 . THR A 1 39  ? 6.192   -1.814  -1.695  1.00 37.83  ? 82  THR A OG1 1 
ATOM   182  C CG2 . THR A 1 39  ? 6.383   0.352   -0.645  1.00 31.46  ? 82  THR A CG2 1 
ATOM   183  N N   . GLU A 1 40  ? 4.914   -1.183  2.435   1.00 43.38  ? 83  GLU A N   1 
ATOM   184  C CA  . GLU A 1 40  ? 4.400   -0.429  3.573   1.00 43.21  ? 83  GLU A CA  1 
ATOM   185  C C   . GLU A 1 40  ? 4.406   -1.067  4.958   1.00 43.68  ? 83  GLU A C   1 
ATOM   186  O O   . GLU A 1 40  ? 4.518   -0.354  5.959   1.00 45.82  ? 83  GLU A O   1 
ATOM   187  C CB  . GLU A 1 40  ? 2.967   0.019   3.260   1.00 42.56  ? 83  GLU A CB  1 
ATOM   188  C CG  . GLU A 1 40  ? 2.860   0.977   2.097   1.00 43.30  ? 83  GLU A CG  1 
ATOM   189  C CD  . GLU A 1 40  ? 3.400   2.349   2.424   1.00 45.43  ? 83  GLU A CD  1 
ATOM   190  O OE1 . GLU A 1 40  ? 3.796   3.071   1.489   1.00 45.53  ? 83  GLU A OE1 1 
ATOM   191  O OE2 . GLU A 1 40  ? 3.416   2.716   3.621   1.00 48.00  ? 83  GLU A OE2 1 
ATOM   192  N N   . ASP A 1 41  ? 4.297   -2.390  5.028   1.00 42.15  ? 84  ASP A N   1 
ATOM   193  C CA  . ASP A 1 41  ? 4.209   -3.059  6.327   1.00 43.09  ? 84  ASP A CA  1 
ATOM   194  C C   . ASP A 1 41  ? 4.545   -4.549  6.187   1.00 41.93  ? 84  ASP A C   1 
ATOM   195  O O   . ASP A 1 41  ? 3.657   -5.395  6.183   1.00 41.07  ? 84  ASP A O   1 
ATOM   196  C CB  . ASP A 1 41  ? 2.770   -2.850  6.827   1.00 45.30  ? 84  ASP A CB  1 
ATOM   197  C CG  . ASP A 1 41  ? 2.500   -3.478  8.175   1.00 47.24  ? 84  ASP A CG  1 
ATOM   198  O OD1 . ASP A 1 41  ? 3.453   -3.707  8.945   1.00 48.44  ? 84  ASP A OD1 1 
ATOM   199  O OD2 . ASP A 1 41  ? 1.311   -3.719  8.465   1.00 47.37  ? 84  ASP A OD2 1 
ATOM   200  N N   . ARG A 1 42  ? 5.830   -4.862  6.093   1.00 42.52  ? 85  ARG A N   1 
ATOM   201  C CA  . ARG A 1 42  ? 6.266   -6.239  5.890   1.00 45.21  ? 85  ARG A CA  1 
ATOM   202  C C   . ARG A 1 42  ? 5.687   -7.243  6.877   1.00 45.29  ? 85  ARG A C   1 
ATOM   203  O O   . ARG A 1 42  ? 5.392   -8.380  6.507   1.00 42.52  ? 85  ARG A O   1 
ATOM   204  C CB  . ARG A 1 42  ? 7.796   -6.317  5.880   1.00 49.17  ? 85  ARG A CB  1 
ATOM   205  C CG  . ARG A 1 42  ? 8.450   -6.052  7.217   1.00 59.25  ? 85  ARG A CG  1 
ATOM   206  C CD  . ARG A 1 42  ? 9.971   -6.154  7.134   1.00 63.78  ? 85  ARG A CD  1 
ATOM   207  N NE  . ARG A 1 42  ? 10.562  -5.044  6.386   1.00 67.64  ? 85  ARG A NE  1 
ATOM   208  C CZ  . ARG A 1 42  ? 11.873  -4.846  6.253   1.00 69.76  ? 85  ARG A CZ  1 
ATOM   209  N NH1 . ARG A 1 42  ? 12.733  -5.684  6.819   1.00 69.36  ? 85  ARG A NH1 1 
ATOM   210  N NH2 . ARG A 1 42  ? 12.323  -3.806  5.561   1.00 68.52  ? 85  ARG A NH2 1 
ATOM   211  N N   . ASN A 1 43  ? 5.505   -6.824  8.125   1.00 46.81  ? 86  ASN A N   1 
ATOM   212  C CA  . ASN A 1 43  ? 4.953   -7.712  9.146   1.00 48.59  ? 86  ASN A CA  1 
ATOM   213  C C   . ASN A 1 43  ? 3.442   -7.607  9.299   1.00 47.48  ? 86  ASN A C   1 
ATOM   214  O O   . ASN A 1 43  ? 2.885   -8.036  10.307  1.00 48.25  ? 86  ASN A O   1 
ATOM   215  C CB  . ASN A 1 43  ? 5.610   -7.430  10.495  1.00 55.14  ? 86  ASN A CB  1 
ATOM   216  C CG  . ASN A 1 43  ? 6.876   -8.215  10.692  1.00 60.68  ? 86  ASN A CG  1 
ATOM   217  O OD1 . ASN A 1 43  ? 6.845   -9.445  10.737  1.00 67.56  ? 86  ASN A OD1 1 
ATOM   218  N ND2 . ASN A 1 43  ? 8.003   -7.518  10.803  1.00 61.50  ? 86  ASN A ND2 1 
ATOM   219  N N   . PHE A 1 44  ? 2.774   -7.049  8.299   1.00 45.82  ? 87  PHE A N   1 
ATOM   220  C CA  . PHE A 1 44  ? 1.333   -6.892  8.360   1.00 44.33  ? 87  PHE A CA  1 
ATOM   221  C C   . PHE A 1 44  ? 0.555   -8.101  8.897   1.00 45.35  ? 87  PHE A C   1 
ATOM   222  O O   . PHE A 1 44  ? -0.241  -7.968  9.831   1.00 43.99  ? 87  PHE A O   1 
ATOM   223  C CB  . PHE A 1 44  ? 0.777   -6.541  6.979   1.00 41.81  ? 87  PHE A CB  1 
ATOM   224  C CG  . PHE A 1 44  ? -0.716  -6.480  6.949   1.00 39.44  ? 87  PHE A CG  1 
ATOM   225  C CD1 . PHE A 1 44  ? -1.391  -5.419  7.543   1.00 38.28  ? 87  PHE A CD1 1 
ATOM   226  C CD2 . PHE A 1 44  ? -1.450  -7.520  6.394   1.00 38.36  ? 87  PHE A CD2 1 
ATOM   227  C CE1 . PHE A 1 44  ? -2.780  -5.397  7.591   1.00 38.24  ? 87  PHE A CE1 1 
ATOM   228  C CE2 . PHE A 1 44  ? -2.846  -7.509  6.435   1.00 40.11  ? 87  PHE A CE2 1 
ATOM   229  C CZ  . PHE A 1 44  ? -3.512  -6.449  7.033   1.00 37.98  ? 87  PHE A CZ  1 
ATOM   230  N N   . TRP A 1 45  ? 0.780   -9.273  8.308   1.00 43.49  ? 88  TRP A N   1 
ATOM   231  C CA  . TRP A 1 45  ? 0.047   -10.474 8.699   1.00 45.83  ? 88  TRP A CA  1 
ATOM   232  C C   . TRP A 1 45  ? 0.237   -10.969 10.135  1.00 47.11  ? 88  TRP A C   1 
ATOM   233  O O   . TRP A 1 45  ? -0.539  -11.803 10.602  1.00 45.70  ? 88  TRP A O   1 
ATOM   234  C CB  . TRP A 1 45  ? 0.362   -11.626 7.726   1.00 46.35  ? 88  TRP A CB  1 
ATOM   235  C CG  . TRP A 1 45  ? 0.037   -11.315 6.273   1.00 49.75  ? 88  TRP A CG  1 
ATOM   236  C CD1 . TRP A 1 45  ? 0.916   -10.903 5.295   1.00 47.94  ? 88  TRP A CD1 1 
ATOM   237  C CD2 . TRP A 1 45  ? -1.261  -11.331 5.659   1.00 48.63  ? 88  TRP A CD2 1 
ATOM   238  N NE1 . TRP A 1 45  ? 0.238   -10.661 4.120   1.00 47.07  ? 88  TRP A NE1 1 
ATOM   239  C CE2 . TRP A 1 45  ? -1.095  -10.914 4.314   1.00 49.40  ? 88  TRP A CE2 1 
ATOM   240  C CE3 . TRP A 1 45  ? -2.545  -11.655 6.112   1.00 50.60  ? 88  TRP A CE3 1 
ATOM   241  C CZ2 . TRP A 1 45  ? -2.171  -10.813 3.423   1.00 49.93  ? 88  TRP A CZ2 1 
ATOM   242  C CZ3 . TRP A 1 45  ? -3.621  -11.555 5.219   1.00 51.34  ? 88  TRP A CZ3 1 
ATOM   243  C CH2 . TRP A 1 45  ? -3.422  -11.136 3.892   1.00 50.12  ? 88  TRP A CH2 1 
ATOM   244  N N   . HIS A 1 46  ? 1.239   -10.449 10.843  1.00 49.14  ? 89  HIS A N   1 
ATOM   245  C CA  . HIS A 1 46  ? 1.514   -10.913 12.200  1.00 50.54  ? 89  HIS A CA  1 
ATOM   246  C C   . HIS A 1 46  ? 1.329   -9.968  13.385  1.00 51.46  ? 89  HIS A C   1 
ATOM   247  O O   . HIS A 1 46  ? 1.084   -10.432 14.491  1.00 53.36  ? 89  HIS A O   1 
ATOM   248  C CB  . HIS A 1 46  ? 2.932   -11.487 12.261  1.00 52.06  ? 89  HIS A CB  1 
ATOM   249  C CG  . HIS A 1 46  ? 3.183   -12.566 11.259  1.00 56.22  ? 89  HIS A CG  1 
ATOM   250  N ND1 . HIS A 1 46  ? 3.993   -12.382 10.157  1.00 58.08  ? 89  HIS A ND1 1 
ATOM   251  C CD2 . HIS A 1 46  ? 2.689   -13.823 11.160  1.00 56.81  ? 89  HIS A CD2 1 
ATOM   252  C CE1 . HIS A 1 46  ? 3.984   -13.480 9.423   1.00 59.31  ? 89  HIS A CE1 1 
ATOM   253  N NE2 . HIS A 1 46  ? 3.200   -14.369 10.008  1.00 59.33  ? 89  HIS A NE2 1 
ATOM   254  N N   . HIS A 1 47  ? 1.458   -8.661  13.186  1.00 52.12  ? 90  HIS A N   1 
ATOM   255  C CA  . HIS A 1 47  ? 1.305   -7.742  14.309  1.00 51.91  ? 90  HIS A CA  1 
ATOM   256  C C   . HIS A 1 47  ? -0.152  -7.543  14.722  1.00 52.80  ? 90  HIS A C   1 
ATOM   257  O O   . HIS A 1 47  ? -1.068  -8.097  14.104  1.00 52.37  ? 90  HIS A O   1 
ATOM   258  C CB  . HIS A 1 47  ? 1.954   -6.391  13.988  1.00 52.03  ? 90  HIS A CB  1 
ATOM   259  C CG  . HIS A 1 47  ? 1.377   -5.707  12.790  1.00 53.02  ? 90  HIS A CG  1 
ATOM   260  N ND1 . HIS A 1 47  ? 0.051   -5.343  12.707  1.00 52.28  ? 90  HIS A ND1 1 
ATOM   261  C CD2 . HIS A 1 47  ? 1.956   -5.285  11.641  1.00 51.67  ? 90  HIS A CD2 1 
ATOM   262  C CE1 . HIS A 1 47  ? -0.162  -4.724  11.560  1.00 52.88  ? 90  HIS A CE1 1 
ATOM   263  N NE2 . HIS A 1 47  ? 0.978   -4.674  10.897  1.00 52.17  ? 90  HIS A NE2 1 
ATOM   264  N N   . PHE A 1 48  ? -0.358  -6.746  15.767  1.00 54.03  ? 91  PHE A N   1 
ATOM   265  C CA  . PHE A 1 48  ? -1.700  -6.483  16.284  1.00 56.29  ? 91  PHE A CA  1 
ATOM   266  C C   . PHE A 1 48  ? -2.170  -5.050  16.047  1.00 55.93  ? 91  PHE A C   1 
ATOM   267  O O   . PHE A 1 48  ? -2.870  -4.472  16.879  1.00 55.48  ? 91  PHE A O   1 
ATOM   268  C CB  . PHE A 1 48  ? -1.761  -6.797  17.787  1.00 59.39  ? 91  PHE A CB  1 
ATOM   269  C CG  . PHE A 1 48  ? -0.789  -6.000  18.617  1.00 63.08  ? 91  PHE A CG  1 
ATOM   270  C CD1 . PHE A 1 48  ? 0.573   -6.290  18.594  1.00 64.93  ? 91  PHE A CD1 1 
ATOM   271  C CD2 . PHE A 1 48  ? -1.233  -4.944  19.411  1.00 64.59  ? 91  PHE A CD2 1 
ATOM   272  C CE1 . PHE A 1 48  ? 1.479   -5.537  19.347  1.00 66.71  ? 91  PHE A CE1 1 
ATOM   273  C CE2 . PHE A 1 48  ? -0.337  -4.185  20.167  1.00 65.59  ? 91  PHE A CE2 1 
ATOM   274  C CZ  . PHE A 1 48  ? 1.022   -4.484  20.134  1.00 66.15  ? 91  PHE A CZ  1 
ATOM   275  N N   . GLY A 1 49  ? -1.785  -4.477  14.911  1.00 54.50  ? 92  GLY A N   1 
ATOM   276  C CA  . GLY A 1 49  ? -2.205  -3.125  14.602  1.00 53.37  ? 92  GLY A CA  1 
ATOM   277  C C   . GLY A 1 49  ? -1.095  -2.127  14.788  1.00 54.21  ? 92  GLY A C   1 
ATOM   278  O O   . GLY A 1 49  ? -1.109  -1.042  14.200  1.00 53.11  ? 92  GLY A O   1 
ATOM   279  N N   . ILE A 1 50  ? -0.126  -2.486  15.615  1.00 55.61  ? 93  ILE A N   1 
ATOM   280  C CA  . ILE A 1 50  ? 1.003   -1.601  15.868  1.00 58.77  ? 93  ILE A CA  1 
ATOM   281  C C   . ILE A 1 50  ? 2.244   -2.493  15.922  1.00 59.64  ? 93  ILE A C   1 
ATOM   282  O O   . ILE A 1 50  ? 2.191   -3.597  16.453  1.00 59.76  ? 93  ILE A O   1 
ATOM   283  C CB  . ILE A 1 50  ? 0.772   -0.800  17.185  1.00 60.29  ? 93  ILE A CB  1 
ATOM   284  C CG1 . ILE A 1 50  ? 1.774   0.345   17.299  1.00 61.64  ? 93  ILE A CG1 1 
ATOM   285  C CG2 . ILE A 1 50  ? 0.857   -1.717  18.380  1.00 60.99  ? 93  ILE A CG2 1 
ATOM   286  C CD1 . ILE A 1 50  ? 3.186   -0.097  17.580  1.00 65.68  ? 93  ILE A CD1 1 
ATOM   287  N N   . ASP A 1 51  ? 3.351   -2.035  15.343  1.00 61.74  ? 94  ASP A N   1 
ATOM   288  C CA  . ASP A 1 51  ? 4.560   -2.847  15.316  1.00 64.48  ? 94  ASP A CA  1 
ATOM   289  C C   . ASP A 1 51  ? 5.791   -2.185  15.931  1.00 65.90  ? 94  ASP A C   1 
ATOM   290  O O   . ASP A 1 51  ? 6.460   -1.376  15.288  1.00 64.57  ? 94  ASP A O   1 
ATOM   291  C CB  . ASP A 1 51  ? 4.854   -3.270  13.875  1.00 65.22  ? 94  ASP A CB  1 
ATOM   292  C CG  . ASP A 1 51  ? 6.065   -4.172  13.767  1.00 66.76  ? 94  ASP A CG  1 
ATOM   293  O OD1 . ASP A 1 51  ? 6.448   -4.792  14.783  1.00 67.60  ? 94  ASP A OD1 1 
ATOM   294  O OD2 . ASP A 1 51  ? 6.624   -4.271  12.655  1.00 66.33  ? 94  ASP A OD2 1 
ATOM   295  N N   . PRO A 1 52  ? 6.109   -2.545  17.191  1.00 68.42  ? 95  PRO A N   1 
ATOM   296  C CA  . PRO A 1 52  ? 7.244   -2.036  17.976  1.00 69.43  ? 95  PRO A CA  1 
ATOM   297  C C   . PRO A 1 52  ? 8.589   -2.273  17.297  1.00 69.92  ? 95  PRO A C   1 
ATOM   298  O O   . PRO A 1 52  ? 9.399   -1.357  17.167  1.00 69.34  ? 95  PRO A O   1 
ATOM   299  C CB  . PRO A 1 52  ? 7.127   -2.807  19.290  1.00 69.22  ? 95  PRO A CB  1 
ATOM   300  C CG  . PRO A 1 52  ? 5.656   -3.091  19.390  1.00 69.02  ? 95  PRO A CG  1 
ATOM   301  C CD  . PRO A 1 52  ? 5.330   -3.512  17.986  1.00 68.21  ? 95  PRO A CD  1 
ATOM   302  N N   . VAL A 1 53  ? 8.820   -3.513  16.878  1.00 72.20  ? 96  VAL A N   1 
ATOM   303  C CA  . VAL A 1 53  ? 10.056  -3.888  16.197  1.00 74.58  ? 96  VAL A CA  1 
ATOM   304  C C   . VAL A 1 53  ? 10.239  -2.995  14.972  1.00 76.03  ? 96  VAL A C   1 
ATOM   305  O O   . VAL A 1 53  ? 11.359  -2.665  14.590  1.00 76.02  ? 96  VAL A O   1 
ATOM   306  C CB  . VAL A 1 53  ? 10.017  -5.374  15.743  1.00 74.90  ? 96  VAL A CB  1 
ATOM   307  C CG1 . VAL A 1 53  ? 11.302  -5.739  15.013  1.00 74.53  ? 96  VAL A CG1 1 
ATOM   308  C CG2 . VAL A 1 53  ? 9.823   -6.278  16.951  1.00 74.54  ? 96  VAL A CG2 1 
ATOM   309  N N   . ALA A 1 54  ? 9.124   -2.603  14.365  1.00 78.34  ? 97  ALA A N   1 
ATOM   310  C CA  . ALA A 1 54  ? 9.158   -1.739  13.198  1.00 80.33  ? 97  ALA A CA  1 
ATOM   311  C C   . ALA A 1 54  ? 9.501   -0.321  13.620  1.00 82.40  ? 97  ALA A C   1 
ATOM   312  O O   . ALA A 1 54  ? 10.331  0.329   12.993  1.00 82.11  ? 97  ALA A O   1 
ATOM   313  C CB  . ALA A 1 54  ? 7.815   -1.756  12.491  1.00 80.17  ? 97  ALA A CB  1 
ATOM   314  N N   . ILE A 1 55  ? 8.861   0.154   14.687  1.00 85.23  ? 98  ILE A N   1 
ATOM   315  C CA  . ILE A 1 55  ? 9.110   1.502   15.179  1.00 87.53  ? 98  ILE A CA  1 
ATOM   316  C C   . ILE A 1 55  ? 10.567  1.666   15.593  1.00 91.03  ? 98  ILE A C   1 
ATOM   317  O O   . ILE A 1 55  ? 11.237  2.616   15.184  1.00 92.01  ? 98  ILE A O   1 
ATOM   318  C CB  . ILE A 1 55  ? 8.234   1.843   16.396  1.00 85.34  ? 98  ILE A CB  1 
ATOM   319  C CG1 . ILE A 1 55  ? 6.762   1.572   16.090  1.00 84.34  ? 98  ILE A CG1 1 
ATOM   320  C CG2 . ILE A 1 55  ? 8.399   3.317   16.743  1.00 86.38  ? 98  ILE A CG2 1 
ATOM   321  C CD1 . ILE A 1 55  ? 5.817   1.943   17.228  1.00 81.62  ? 98  ILE A CD1 1 
ATOM   322  N N   . VAL A 1 56  ? 11.052  0.741   16.416  1.00 93.57  ? 99  VAL A N   1 
ATOM   323  C CA  . VAL A 1 56  ? 12.434  0.790   16.874  1.00 96.17  ? 99  VAL A CA  1 
ATOM   324  C C   . VAL A 1 56  ? 13.377  0.788   15.676  1.00 98.70  ? 99  VAL A C   1 
ATOM   325  O O   . VAL A 1 56  ? 14.127  1.741   15.467  1.00 99.34  ? 99  VAL A O   1 
ATOM   326  C CB  . VAL A 1 56  ? 12.771  -0.420  17.782  1.00 95.63  ? 99  VAL A CB  1 
ATOM   327  C CG1 . VAL A 1 56  ? 14.256  -0.450  18.081  1.00 95.49  ? 99  VAL A CG1 1 
ATOM   328  C CG2 . VAL A 1 56  ? 11.986  -0.332  19.080  1.00 95.32  ? 99  VAL A CG2 1 
ATOM   329  N N   . ARG A 1 57  ? 13.324  -0.281  14.886  1.00 101.31 ? 100 ARG A N   1 
ATOM   330  C CA  . ARG A 1 57  ? 14.175  -0.418  13.708  1.00 103.95 ? 100 ARG A CA  1 
ATOM   331  C C   . ARG A 1 57  ? 14.036  0.765   12.754  1.00 104.96 ? 100 ARG A C   1 
ATOM   332  O O   . ARG A 1 57  ? 14.930  1.029   11.949  1.00 104.89 ? 100 ARG A O   1 
ATOM   333  C CB  . ARG A 1 57  ? 13.843  -1.713  12.962  1.00 105.74 ? 100 ARG A CB  1 
ATOM   334  C CG  . ARG A 1 57  ? 14.736  -1.984  11.757  1.00 108.78 ? 100 ARG A CG  1 
ATOM   335  C CD  . ARG A 1 57  ? 14.302  -3.235  11.007  1.00 111.20 ? 100 ARG A CD  1 
ATOM   336  N NE  . ARG A 1 57  ? 14.280  -4.415  11.866  1.00 113.51 ? 100 ARG A NE  1 
ATOM   337  C CZ  . ARG A 1 57  ? 15.349  -4.921  12.476  1.00 114.80 ? 100 ARG A CZ  1 
ATOM   338  N NH1 . ARG A 1 57  ? 16.535  -4.349  12.323  1.00 115.30 ? 100 ARG A NH1 1 
ATOM   339  N NH2 . ARG A 1 57  ? 15.229  -5.998  13.241  1.00 114.93 ? 100 ARG A NH2 1 
ATOM   340  N N   . ALA A 1 58  ? 12.913  1.470   12.842  1.00 106.66 ? 101 ALA A N   1 
ATOM   341  C CA  . ALA A 1 58  ? 12.671  2.622   11.981  1.00 107.82 ? 101 ALA A CA  1 
ATOM   342  C C   . ALA A 1 58  ? 13.117  3.906   12.665  1.00 108.70 ? 101 ALA A C   1 
ATOM   343  O O   . ALA A 1 58  ? 13.341  4.921   12.009  1.00 109.70 ? 101 ALA A O   1 
ATOM   344  C CB  . ALA A 1 58  ? 11.195  2.710   11.621  1.00 107.64 ? 101 ALA A CB  1 
ATOM   345  N N   . ALA A 1 59  ? 13.242  3.855   13.987  1.00 109.06 ? 102 ALA A N   1 
ATOM   346  C CA  . ALA A 1 59  ? 13.667  5.016   14.759  1.00 109.59 ? 102 ALA A CA  1 
ATOM   347  C C   . ALA A 1 59  ? 15.101  5.388   14.386  1.00 109.88 ? 102 ALA A C   1 
ATOM   348  O O   . ALA A 1 59  ? 15.565  6.497   14.662  1.00 109.55 ? 102 ALA A O   1 
ATOM   349  C CB  . ALA A 1 59  ? 13.568  4.715   16.249  1.00 109.44 ? 102 ALA A CB  1 
ATOM   350  N N   . ILE A 1 60  ? 15.794  4.447   13.750  1.00 109.65 ? 103 ILE A N   1 
ATOM   351  C CA  . ILE A 1 60  ? 17.174  4.644   13.320  1.00 109.27 ? 103 ILE A CA  1 
ATOM   352  C C   . ILE A 1 60  ? 17.290  5.861   12.401  1.00 109.34 ? 103 ILE A C   1 
ATOM   353  O O   . ILE A 1 60  ? 17.304  5.733   11.175  1.00 109.10 ? 103 ILE A O   1 
ATOM   354  C CB  . ILE A 1 60  ? 17.696  3.399   12.565  1.00 109.29 ? 103 ILE A CB  1 
ATOM   355  C CG1 . ILE A 1 60  ? 17.446  2.139   13.399  1.00 109.21 ? 103 ILE A CG1 1 
ATOM   356  C CG2 . ILE A 1 60  ? 19.176  3.558   12.258  1.00 109.28 ? 103 ILE A CG2 1 
ATOM   357  C CD1 . ILE A 1 60  ? 18.053  2.171   14.787  1.00 109.16 ? 103 ILE A CD1 1 
ATOM   358  N N   . GLN A 1 70  ? 12.572  6.600   6.935   1.00 93.45  ? 113 GLN A N   1 
ATOM   359  C CA  . GLN A 1 70  ? 11.843  5.344   7.063   1.00 93.29  ? 113 GLN A CA  1 
ATOM   360  C C   . GLN A 1 70  ? 10.748  5.452   8.120   1.00 92.17  ? 113 GLN A C   1 
ATOM   361  O O   . GLN A 1 70  ? 11.030  5.702   9.293   1.00 91.67  ? 113 GLN A O   1 
ATOM   362  C CB  . GLN A 1 70  ? 12.805  4.211   7.436   1.00 94.78  ? 113 GLN A CB  1 
ATOM   363  C CG  . GLN A 1 70  ? 12.155  2.833   7.523   1.00 97.27  ? 113 GLN A CG  1 
ATOM   364  C CD  . GLN A 1 70  ? 11.640  2.333   6.183   1.00 98.65  ? 113 GLN A CD  1 
ATOM   365  O OE1 . GLN A 1 70  ? 10.751  2.936   5.577   1.00 98.96  ? 113 GLN A OE1 1 
ATOM   366  N NE2 . GLN A 1 70  ? 12.201  1.224   5.712   1.00 98.64  ? 113 GLN A NE2 1 
ATOM   367  N N   . GLY A 1 71  ? 9.501   5.262   7.693   1.00 90.57  ? 114 GLY A N   1 
ATOM   368  C CA  . GLY A 1 71  ? 8.374   5.333   8.608   1.00 87.18  ? 114 GLY A CA  1 
ATOM   369  C C   . GLY A 1 71  ? 8.205   4.036   9.374   1.00 84.95  ? 114 GLY A C   1 
ATOM   370  O O   . GLY A 1 71  ? 8.819   3.025   9.030   1.00 85.33  ? 114 GLY A O   1 
ATOM   371  N N   . GLY A 1 72  ? 7.374   4.059   10.413  1.00 81.69  ? 115 GLY A N   1 
ATOM   372  C CA  . GLY A 1 72  ? 7.162   2.857   11.205  1.00 76.20  ? 115 GLY A CA  1 
ATOM   373  C C   . GLY A 1 72  ? 5.704   2.496   11.410  1.00 72.19  ? 115 GLY A C   1 
ATOM   374  O O   . GLY A 1 72  ? 5.381   1.599   12.189  1.00 71.79  ? 115 GLY A O   1 
ATOM   375  N N   . SER A 1 73  ? 4.819   3.191   10.702  1.00 69.14  ? 116 SER A N   1 
ATOM   376  C CA  . SER A 1 73  ? 3.388   2.948   10.814  1.00 65.32  ? 116 SER A CA  1 
ATOM   377  C C   . SER A 1 73  ? 2.948   1.724   10.020  1.00 61.02  ? 116 SER A C   1 
ATOM   378  O O   . SER A 1 73  ? 3.471   1.450   8.943   1.00 60.96  ? 116 SER A O   1 
ATOM   379  C CB  . SER A 1 73  ? 2.609   4.184   10.347  1.00 67.27  ? 116 SER A CB  1 
ATOM   380  O OG  . SER A 1 73  ? 3.027   4.612   9.061   1.00 70.12  ? 116 SER A OG  1 
ATOM   381  N N   . THR A 1 74  ? 1.986   0.989   10.567  1.00 56.51  ? 117 THR A N   1 
ATOM   382  C CA  . THR A 1 74  ? 1.456   -0.203  9.919   1.00 52.96  ? 117 THR A CA  1 
ATOM   383  C C   . THR A 1 74  ? 0.336   0.163   8.933   1.00 50.51  ? 117 THR A C   1 
ATOM   384  O O   . THR A 1 74  ? -0.102  1.317   8.871   1.00 47.76  ? 117 THR A O   1 
ATOM   385  C CB  . THR A 1 74  ? 0.875   -1.187  10.958  1.00 52.13  ? 117 THR A CB  1 
ATOM   386  O OG1 . THR A 1 74  ? -0.228  -0.572  11.637  1.00 52.00  ? 117 THR A OG1 1 
ATOM   387  C CG2 . THR A 1 74  ? 1.931   -1.578  11.973  1.00 51.19  ? 117 THR A CG2 1 
ATOM   388  N N   . ILE A 1 75  ? -0.114  -0.823  8.163   1.00 48.44  ? 118 ILE A N   1 
ATOM   389  C CA  . ILE A 1 75  ? -1.198  -0.606  7.206   1.00 46.08  ? 118 ILE A CA  1 
ATOM   390  C C   . ILE A 1 75  ? -2.424  -0.201  8.022   1.00 43.69  ? 118 ILE A C   1 
ATOM   391  O O   . ILE A 1 75  ? -3.122  0.763   7.694   1.00 40.56  ? 118 ILE A O   1 
ATOM   392  C CB  . ILE A 1 75  ? -1.535  -1.911  6.417   1.00 45.59  ? 118 ILE A CB  1 
ATOM   393  C CG1 . ILE A 1 75  ? -0.397  -2.276  5.452   1.00 45.42  ? 118 ILE A CG1 1 
ATOM   394  C CG2 . ILE A 1 75  ? -2.839  -1.759  5.689   1.00 45.19  ? 118 ILE A CG2 1 
ATOM   395  C CD1 . ILE A 1 75  ? -0.167  -1.314  4.363   1.00 46.33  ? 118 ILE A CD1 1 
ATOM   396  N N   . THR A 1 76  ? -2.662  -0.946  9.098   1.00 42.66  ? 119 THR A N   1 
ATOM   397  C CA  . THR A 1 76  ? -3.799  -0.698  9.984   1.00 42.46  ? 119 THR A CA  1 
ATOM   398  C C   . THR A 1 76  ? -3.823  0.740   10.475  1.00 41.10  ? 119 THR A C   1 
ATOM   399  O O   . THR A 1 76  ? -4.883  1.352   10.565  1.00 40.96  ? 119 THR A O   1 
ATOM   400  C CB  . THR A 1 76  ? -3.771  -1.633  11.202  1.00 44.31  ? 119 THR A CB  1 
ATOM   401  O OG1 . THR A 1 76  ? -3.472  -2.967  10.777  1.00 43.50  ? 119 THR A OG1 1 
ATOM   402  C CG2 . THR A 1 76  ? -5.131  -1.642  11.885  1.00 45.24  ? 119 THR A CG2 1 
ATOM   403  N N   . GLN A 1 77  ? -2.647  1.279   10.780  1.00 42.41  ? 120 GLN A N   1 
ATOM   404  C CA  . GLN A 1 77  ? -2.531  2.658   11.247  1.00 43.67  ? 120 GLN A CA  1 
ATOM   405  C C   . GLN A 1 77  ? -2.879  3.653   10.146  1.00 44.61  ? 120 GLN A C   1 
ATOM   406  O O   . GLN A 1 77  ? -3.459  4.702   10.418  1.00 46.84  ? 120 GLN A O   1 
ATOM   407  C CB  . GLN A 1 77  ? -1.112  2.927   11.773  1.00 43.08  ? 120 GLN A CB  1 
ATOM   408  C CG  . GLN A 1 77  ? -0.869  2.435   13.212  1.00 46.40  ? 120 GLN A CG  1 
ATOM   409  C CD  . GLN A 1 77  ? 0.587   2.567   13.650  1.00 46.62  ? 120 GLN A CD  1 
ATOM   410  O OE1 . GLN A 1 77  ? 1.421   1.721   13.334  1.00 47.13  ? 120 GLN A OE1 1 
ATOM   411  N NE2 . GLN A 1 77  ? 0.897   3.642   14.369  1.00 45.18  ? 120 GLN A NE2 1 
ATOM   412  N N   . GLN A 1 78  ? -2.522  3.327   8.902   1.00 43.70  ? 121 GLN A N   1 
ATOM   413  C CA  . GLN A 1 78  ? -2.818  4.197   7.766   1.00 42.32  ? 121 GLN A CA  1 
ATOM   414  C C   . GLN A 1 78  ? -4.316  4.180   7.508   1.00 39.85  ? 121 GLN A C   1 
ATOM   415  O O   . GLN A 1 78  ? -4.916  5.203   7.206   1.00 40.15  ? 121 GLN A O   1 
ATOM   416  C CB  . GLN A 1 78  ? -2.071  3.724   6.511   1.00 46.47  ? 121 GLN A CB  1 
ATOM   417  C CG  . GLN A 1 78  ? -0.568  3.626   6.692   1.00 49.20  ? 121 GLN A CG  1 
ATOM   418  C CD  . GLN A 1 78  ? 0.163   3.182   5.437   1.00 50.23  ? 121 GLN A CD  1 
ATOM   419  O OE1 . GLN A 1 78  ? 1.292   2.698   5.514   1.00 53.76  ? 121 GLN A OE1 1 
ATOM   420  N NE2 . GLN A 1 78  ? -0.466  3.353   4.280   1.00 49.58  ? 121 GLN A NE2 1 
ATOM   421  N N   . LEU A 1 79  ? -4.922  3.010   7.627   1.00 40.58  ? 122 LEU A N   1 
ATOM   422  C CA  . LEU A 1 79  ? -6.356  2.912   7.420   1.00 42.80  ? 122 LEU A CA  1 
ATOM   423  C C   . LEU A 1 79  ? -7.022  3.825   8.447   1.00 44.51  ? 122 LEU A C   1 
ATOM   424  O O   . LEU A 1 79  ? -7.846  4.673   8.102   1.00 45.16  ? 122 LEU A O   1 
ATOM   425  C CB  . LEU A 1 79  ? -6.829  1.461   7.596   1.00 39.69  ? 122 LEU A CB  1 
ATOM   426  C CG  . LEU A 1 79  ? -8.345  1.229   7.608   1.00 42.04  ? 122 LEU A CG  1 
ATOM   427  C CD1 . LEU A 1 79  ? -8.990  1.862   6.385   1.00 42.12  ? 122 LEU A CD1 1 
ATOM   428  C CD2 . LEU A 1 79  ? -8.634  -0.257  7.652   1.00 40.49  ? 122 LEU A CD2 1 
ATOM   429  N N   . ALA A 1 80  ? -6.638  3.662   9.711   1.00 47.16  ? 123 ALA A N   1 
ATOM   430  C CA  . ALA A 1 80  ? -7.194  4.461   10.799  1.00 47.18  ? 123 ALA A CA  1 
ATOM   431  C C   . ALA A 1 80  ? -6.993  5.954   10.575  1.00 48.67  ? 123 ALA A C   1 
ATOM   432  O O   . ALA A 1 80  ? -7.906  6.755   10.794  1.00 47.41  ? 123 ALA A O   1 
ATOM   433  C CB  . ALA A 1 80  ? -6.556  4.047   12.123  1.00 47.59  ? 123 ALA A CB  1 
ATOM   434  N N   . LYS A 1 81  ? -5.791  6.326   10.141  1.00 49.88  ? 124 LYS A N   1 
ATOM   435  C CA  . LYS A 1 81  ? -5.462  7.728   9.900   1.00 51.03  ? 124 LYS A CA  1 
ATOM   436  C C   . LYS A 1 81  ? -6.398  8.373   8.875   1.00 52.71  ? 124 LYS A C   1 
ATOM   437  O O   . LYS A 1 81  ? -6.788  9.531   9.009   1.00 53.27  ? 124 LYS A O   1 
ATOM   438  C CB  . LYS A 1 81  ? -4.011  7.840   9.419   1.00 49.84  ? 124 LYS A CB  1 
ATOM   439  C CG  . LYS A 1 81  ? -3.551  9.268   9.165   1.00 52.24  ? 124 LYS A CG  1 
ATOM   440  C CD  . LYS A 1 81  ? -2.096  9.345   8.704   1.00 51.35  ? 124 LYS A CD  1 
ATOM   441  C CE  . LYS A 1 81  ? -1.909  8.776   7.310   1.00 53.51  ? 124 LYS A CE  1 
ATOM   442  N NZ  . LYS A 1 81  ? -0.537  9.015   6.770   1.00 51.59  ? 124 LYS A NZ  1 
ATOM   443  N N   . ASN A 1 82  ? -6.763  7.610   7.855   1.00 56.29  ? 125 ASN A N   1 
ATOM   444  C CA  . ASN A 1 82  ? -7.625  8.108   6.796   1.00 59.69  ? 125 ASN A CA  1 
ATOM   445  C C   . ASN A 1 82  ? -9.116  8.008   7.123   1.00 62.03  ? 125 ASN A C   1 
ATOM   446  O O   . ASN A 1 82  ? -9.960  8.296   6.274   1.00 63.04  ? 125 ASN A O   1 
ATOM   447  C CB  . ASN A 1 82  ? -7.309  7.363   5.493   1.00 59.75  ? 125 ASN A CB  1 
ATOM   448  C CG  . ASN A 1 82  ? -5.873  7.586   5.025   1.00 60.48  ? 125 ASN A CG  1 
ATOM   449  O OD1 . ASN A 1 82  ? -5.188  6.654   4.599   1.00 61.05  ? 125 ASN A OD1 1 
ATOM   450  N ND2 . ASN A 1 82  ? -5.419  8.831   5.096   1.00 60.50  ? 125 ASN A ND2 1 
ATOM   451  N N   . LEU A 1 83  ? -9.441  7.596   8.347   1.00 63.44  ? 126 LEU A N   1 
ATOM   452  C CA  . LEU A 1 83  ? -10.839 7.496   8.768   1.00 64.84  ? 126 LEU A CA  1 
ATOM   453  C C   . LEU A 1 83  ? -11.272 8.806   9.421   1.00 66.13  ? 126 LEU A C   1 
ATOM   454  O O   . LEU A 1 83  ? -12.462 9.047   9.623   1.00 66.44  ? 126 LEU A O   1 
ATOM   455  C CB  . LEU A 1 83  ? -11.043 6.334   9.750   1.00 63.02  ? 126 LEU A CB  1 
ATOM   456  C CG  . LEU A 1 83  ? -11.014 4.911   9.177   1.00 61.30  ? 126 LEU A CG  1 
ATOM   457  C CD1 . LEU A 1 83  ? -11.202 3.912   10.297  1.00 60.00  ? 126 LEU A CD1 1 
ATOM   458  C CD2 . LEU A 1 83  ? -12.099 4.746   8.133   1.00 59.58  ? 126 LEU A CD2 1 
ATOM   459  N N   . PHE A 1 84  ? -10.296 9.645   9.754   1.00 67.60  ? 127 PHE A N   1 
ATOM   460  C CA  . PHE A 1 84  ? -10.565 10.945  10.355  1.00 70.71  ? 127 PHE A CA  1 
ATOM   461  C C   . PHE A 1 84  ? -10.993 11.908  9.255   1.00 72.66  ? 127 PHE A C   1 
ATOM   462  O O   . PHE A 1 84  ? -10.626 11.733  8.091   1.00 72.54  ? 127 PHE A O   1 
ATOM   463  C CB  . PHE A 1 84  ? -9.313  11.477  11.053  1.00 72.10  ? 127 PHE A CB  1 
ATOM   464  C CG  . PHE A 1 84  ? -9.032  10.812  12.361  1.00 73.52  ? 127 PHE A CG  1 
ATOM   465  C CD1 . PHE A 1 84  ? -9.631  11.273  13.528  1.00 74.54  ? 127 PHE A CD1 1 
ATOM   466  C CD2 . PHE A 1 84  ? -8.205  9.696   12.425  1.00 73.52  ? 127 PHE A CD2 1 
ATOM   467  C CE1 . PHE A 1 84  ? -9.411  10.629  14.744  1.00 75.02  ? 127 PHE A CE1 1 
ATOM   468  C CE2 . PHE A 1 84  ? -7.980  9.045   13.631  1.00 74.23  ? 127 PHE A CE2 1 
ATOM   469  C CZ  . PHE A 1 84  ? -8.584  9.512   14.795  1.00 75.42  ? 127 PHE A CZ  1 
ATOM   470  N N   . LEU A 1 85  ? -11.771 12.920  9.625   1.00 74.93  ? 128 LEU A N   1 
ATOM   471  C CA  . LEU A 1 85  ? -12.265 13.900  8.667   1.00 77.47  ? 128 LEU A CA  1 
ATOM   472  C C   . LEU A 1 85  ? -11.194 14.938  8.344   1.00 79.39  ? 128 LEU A C   1 
ATOM   473  O O   . LEU A 1 85  ? -10.841 15.133  7.180   1.00 79.89  ? 128 LEU A O   1 
ATOM   474  C CB  . LEU A 1 85  ? -13.523 14.576  9.222   1.00 76.62  ? 128 LEU A CB  1 
ATOM   475  C CG  . LEU A 1 85  ? -14.475 15.239  8.221   1.00 76.17  ? 128 LEU A CG  1 
ATOM   476  C CD1 . LEU A 1 85  ? -14.779 14.292  7.065   1.00 74.26  ? 128 LEU A CD1 1 
ATOM   477  C CD2 . LEU A 1 85  ? -15.754 15.633  8.941   1.00 75.81  ? 128 LEU A CD2 1 
ATOM   478  N N   . THR A 1 86  ? -10.683 15.602  9.378   1.00 81.50  ? 129 THR A N   1 
ATOM   479  C CA  . THR A 1 86  ? -9.639  16.609  9.210   1.00 83.48  ? 129 THR A CA  1 
ATOM   480  C C   . THR A 1 86  ? -8.292  15.892  9.248   1.00 84.24  ? 129 THR A C   1 
ATOM   481  O O   . THR A 1 86  ? -8.139  14.899  9.959   1.00 84.36  ? 129 THR A O   1 
ATOM   482  C CB  . THR A 1 86  ? -9.687  17.657  10.344  1.00 84.71  ? 129 THR A CB  1 
ATOM   483  O OG1 . THR A 1 86  ? -9.389  17.028  11.597  1.00 86.74  ? 129 THR A OG1 1 
ATOM   484  C CG2 . THR A 1 86  ? -11.069 18.285  10.425  1.00 85.48  ? 129 THR A CG2 1 
ATOM   485  N N   . ARG A 1 87  ? -7.319  16.388  8.492   1.00 85.31  ? 130 ARG A N   1 
ATOM   486  C CA  . ARG A 1 87  ? -6.012  15.749  8.456   1.00 87.31  ? 130 ARG A CA  1 
ATOM   487  C C   . ARG A 1 87  ? -4.877  16.517  9.131   1.00 87.04  ? 130 ARG A C   1 
ATOM   488  O O   . ARG A 1 87  ? -4.050  17.137  8.466   1.00 87.24  ? 130 ARG A O   1 
ATOM   489  C CB  . ARG A 1 87  ? -5.623  15.411  7.007   1.00 89.99  ? 130 ARG A CB  1 
ATOM   490  C CG  . ARG A 1 87  ? -5.465  16.596  6.049   1.00 93.98  ? 130 ARG A CG  1 
ATOM   491  C CD  . ARG A 1 87  ? -6.787  17.287  5.740   1.00 97.13  ? 130 ARG A CD  1 
ATOM   492  N NE  . ARG A 1 87  ? -7.105  18.342  6.699   1.00 100.02 ? 130 ARG A NE  1 
ATOM   493  C CZ  . ARG A 1 87  ? -6.425  19.479  6.814   1.00 101.41 ? 130 ARG A CZ  1 
ATOM   494  N NH1 . ARG A 1 87  ? -6.784  20.382  7.714   1.00 102.78 ? 130 ARG A NH1 1 
ATOM   495  N NH2 . ARG A 1 87  ? -5.386  19.716  6.022   1.00 101.52 ? 130 ARG A NH2 1 
ATOM   496  N N   . GLU A 1 88  ? -4.837  16.461  10.459  1.00 86.91  ? 131 GLU A N   1 
ATOM   497  C CA  . GLU A 1 88  ? -3.791  17.125  11.229  1.00 86.82  ? 131 GLU A CA  1 
ATOM   498  C C   . GLU A 1 88  ? -2.774  16.061  11.636  1.00 85.09  ? 131 GLU A C   1 
ATOM   499  O O   . GLU A 1 88  ? -3.107  14.879  11.690  1.00 85.17  ? 131 GLU A O   1 
ATOM   500  C CB  . GLU A 1 88  ? -4.386  17.782  12.473  1.00 89.35  ? 131 GLU A CB  1 
ATOM   501  C CG  . GLU A 1 88  ? -5.045  16.804  13.426  1.00 93.27  ? 131 GLU A CG  1 
ATOM   502  C CD  . GLU A 1 88  ? -5.657  17.490  14.626  1.00 95.76  ? 131 GLU A CD  1 
ATOM   503  O OE1 . GLU A 1 88  ? -6.581  18.310  14.433  1.00 97.55  ? 131 GLU A OE1 1 
ATOM   504  O OE2 . GLU A 1 88  ? -5.214  17.212  15.761  1.00 95.98  ? 131 GLU A OE2 1 
ATOM   505  N N   . ARG A 1 89  ? -1.538  16.468  11.916  1.00 82.92  ? 132 ARG A N   1 
ATOM   506  C CA  . ARG A 1 89  ? -0.511  15.502  12.294  1.00 81.46  ? 132 ARG A CA  1 
ATOM   507  C C   . ARG A 1 89  ? 0.159   15.794  13.630  1.00 81.51  ? 132 ARG A C   1 
ATOM   508  O O   . ARG A 1 89  ? 1.382   15.906  13.712  1.00 81.70  ? 132 ARG A O   1 
ATOM   509  C CB  . ARG A 1 89  ? 0.559   15.398  11.193  1.00 79.33  ? 132 ARG A CB  1 
ATOM   510  C CG  . ARG A 1 89  ? 0.018   14.972  9.824   1.00 75.64  ? 132 ARG A CG  1 
ATOM   511  C CD  . ARG A 1 89  ? -0.911  13.767  9.948   1.00 72.56  ? 132 ARG A CD  1 
ATOM   512  N NE  . ARG A 1 89  ? -0.247  12.606  10.539  1.00 68.22  ? 132 ARG A NE  1 
ATOM   513  C CZ  . ARG A 1 89  ? -0.877  11.660  11.229  1.00 67.79  ? 132 ARG A CZ  1 
ATOM   514  N NH1 . ARG A 1 89  ? -0.198  10.634  11.725  1.00 67.43  ? 132 ARG A NH1 1 
ATOM   515  N NH2 . ARG A 1 89  ? -2.185  11.750  11.437  1.00 65.65  ? 132 ARG A NH2 1 
ATOM   516  N N   . THR A 1 90  ? -0.645  15.908  14.678  1.00 81.87  ? 133 THR A N   1 
ATOM   517  C CA  . THR A 1 90  ? -0.117  16.163  16.010  1.00 81.26  ? 133 THR A CA  1 
ATOM   518  C C   . THR A 1 90  ? 0.137   14.834  16.718  1.00 81.41  ? 133 THR A C   1 
ATOM   519  O O   . THR A 1 90  ? -0.403  13.796  16.327  1.00 81.61  ? 133 THR A O   1 
ATOM   520  C CB  . THR A 1 90  ? -1.104  17.004  16.853  1.00 81.01  ? 133 THR A CB  1 
ATOM   521  O OG1 . THR A 1 90  ? -2.360  16.320  16.957  1.00 79.81  ? 133 THR A OG1 1 
ATOM   522  C CG2 . THR A 1 90  ? -1.326  18.365  16.208  1.00 81.85  ? 133 THR A CG2 1 
ATOM   523  N N   . LEU A 1 91  ? 0.970   14.865  17.753  1.00 80.70  ? 134 LEU A N   1 
ATOM   524  C CA  . LEU A 1 91  ? 1.276   13.658  18.511  1.00 79.81  ? 134 LEU A CA  1 
ATOM   525  C C   . LEU A 1 91  ? -0.024  13.179  19.133  1.00 79.19  ? 134 LEU A C   1 
ATOM   526  O O   . LEU A 1 91  ? -0.259  11.981  19.288  1.00 78.47  ? 134 LEU A O   1 
ATOM   527  C CB  . LEU A 1 91  ? 2.298   13.967  19.608  1.00 79.67  ? 134 LEU A CB  1 
ATOM   528  C CG  . LEU A 1 91  ? 2.998   12.799  20.311  1.00 80.09  ? 134 LEU A CG  1 
ATOM   529  C CD1 . LEU A 1 91  ? 3.976   13.364  21.322  1.00 80.60  ? 134 LEU A CD1 1 
ATOM   530  C CD2 . LEU A 1 91  ? 2.004   11.891  21.009  1.00 80.00  ? 134 LEU A CD2 1 
ATOM   531  N N   . GLU A 1 92  ? -0.878  14.136  19.474  1.00 79.58  ? 135 GLU A N   1 
ATOM   532  C CA  . GLU A 1 92  ? -2.155  13.828  20.088  1.00 79.89  ? 135 GLU A CA  1 
ATOM   533  C C   . GLU A 1 92  ? -2.973  12.833  19.263  1.00 78.67  ? 135 GLU A C   1 
ATOM   534  O O   . GLU A 1 92  ? -3.453  11.831  19.799  1.00 78.13  ? 135 GLU A O   1 
ATOM   535  C CB  . GLU A 1 92  ? -2.953  15.114  20.305  1.00 82.24  ? 135 GLU A CB  1 
ATOM   536  C CG  . GLU A 1 92  ? -4.111  14.956  21.267  1.00 85.36  ? 135 GLU A CG  1 
ATOM   537  C CD  . GLU A 1 92  ? -4.811  16.266  21.546  1.00 88.99  ? 135 GLU A CD  1 
ATOM   538  O OE1 . GLU A 1 92  ? -4.122  17.242  21.911  1.00 90.02  ? 135 GLU A OE1 1 
ATOM   539  O OE2 . GLU A 1 92  ? -6.052  16.321  21.406  1.00 91.36  ? 135 GLU A OE2 1 
ATOM   540  N N   . ARG A 1 93  ? -3.129  13.080  17.964  1.00 76.55  ? 136 ARG A N   1 
ATOM   541  C CA  . ARG A 1 93  ? -3.917  12.144  17.178  1.00 74.36  ? 136 ARG A CA  1 
ATOM   542  C C   . ARG A 1 93  ? -3.154  10.928  16.667  1.00 71.50  ? 136 ARG A C   1 
ATOM   543  O O   . ARG A 1 93  ? -3.768  9.920   16.314  1.00 69.83  ? 136 ARG A O   1 
ATOM   544  C CB  . ARG A 1 93  ? -4.641  12.846  16.030  1.00 76.32  ? 136 ARG A CB  1 
ATOM   545  C CG  . ARG A 1 93  ? -3.811  13.251  14.856  1.00 78.37  ? 136 ARG A CG  1 
ATOM   546  C CD  . ARG A 1 93  ? -4.734  13.308  13.653  1.00 83.10  ? 136 ARG A CD  1 
ATOM   547  N NE  . ARG A 1 93  ? -6.064  13.802  14.020  1.00 84.56  ? 136 ARG A NE  1 
ATOM   548  C CZ  . ARG A 1 93  ? -7.096  13.879  13.183  1.00 86.27  ? 136 ARG A CZ  1 
ATOM   549  N NH1 . ARG A 1 93  ? -8.262  14.341  13.610  1.00 85.32  ? 136 ARG A NH1 1 
ATOM   550  N NH2 . ARG A 1 93  ? -6.964  13.492  11.921  1.00 86.54  ? 136 ARG A NH2 1 
ATOM   551  N N   . LYS A 1 94  ? -1.829  10.996  16.630  1.00 68.86  ? 137 LYS A N   1 
ATOM   552  C CA  . LYS A 1 94  ? -1.092  9.824   16.195  1.00 67.98  ? 137 LYS A CA  1 
ATOM   553  C C   . LYS A 1 94  ? -1.472  8.712   17.179  1.00 66.97  ? 137 LYS A C   1 
ATOM   554  O O   . LYS A 1 94  ? -1.658  7.552   16.793  1.00 65.37  ? 137 LYS A O   1 
ATOM   555  C CB  . LYS A 1 94  ? 0.418   10.066  16.226  1.00 69.46  ? 137 LYS A CB  1 
ATOM   556  C CG  . LYS A 1 94  ? 1.225   8.847   15.781  1.00 72.33  ? 137 LYS A CG  1 
ATOM   557  C CD  . LYS A 1 94  ? 0.776   8.366   14.401  1.00 74.83  ? 137 LYS A CD  1 
ATOM   558  C CE  . LYS A 1 94  ? 1.344   6.992   14.034  1.00 77.17  ? 137 LYS A CE  1 
ATOM   559  N NZ  . LYS A 1 94  ? 2.818   6.988   13.793  1.00 78.07  ? 137 LYS A NZ  1 
ATOM   560  N N   . ILE A 1 95  ? -1.611  9.087   18.452  1.00 65.29  ? 138 ILE A N   1 
ATOM   561  C CA  . ILE A 1 95  ? -1.981  8.138   19.497  1.00 62.69  ? 138 ILE A CA  1 
ATOM   562  C C   . ILE A 1 95  ? -3.414  7.648   19.307  1.00 60.39  ? 138 ILE A C   1 
ATOM   563  O O   . ILE A 1 95  ? -3.695  6.446   19.430  1.00 57.94  ? 138 ILE A O   1 
ATOM   564  C CB  . ILE A 1 95  ? -1.816  8.772   20.892  1.00 65.12  ? 138 ILE A CB  1 
ATOM   565  C CG1 . ILE A 1 95  ? -0.326  8.943   21.191  1.00 66.39  ? 138 ILE A CG1 1 
ATOM   566  C CG2 . ILE A 1 95  ? -2.478  7.906   21.955  1.00 65.27  ? 138 ILE A CG2 1 
ATOM   567  C CD1 . ILE A 1 95  ? -0.035  9.569   22.529  1.00 67.79  ? 138 ILE A CD1 1 
ATOM   568  N N   . LYS A 1 96  ? -4.315  8.576   19.000  1.00 58.60  ? 139 LYS A N   1 
ATOM   569  C CA  . LYS A 1 96  ? -5.718  8.233   18.765  1.00 58.29  ? 139 LYS A CA  1 
ATOM   570  C C   . LYS A 1 96  ? -5.814  7.258   17.583  1.00 57.10  ? 139 LYS A C   1 
ATOM   571  O O   . LYS A 1 96  ? -6.681  6.380   17.545  1.00 56.43  ? 139 LYS A O   1 
ATOM   572  C CB  . LYS A 1 96  ? -6.527  9.494   18.455  1.00 61.53  ? 139 LYS A CB  1 
ATOM   573  C CG  . LYS A 1 96  ? -6.382  10.594  19.494  1.00 67.31  ? 139 LYS A CG  1 
ATOM   574  C CD  . LYS A 1 96  ? -7.349  11.743  19.235  1.00 71.66  ? 139 LYS A CD  1 
ATOM   575  C CE  . LYS A 1 96  ? -7.284  12.786  20.343  1.00 73.59  ? 139 LYS A CE  1 
ATOM   576  N NZ  . LYS A 1 96  ? -8.367  13.801  20.218  1.00 75.51  ? 139 LYS A NZ  1 
ATOM   577  N N   . GLU A 1 97  ? -4.913  7.412   16.618  1.00 55.10  ? 140 GLU A N   1 
ATOM   578  C CA  . GLU A 1 97  ? -4.914  6.542   15.455  1.00 53.11  ? 140 GLU A CA  1 
ATOM   579  C C   . GLU A 1 97  ? -4.426  5.155   15.837  1.00 51.81  ? 140 GLU A C   1 
ATOM   580  O O   . GLU A 1 97  ? -4.914  4.146   15.319  1.00 52.13  ? 140 GLU A O   1 
ATOM   581  C CB  . GLU A 1 97  ? -4.045  7.152   14.354  1.00 53.83  ? 140 GLU A CB  1 
ATOM   582  C CG  . GLU A 1 97  ? -4.578  8.490   13.880  1.00 52.46  ? 140 GLU A CG  1 
ATOM   583  C CD  . GLU A 1 97  ? -3.622  9.236   12.981  1.00 55.53  ? 140 GLU A CD  1 
ATOM   584  O OE1 . GLU A 1 97  ? -2.433  8.856   12.904  1.00 56.61  ? 140 GLU A OE1 1 
ATOM   585  O OE2 . GLU A 1 97  ? -4.063  10.223  12.356  1.00 57.86  ? 140 GLU A OE2 1 
ATOM   586  N N   . ALA A 1 98  ? -3.477  5.103   16.765  1.00 50.47  ? 141 ALA A N   1 
ATOM   587  C CA  . ALA A 1 98  ? -2.928  3.832   17.221  1.00 49.75  ? 141 ALA A CA  1 
ATOM   588  C C   . ALA A 1 98  ? -3.957  3.035   18.031  1.00 49.35  ? 141 ALA A C   1 
ATOM   589  O O   . ALA A 1 98  ? -4.001  1.800   17.959  1.00 48.86  ? 141 ALA A O   1 
ATOM   590  C CB  . ALA A 1 98  ? -1.668  4.076   18.056  1.00 50.06  ? 141 ALA A CB  1 
ATOM   591  N N   . LEU A 1 99  ? -4.788  3.743   18.790  1.00 49.05  ? 142 LEU A N   1 
ATOM   592  C CA  . LEU A 1 99  ? -5.809  3.095   19.611  1.00 50.40  ? 142 LEU A CA  1 
ATOM   593  C C   . LEU A 1 99  ? -6.897  2.527   18.710  1.00 49.83  ? 142 LEU A C   1 
ATOM   594  O O   . LEU A 1 99  ? -7.379  1.394   18.902  1.00 47.21  ? 142 LEU A O   1 
ATOM   595  C CB  . LEU A 1 99  ? -6.394  4.104   20.604  1.00 53.21  ? 142 LEU A CB  1 
ATOM   596  C CG  . LEU A 1 99  ? -5.343  4.735   21.533  1.00 55.60  ? 142 LEU A CG  1 
ATOM   597  C CD1 . LEU A 1 99  ? -6.003  5.719   22.479  1.00 55.48  ? 142 LEU A CD1 1 
ATOM   598  C CD2 . LEU A 1 99  ? -4.629  3.642   22.319  1.00 55.79  ? 142 LEU A CD2 1 
ATOM   599  N N   . LEU A 1 100 ? -7.264  3.324   17.713  1.00 49.44  ? 143 LEU A N   1 
ATOM   600  C CA  . LEU A 1 100 ? -8.265  2.931   16.734  1.00 48.37  ? 143 LEU A CA  1 
ATOM   601  C C   . LEU A 1 100 ? -7.749  1.698   15.989  1.00 47.08  ? 143 LEU A C   1 
ATOM   602  O O   . LEU A 1 100 ? -8.486  0.738   15.774  1.00 47.26  ? 143 LEU A O   1 
ATOM   603  C CB  . LEU A 1 100 ? -8.491  4.082   15.754  1.00 50.10  ? 143 LEU A CB  1 
ATOM   604  C CG  . LEU A 1 100 ? -9.782  4.116   14.948  1.00 51.23  ? 143 LEU A CG  1 
ATOM   605  C CD1 . LEU A 1 100 ? -10.961 4.153   15.894  1.00 51.39  ? 143 LEU A CD1 1 
ATOM   606  C CD2 . LEU A 1 100 ? -9.786  5.347   14.056  1.00 52.42  ? 143 LEU A CD2 1 
ATOM   607  N N   . ALA A 1 101 ? -6.472  1.717   15.610  1.00 45.60  ? 144 ALA A N   1 
ATOM   608  C CA  . ALA A 1 101 ? -5.892  0.590   14.887  1.00 45.31  ? 144 ALA A CA  1 
ATOM   609  C C   . ALA A 1 101 ? -5.984  -0.708  15.676  1.00 46.78  ? 144 ALA A C   1 
ATOM   610  O O   . ALA A 1 101 ? -6.328  -1.757  15.123  1.00 47.77  ? 144 ALA A O   1 
ATOM   611  C CB  . ALA A 1 101 ? -4.438  0.885   14.522  1.00 42.32  ? 144 ALA A CB  1 
ATOM   612  N N   . ILE A 1 102 ? -5.682  -0.638  16.971  1.00 48.05  ? 145 ILE A N   1 
ATOM   613  C CA  . ILE A 1 102 ? -5.738  -1.817  17.832  1.00 47.86  ? 145 ILE A CA  1 
ATOM   614  C C   . ILE A 1 102 ? -7.152  -2.382  17.934  1.00 47.41  ? 145 ILE A C   1 
ATOM   615  O O   . ILE A 1 102 ? -7.342  -3.596  17.907  1.00 48.35  ? 145 ILE A O   1 
ATOM   616  C CB  . ILE A 1 102 ? -5.223  -1.495  19.246  1.00 49.76  ? 145 ILE A CB  1 
ATOM   617  C CG1 . ILE A 1 102 ? -3.756  -1.079  19.178  1.00 50.89  ? 145 ILE A CG1 1 
ATOM   618  C CG2 . ILE A 1 102 ? -5.375  -2.708  20.148  1.00 51.22  ? 145 ILE A CG2 1 
ATOM   619  C CD1 . ILE A 1 102 ? -3.238  -0.473  20.459  1.00 51.71  ? 145 ILE A CD1 1 
ATOM   620  N N   . LYS A 1 103 ? -8.145  -1.506  18.054  1.00 47.69  ? 146 LYS A N   1 
ATOM   621  C CA  . LYS A 1 103 ? -9.534  -1.949  18.146  1.00 47.60  ? 146 LYS A CA  1 
ATOM   622  C C   . LYS A 1 103 ? -9.972  -2.596  16.835  1.00 47.89  ? 146 LYS A C   1 
ATOM   623  O O   . LYS A 1 103 ? -10.618 -3.653  16.831  1.00 48.23  ? 146 LYS A O   1 
ATOM   624  C CB  . LYS A 1 103 ? -10.452 -0.767  18.463  1.00 50.69  ? 146 LYS A CB  1 
ATOM   625  C CG  . LYS A 1 103 ? -11.910 -1.148  18.705  1.00 54.64  ? 146 LYS A CG  1 
ATOM   626  C CD  . LYS A 1 103 ? -12.088 -1.854  20.044  1.00 57.29  ? 146 LYS A CD  1 
ATOM   627  C CE  . LYS A 1 103 ? -13.561 -2.047  20.397  1.00 56.88  ? 146 LYS A CE  1 
ATOM   628  N NZ  . LYS A 1 103 ? -14.216 -3.012  19.484  1.00 55.94  ? 146 LYS A NZ  1 
ATOM   629  N N   . ILE A 1 104 ? -9.633  -1.958  15.717  1.00 47.87  ? 147 ILE A N   1 
ATOM   630  C CA  . ILE A 1 104 ? -9.988  -2.507  14.410  1.00 48.55  ? 147 ILE A CA  1 
ATOM   631  C C   . ILE A 1 104 ? -9.438  -3.924  14.298  1.00 48.09  ? 147 ILE A C   1 
ATOM   632  O O   . ILE A 1 104 ? -10.143 -4.848  13.893  1.00 49.29  ? 147 ILE A O   1 
ATOM   633  C CB  . ILE A 1 104 ? -9.413  -1.638  13.253  1.00 48.39  ? 147 ILE A CB  1 
ATOM   634  C CG1 . ILE A 1 104 ? -10.142 -0.292  13.210  1.00 46.39  ? 147 ILE A CG1 1 
ATOM   635  C CG2 . ILE A 1 104 ? -9.563  -2.367  11.925  1.00 44.94  ? 147 ILE A CG2 1 
ATOM   636  C CD1 . ILE A 1 104 ? -9.559  0.702   12.244  1.00 47.17  ? 147 ILE A CD1 1 
ATOM   637  N N   . GLU A 1 105 ? -8.172  -4.081  14.676  1.00 48.92  ? 148 GLU A N   1 
ATOM   638  C CA  . GLU A 1 105 ? -7.491  -5.371  14.643  1.00 49.37  ? 148 GLU A CA  1 
ATOM   639  C C   . GLU A 1 105 ? -8.217  -6.407  15.478  1.00 49.84  ? 148 GLU A C   1 
ATOM   640  O O   . GLU A 1 105 ? -8.196  -7.592  15.157  1.00 49.71  ? 148 GLU A O   1 
ATOM   641  C CB  . GLU A 1 105 ? -6.065  -5.219  15.161  1.00 50.00  ? 148 GLU A CB  1 
ATOM   642  C CG  . GLU A 1 105 ? -5.121  -4.548  14.187  1.00 49.52  ? 148 GLU A CG  1 
ATOM   643  C CD  . GLU A 1 105 ? -4.601  -5.509  13.146  1.00 51.23  ? 148 GLU A CD  1 
ATOM   644  O OE1 . GLU A 1 105 ? -4.961  -6.703  13.208  1.00 51.16  ? 148 GLU A OE1 1 
ATOM   645  O OE2 . GLU A 1 105 ? -3.832  -5.077  12.261  1.00 54.75  ? 148 GLU A OE2 1 
ATOM   646  N N   . ARG A 1 106 ? -8.852  -5.961  16.557  1.00 51.20  ? 149 ARG A N   1 
ATOM   647  C CA  . ARG A 1 106 ? -9.596  -6.870  17.421  1.00 53.33  ? 149 ARG A CA  1 
ATOM   648  C C   . ARG A 1 106 ? -10.951 -7.211  16.809  1.00 52.96  ? 149 ARG A C   1 
ATOM   649  O O   . ARG A 1 106 ? -11.508 -8.277  17.071  1.00 52.11  ? 149 ARG A O   1 
ATOM   650  C CB  . ARG A 1 106 ? -9.830  -6.244  18.797  1.00 57.37  ? 149 ARG A CB  1 
ATOM   651  C CG  . ARG A 1 106 ? -8.576  -5.905  19.571  1.00 61.63  ? 149 ARG A CG  1 
ATOM   652  C CD  . ARG A 1 106 ? -8.934  -5.392  20.952  1.00 66.81  ? 149 ARG A CD  1 
ATOM   653  N NE  . ARG A 1 106 ? -7.759  -4.989  21.722  1.00 69.82  ? 149 ARG A NE  1 
ATOM   654  C CZ  . ARG A 1 106 ? -7.800  -4.588  22.989  1.00 71.97  ? 149 ARG A CZ  1 
ATOM   655  N NH1 . ARG A 1 106 ? -8.959  -4.538  23.631  1.00 73.00  ? 149 ARG A NH1 1 
ATOM   656  N NH2 . ARG A 1 106 ? -6.686  -4.229  23.614  1.00 72.43  ? 149 ARG A NH2 1 
ATOM   657  N N   . THR A 1 107 ? -11.463 -6.310  15.974  1.00 51.79  ? 150 THR A N   1 
ATOM   658  C CA  . THR A 1 107 ? -12.778 -6.477  15.359  1.00 50.56  ? 150 THR A CA  1 
ATOM   659  C C   . THR A 1 107 ? -12.848 -7.219  14.024  1.00 49.20  ? 150 THR A C   1 
ATOM   660  O O   . THR A 1 107 ? -13.725 -8.064  13.818  1.00 45.61  ? 150 THR A O   1 
ATOM   661  C CB  . THR A 1 107 ? -13.438 -5.114  15.159  1.00 51.73  ? 150 THR A CB  1 
ATOM   662  O OG1 . THR A 1 107 ? -13.082 -4.248  16.248  1.00 54.21  ? 150 THR A OG1 1 
ATOM   663  C CG2 . THR A 1 107 ? -14.948 -5.266  15.093  1.00 52.18  ? 150 THR A CG2 1 
ATOM   664  N N   . PHE A 1 108 ? -11.937 -6.893  13.114  1.00 48.20  ? 151 PHE A N   1 
ATOM   665  C CA  . PHE A 1 108 ? -11.935 -7.516  11.793  1.00 46.52  ? 151 PHE A CA  1 
ATOM   666  C C   . PHE A 1 108 ? -10.639 -8.281  11.549  1.00 44.88  ? 151 PHE A C   1 
ATOM   667  O O   . PHE A 1 108 ? -9.608  -7.962  12.137  1.00 44.29  ? 151 PHE A O   1 
ATOM   668  C CB  . PHE A 1 108 ? -12.130 -6.435  10.724  1.00 46.27  ? 151 PHE A CB  1 
ATOM   669  C CG  . PHE A 1 108 ? -13.379 -5.605  10.920  1.00 45.13  ? 151 PHE A CG  1 
ATOM   670  C CD1 . PHE A 1 108 ? -14.640 -6.152  10.677  1.00 44.05  ? 151 PHE A CD1 1 
ATOM   671  C CD2 . PHE A 1 108 ? -13.292 -4.291  11.384  1.00 43.21  ? 151 PHE A CD2 1 
ATOM   672  C CE1 . PHE A 1 108 ? -15.799 -5.406  10.896  1.00 43.54  ? 151 PHE A CE1 1 
ATOM   673  C CE2 . PHE A 1 108 ? -14.441 -3.535  11.608  1.00 43.76  ? 151 PHE A CE2 1 
ATOM   674  C CZ  . PHE A 1 108 ? -15.701 -4.092  11.365  1.00 44.67  ? 151 PHE A CZ  1 
ATOM   675  N N   . ASP A 1 109 ? -10.688 -9.288  10.683  1.00 43.41  ? 152 ASP A N   1 
ATOM   676  C CA  . ASP A 1 109 ? -9.500  -10.080 10.408  1.00 44.96  ? 152 ASP A CA  1 
ATOM   677  C C   . ASP A 1 109 ? -8.551  -9.403  9.411   1.00 44.40  ? 152 ASP A C   1 
ATOM   678  O O   . ASP A 1 109 ? -8.881  -8.381  8.802   1.00 45.11  ? 152 ASP A O   1 
ATOM   679  C CB  . ASP A 1 109 ? -9.890  -11.491 9.930   1.00 47.05  ? 152 ASP A CB  1 
ATOM   680  C CG  . ASP A 1 109 ? -10.310 -11.532 8.471   1.00 50.97  ? 152 ASP A CG  1 
ATOM   681  O OD1 . ASP A 1 109 ? -10.483 -12.652 7.933   1.00 51.94  ? 152 ASP A OD1 1 
ATOM   682  O OD2 . ASP A 1 109 ? -10.469 -10.456 7.860   1.00 52.46  ? 152 ASP A OD2 1 
ATOM   683  N N   . LYS A 1 110 ? -7.369  -9.984  9.254   1.00 43.73  ? 153 LYS A N   1 
ATOM   684  C CA  . LYS A 1 110 ? -6.342  -9.444  8.371   1.00 44.67  ? 153 LYS A CA  1 
ATOM   685  C C   . LYS A 1 110 ? -6.759  -9.212  6.917   1.00 44.95  ? 153 LYS A C   1 
ATOM   686  O O   . LYS A 1 110 ? -6.517  -8.136  6.366   1.00 43.96  ? 153 LYS A O   1 
ATOM   687  C CB  . LYS A 1 110 ? -5.101  -10.344 8.431   1.00 42.62  ? 153 LYS A CB  1 
ATOM   688  C CG  . LYS A 1 110 ? -4.371  -10.273 9.766   1.00 39.32  ? 153 LYS A CG  1 
ATOM   689  C CD  . LYS A 1 110 ? -3.921  -8.841  10.074  1.00 38.76  ? 153 LYS A CD  1 
ATOM   690  C CE  . LYS A 1 110 ? -2.936  -8.808  11.257  1.00 38.86  ? 153 LYS A CE  1 
ATOM   691  N NZ  . LYS A 1 110 ? -2.445  -7.423  11.574  1.00 37.73  ? 153 LYS A NZ  1 
ATOM   692  N N   . LYS A 1 111 ? -7.387  -10.212 6.303   1.00 46.58  ? 154 LYS A N   1 
ATOM   693  C CA  . LYS A 1 111 ? -7.828  -10.097 4.917   1.00 48.25  ? 154 LYS A CA  1 
ATOM   694  C C   . LYS A 1 111 ? -8.865  -8.998  4.718   1.00 47.42  ? 154 LYS A C   1 
ATOM   695  O O   . LYS A 1 111 ? -8.928  -8.394  3.652   1.00 47.85  ? 154 LYS A O   1 
ATOM   696  C CB  . LYS A 1 111 ? -8.378  -11.442 4.413   1.00 51.17  ? 154 LYS A CB  1 
ATOM   697  C CG  . LYS A 1 111 ? -7.293  -12.399 3.898   1.00 57.51  ? 154 LYS A CG  1 
ATOM   698  C CD  . LYS A 1 111 ? -7.769  -13.852 3.820   1.00 62.14  ? 154 LYS A CD  1 
ATOM   699  C CE  . LYS A 1 111 ? -8.824  -14.087 2.740   1.00 65.65  ? 154 LYS A CE  1 
ATOM   700  N NZ  . LYS A 1 111 ? -8.257  -14.110 1.357   1.00 68.68  ? 154 LYS A NZ  1 
ATOM   701  N N   . LYS A 1 112 ? -9.665  -8.728  5.747   1.00 46.74  ? 155 LYS A N   1 
ATOM   702  C CA  . LYS A 1 112 ? -10.696 -7.696  5.667   1.00 46.58  ? 155 LYS A CA  1 
ATOM   703  C C   . LYS A 1 112 ? -10.088 -6.296  5.799   1.00 44.84  ? 155 LYS A C   1 
ATOM   704  O O   . LYS A 1 112 ? -10.484 -5.360  5.095   1.00 45.49  ? 155 LYS A O   1 
ATOM   705  C CB  . LYS A 1 112 ? -11.755 -7.925  6.758   1.00 47.68  ? 155 LYS A CB  1 
ATOM   706  C CG  . LYS A 1 112 ? -12.872 -6.881  6.798   1.00 50.17  ? 155 LYS A CG  1 
ATOM   707  C CD  . LYS A 1 112 ? -13.613 -6.744  5.458   1.00 51.68  ? 155 LYS A CD  1 
ATOM   708  C CE  . LYS A 1 112 ? -14.231 -8.064  5.000   1.00 54.18  ? 155 LYS A CE  1 
ATOM   709  N NZ  . LYS A 1 112 ? -14.995 -7.937  3.716   1.00 53.19  ? 155 LYS A NZ  1 
ATOM   710  N N   . ILE A 1 113 ? -9.131  -6.164  6.710   1.00 42.36  ? 156 ILE A N   1 
ATOM   711  C CA  . ILE A 1 113 ? -8.431  -4.904  6.931   1.00 40.66  ? 156 ILE A CA  1 
ATOM   712  C C   . ILE A 1 113 ? -7.663  -4.556  5.648   1.00 39.43  ? 156 ILE A C   1 
ATOM   713  O O   . ILE A 1 113 ? -7.646  -3.403  5.212   1.00 38.88  ? 156 ILE A O   1 
ATOM   714  C CB  . ILE A 1 113 ? -7.445  -5.032  8.129   1.00 40.90  ? 156 ILE A CB  1 
ATOM   715  C CG1 . ILE A 1 113 ? -8.232  -5.383  9.400   1.00 42.93  ? 156 ILE A CG1 1 
ATOM   716  C CG2 . ILE A 1 113 ? -6.678  -3.736  8.337   1.00 37.55  ? 156 ILE A CG2 1 
ATOM   717  C CD1 . ILE A 1 113 ? -7.366  -5.652  10.644  1.00 41.14  ? 156 ILE A CD1 1 
ATOM   718  N N   . MET A 1 114 ? -7.046  -5.565  5.036   1.00 39.46  ? 157 MET A N   1 
ATOM   719  C CA  . MET A 1 114 ? -6.287  -5.371  3.799   1.00 39.56  ? 157 MET A CA  1 
ATOM   720  C C   . MET A 1 114 ? -7.230  -4.930  2.681   1.00 40.76  ? 157 MET A C   1 
ATOM   721  O O   . MET A 1 114 ? -6.871  -4.103  1.837   1.00 40.24  ? 157 MET A O   1 
ATOM   722  C CB  . MET A 1 114 ? -5.578  -6.675  3.398   1.00 40.29  ? 157 MET A CB  1 
ATOM   723  C CG  . MET A 1 114 ? -4.841  -6.619  2.046   1.00 41.08  ? 157 MET A CG  1 
ATOM   724  S SD  . MET A 1 114 ? -3.542  -5.330  1.943   1.00 39.03  ? 157 MET A SD  1 
ATOM   725  C CE  . MET A 1 114 ? -2.332  -5.989  3.086   1.00 39.67  ? 157 MET A CE  1 
ATOM   726  N N   . GLU A 1 115 ? -8.443  -5.474  2.693   1.00 42.43  ? 158 GLU A N   1 
ATOM   727  C CA  . GLU A 1 115 ? -9.436  -5.157  1.675   1.00 43.43  ? 158 GLU A CA  1 
ATOM   728  C C   . GLU A 1 115 ? -9.892  -3.710  1.790   1.00 41.57  ? 158 GLU A C   1 
ATOM   729  O O   . GLU A 1 115 ? -9.895  -2.973  0.805   1.00 43.51  ? 158 GLU A O   1 
ATOM   730  C CB  . GLU A 1 115 ? -10.642 -6.091  1.800   1.00 46.08  ? 158 GLU A CB  1 
ATOM   731  C CG  . GLU A 1 115 ? -11.559 -6.077  0.585   1.00 50.16  ? 158 GLU A CG  1 
ATOM   732  C CD  . GLU A 1 115 ? -12.837 -6.859  0.809   1.00 51.99  ? 158 GLU A CD  1 
ATOM   733  O OE1 . GLU A 1 115 ? -13.717 -6.361  1.539   1.00 53.14  ? 158 GLU A OE1 1 
ATOM   734  O OE2 . GLU A 1 115 ? -12.956 -7.974  0.263   1.00 53.29  ? 158 GLU A OE2 1 
ATOM   735  N N   . LEU A 1 116 ? -10.273 -3.307  2.996   1.00 39.58  ? 159 LEU A N   1 
ATOM   736  C CA  . LEU A 1 116 ? -10.722 -1.941  3.247   1.00 38.35  ? 159 LEU A CA  1 
ATOM   737  C C   . LEU A 1 116 ? -9.631  -0.937  2.872   1.00 39.11  ? 159 LEU A C   1 
ATOM   738  O O   . LEU A 1 116 ? -9.897  0.117   2.270   1.00 37.62  ? 159 LEU A O   1 
ATOM   739  C CB  . LEU A 1 116 ? -11.062 -1.767  4.728   1.00 39.30  ? 159 LEU A CB  1 
ATOM   740  C CG  . LEU A 1 116 ? -12.262 -2.518  5.303   1.00 40.47  ? 159 LEU A CG  1 
ATOM   741  C CD1 . LEU A 1 116 ? -12.374 -2.224  6.801   1.00 38.00  ? 159 LEU A CD1 1 
ATOM   742  C CD2 . LEU A 1 116 ? -13.534 -2.069  4.572   1.00 39.89  ? 159 LEU A CD2 1 
ATOM   743  N N   . TYR A 1 117 ? -8.402  -1.265  3.259   1.00 38.03  ? 160 TYR A N   1 
ATOM   744  C CA  . TYR A 1 117 ? -7.251  -0.421  2.986   1.00 37.43  ? 160 TYR A CA  1 
ATOM   745  C C   . TYR A 1 117 ? -7.003  -0.239  1.483   1.00 35.89  ? 160 TYR A C   1 
ATOM   746  O O   . TYR A 1 117 ? -6.854  0.885   1.006   1.00 33.39  ? 160 TYR A O   1 
ATOM   747  C CB  . TYR A 1 117 ? -6.009  -1.036  3.645   1.00 36.48  ? 160 TYR A CB  1 
ATOM   748  C CG  . TYR A 1 117 ? -4.707  -0.360  3.283   1.00 35.52  ? 160 TYR A CG  1 
ATOM   749  C CD1 . TYR A 1 117 ? -4.378  0.900   3.794   1.00 36.17  ? 160 TYR A CD1 1 
ATOM   750  C CD2 . TYR A 1 117 ? -3.788  -0.994  2.446   1.00 36.11  ? 160 TYR A CD2 1 
ATOM   751  C CE1 . TYR A 1 117 ? -3.155  1.515   3.481   1.00 36.34  ? 160 TYR A CE1 1 
ATOM   752  C CE2 . TYR A 1 117 ? -2.566  -0.397  2.124   1.00 38.12  ? 160 TYR A CE2 1 
ATOM   753  C CZ  . TYR A 1 117 ? -2.251  0.856   2.646   1.00 38.23  ? 160 TYR A CZ  1 
ATOM   754  O OH  . TYR A 1 117 ? -1.020  1.415   2.361   1.00 36.12  ? 160 TYR A OH  1 
ATOM   755  N N   . LEU A 1 118 ? -6.965  -1.348  0.747   1.00 36.45  ? 161 LEU A N   1 
ATOM   756  C CA  . LEU A 1 118 ? -6.715  -1.325  -0.701  1.00 37.12  ? 161 LEU A CA  1 
ATOM   757  C C   . LEU A 1 118 ? -7.827  -0.688  -1.542  1.00 36.92  ? 161 LEU A C   1 
ATOM   758  O O   . LEU A 1 118 ? -7.637  -0.460  -2.731  1.00 38.71  ? 161 LEU A O   1 
ATOM   759  C CB  . LEU A 1 118 ? -6.415  -2.756  -1.202  1.00 35.02  ? 161 LEU A CB  1 
ATOM   760  C CG  . LEU A 1 118 ? -4.967  -3.229  -1.429  1.00 32.86  ? 161 LEU A CG  1 
ATOM   761  C CD1 . LEU A 1 118 ? -3.950  -2.445  -0.602  1.00 31.86  ? 161 LEU A CD1 1 
ATOM   762  C CD2 . LEU A 1 118 ? -4.887  -4.699  -1.115  1.00 29.66  ? 161 LEU A CD2 1 
ATOM   763  N N   . ASN A 1 119 ? -8.976  -0.398  -0.929  1.00 35.58  ? 162 ASN A N   1 
ATOM   764  C CA  . ASN A 1 119 ? -10.098 0.240   -1.622  1.00 35.51  ? 162 ASN A CA  1 
ATOM   765  C C   . ASN A 1 119 ? -10.234 1.724   -1.262  1.00 38.88  ? 162 ASN A C   1 
ATOM   766  O O   . ASN A 1 119 ? -10.878 2.499   -1.977  1.00 40.09  ? 162 ASN A O   1 
ATOM   767  C CB  . ASN A 1 119 ? -11.406 -0.473  -1.279  1.00 36.30  ? 162 ASN A CB  1 
ATOM   768  C CG  . ASN A 1 119 ? -11.616 -1.725  -2.092  1.00 32.53  ? 162 ASN A CG  1 
ATOM   769  O OD1 . ASN A 1 119 ? -11.963 -1.654  -3.264  1.00 37.25  ? 162 ASN A OD1 1 
ATOM   770  N ND2 . ASN A 1 119 ? -11.397 -2.877  -1.479  1.00 31.41  ? 162 ASN A ND2 1 
ATOM   771  N N   . GLN A 1 120 ? -9.613  2.113   -0.156  1.00 39.51  ? 163 GLN A N   1 
ATOM   772  C CA  . GLN A 1 120 ? -9.663  3.485   0.337   1.00 40.98  ? 163 GLN A CA  1 
ATOM   773  C C   . GLN A 1 120 ? -8.435  4.353   0.030   1.00 38.58  ? 163 GLN A C   1 
ATOM   774  O O   . GLN A 1 120 ? -8.549  5.563   -0.103  1.00 39.58  ? 163 GLN A O   1 
ATOM   775  C CB  . GLN A 1 120 ? -9.906  3.448   1.858   1.00 44.28  ? 163 GLN A CB  1 
ATOM   776  C CG  . GLN A 1 120 ? -9.243  4.568   2.657   1.00 51.87  ? 163 GLN A CG  1 
ATOM   777  C CD  . GLN A 1 120 ? -7.948  4.127   3.314   1.00 55.22  ? 163 GLN A CD  1 
ATOM   778  O OE1 . GLN A 1 120 ? -7.960  3.326   4.238   1.00 61.15  ? 163 GLN A OE1 1 
ATOM   779  N NE2 . GLN A 1 120 ? -6.825  4.645   2.834   1.00 59.96  ? 163 GLN A NE2 1 
ATOM   780  N N   . ILE A 1 121 ? -7.271  3.728   -0.071  1.00 38.38  ? 164 ILE A N   1 
ATOM   781  C CA  . ILE A 1 121 ? -6.002  4.413   -0.314  1.00 40.72  ? 164 ILE A CA  1 
ATOM   782  C C   . ILE A 1 121 ? -5.971  5.406   -1.491  1.00 42.06  ? 164 ILE A C   1 
ATOM   783  O O   . ILE A 1 121 ? -6.289  5.056   -2.626  1.00 43.28  ? 164 ILE A O   1 
ATOM   784  C CB  . ILE A 1 121 ? -4.882  3.348   -0.493  1.00 42.33  ? 164 ILE A CB  1 
ATOM   785  C CG1 . ILE A 1 121 ? -3.516  4.014   -0.635  1.00 46.16  ? 164 ILE A CG1 1 
ATOM   786  C CG2 . ILE A 1 121 ? -5.178  2.474   -1.700  1.00 43.93  ? 164 ILE A CG2 1 
ATOM   787  C CD1 . ILE A 1 121 ? -3.027  4.681   0.623   1.00 44.55  ? 164 ILE A CD1 1 
ATOM   788  N N   . TYR A 1 122 ? -5.599  6.654   -1.226  1.00 42.87  ? 165 TYR A N   1 
ATOM   789  C CA  . TYR A 1 122 ? -5.514  7.622   -2.310  1.00 42.31  ? 165 TYR A CA  1 
ATOM   790  C C   . TYR A 1 122 ? -4.229  7.335   -3.083  1.00 43.39  ? 165 TYR A C   1 
ATOM   791  O O   . TYR A 1 122 ? -3.136  7.291   -2.506  1.00 43.89  ? 165 TYR A O   1 
ATOM   792  C CB  . TYR A 1 122 ? -5.490  9.062   -1.794  1.00 41.87  ? 165 TYR A CB  1 
ATOM   793  C CG  . TYR A 1 122 ? -5.455  10.067  -2.929  1.00 43.41  ? 165 TYR A CG  1 
ATOM   794  C CD1 . TYR A 1 122 ? -6.501  10.130  -3.862  1.00 42.96  ? 165 TYR A CD1 1 
ATOM   795  C CD2 . TYR A 1 122 ? -4.360  10.912  -3.111  1.00 39.78  ? 165 TYR A CD2 1 
ATOM   796  C CE1 . TYR A 1 122 ? -6.453  11.005  -4.947  1.00 40.25  ? 165 TYR A CE1 1 
ATOM   797  C CE2 . TYR A 1 122 ? -4.304  11.793  -4.192  1.00 39.67  ? 165 TYR A CE2 1 
ATOM   798  C CZ  . TYR A 1 122 ? -5.351  11.834  -5.107  1.00 40.58  ? 165 TYR A CZ  1 
ATOM   799  O OH  . TYR A 1 122 ? -5.298  12.698  -6.180  1.00 40.32  ? 165 TYR A OH  1 
ATOM   800  N N   . LEU A 1 123 ? -4.360  7.141   -4.391  1.00 42.41  ? 166 LEU A N   1 
ATOM   801  C CA  . LEU A 1 123 ? -3.209  6.811   -5.221  1.00 41.80  ? 166 LEU A CA  1 
ATOM   802  C C   . LEU A 1 123 ? -2.913  7.839   -6.299  1.00 39.84  ? 166 LEU A C   1 
ATOM   803  O O   . LEU A 1 123 ? -2.263  7.530   -7.291  1.00 39.39  ? 166 LEU A O   1 
ATOM   804  C CB  . LEU A 1 123 ? -3.398  5.415   -5.840  1.00 41.07  ? 166 LEU A CB  1 
ATOM   805  C CG  . LEU A 1 123 ? -3.388  4.284   -4.797  1.00 42.60  ? 166 LEU A CG  1 
ATOM   806  C CD1 . LEU A 1 123 ? -4.036  3.017   -5.356  1.00 42.12  ? 166 LEU A CD1 1 
ATOM   807  C CD2 . LEU A 1 123 ? -1.951  4.023   -4.351  1.00 39.67  ? 166 LEU A CD2 1 
ATOM   808  N N   . GLY A 1 124 ? -3.387  9.063   -6.083  1.00 40.54  ? 167 GLY A N   1 
ATOM   809  C CA  . GLY A 1 124 ? -3.151  10.146  -7.020  1.00 39.71  ? 167 GLY A CA  1 
ATOM   810  C C   . GLY A 1 124 ? -4.070  10.175  -8.227  1.00 40.70  ? 167 GLY A C   1 
ATOM   811  O O   . GLY A 1 124 ? -4.771  9.194   -8.515  1.00 39.72  ? 167 GLY A O   1 
ATOM   812  N N   . SER A 1 125 ? -4.056  11.314  -8.924  1.00 39.09  ? 168 SER A N   1 
ATOM   813  C CA  . SER A 1 125 ? -4.859  11.541  -10.125 1.00 40.94  ? 168 SER A CA  1 
ATOM   814  C C   . SER A 1 125 ? -6.334  11.291  -9.856  1.00 42.27  ? 168 SER A C   1 
ATOM   815  O O   . SER A 1 125 ? -7.066  10.818  -10.724 1.00 42.03  ? 168 SER A O   1 
ATOM   816  C CB  . SER A 1 125 ? -4.384  10.640  -11.278 1.00 44.23  ? 168 SER A CB  1 
ATOM   817  O OG  . SER A 1 125 ? -3.010  10.850  -11.579 1.00 47.62  ? 168 SER A OG  1 
ATOM   818  N N   . GLY A 1 126 ? -6.768  11.611  -8.645  1.00 42.98  ? 169 GLY A N   1 
ATOM   819  C CA  . GLY A 1 126 ? -8.161  11.424  -8.294  1.00 43.09  ? 169 GLY A CA  1 
ATOM   820  C C   . GLY A 1 126 ? -8.585  9.979   -8.144  1.00 42.92  ? 169 GLY A C   1 
ATOM   821  O O   . GLY A 1 126 ? -9.774  9.687   -8.117  1.00 46.09  ? 169 GLY A O   1 
ATOM   822  N N   . ALA A 1 127 ? -7.631  9.066   -8.036  1.00 42.29  ? 170 ALA A N   1 
ATOM   823  C CA  . ALA A 1 127 ? -7.976  7.654   -7.892  1.00 41.37  ? 170 ALA A CA  1 
ATOM   824  C C   . ALA A 1 127 ? -7.879  7.159   -6.452  1.00 40.96  ? 170 ALA A C   1 
ATOM   825  O O   . ALA A 1 127 ? -6.798  7.143   -5.882  1.00 39.20  ? 170 ALA A O   1 
ATOM   826  C CB  . ALA A 1 127 ? -7.077  6.810   -8.782  1.00 42.41  ? 170 ALA A CB  1 
ATOM   827  N N   . TYR A 1 128 ? -9.010  6.771   -5.865  1.00 42.24  ? 171 TYR A N   1 
ATOM   828  C CA  . TYR A 1 128 ? -9.037  6.223   -4.503  1.00 43.45  ? 171 TYR A CA  1 
ATOM   829  C C   . TYR A 1 128 ? -9.302  4.733   -4.632  1.00 43.49  ? 171 TYR A C   1 
ATOM   830  O O   . TYR A 1 128 ? -10.350 4.351   -5.126  1.00 45.50  ? 171 TYR A O   1 
ATOM   831  C CB  . TYR A 1 128 ? -10.163 6.838   -3.668  1.00 44.46  ? 171 TYR A CB  1 
ATOM   832  C CG  . TYR A 1 128 ? -9.950  8.282   -3.303  1.00 46.01  ? 171 TYR A CG  1 
ATOM   833  C CD1 . TYR A 1 128 ? -10.217 9.293   -4.216  1.00 46.79  ? 171 TYR A CD1 1 
ATOM   834  C CD2 . TYR A 1 128 ? -9.444  8.634   -2.050  1.00 47.01  ? 171 TYR A CD2 1 
ATOM   835  C CE1 . TYR A 1 128 ? -9.987  10.618  -3.899  1.00 48.25  ? 171 TYR A CE1 1 
ATOM   836  C CE2 . TYR A 1 128 ? -9.205  9.958   -1.722  1.00 47.53  ? 171 TYR A CE2 1 
ATOM   837  C CZ  . TYR A 1 128 ? -9.476  10.947  -2.656  1.00 49.89  ? 171 TYR A CZ  1 
ATOM   838  O OH  . TYR A 1 128 ? -9.215  12.269  -2.361  1.00 54.48  ? 171 TYR A OH  1 
ATOM   839  N N   . GLY A 1 129 ? -8.362  3.896   -4.199  1.00 43.96  ? 172 GLY A N   1 
ATOM   840  C CA  . GLY A 1 129 ? -8.545  2.453   -4.295  1.00 42.43  ? 172 GLY A CA  1 
ATOM   841  C C   . GLY A 1 129 ? -7.749  1.869   -5.451  1.00 42.59  ? 172 GLY A C   1 
ATOM   842  O O   . GLY A 1 129 ? -7.459  2.579   -6.402  1.00 42.22  ? 172 GLY A O   1 
ATOM   843  N N   . VAL A 1 130 ? -7.407  0.582   -5.379  1.00 42.18  ? 173 VAL A N   1 
ATOM   844  C CA  . VAL A 1 130 ? -6.625  -0.068  -6.428  1.00 41.46  ? 173 VAL A CA  1 
ATOM   845  C C   . VAL A 1 130 ? -7.323  -0.277  -7.774  1.00 44.12  ? 173 VAL A C   1 
ATOM   846  O O   . VAL A 1 130 ? -6.665  -0.226  -8.821  1.00 43.56  ? 173 VAL A O   1 
ATOM   847  C CB  . VAL A 1 130 ? -6.055  -1.438  -5.960  1.00 40.22  ? 173 VAL A CB  1 
ATOM   848  C CG1 . VAL A 1 130 ? -4.960  -1.217  -4.916  1.00 39.76  ? 173 VAL A CG1 1 
ATOM   849  C CG2 . VAL A 1 130 ? -7.161  -2.311  -5.388  1.00 35.62  ? 173 VAL A CG2 1 
ATOM   850  N N   . GLU A 1 131 ? -8.634  -0.514  -7.764  1.00 44.88  ? 174 GLU A N   1 
ATOM   851  C CA  . GLU A 1 131 ? -9.365  -0.714  -9.018  1.00 47.29  ? 174 GLU A CA  1 
ATOM   852  C C   . GLU A 1 131 ? -9.425  0.580   -9.819  1.00 46.24  ? 174 GLU A C   1 
ATOM   853  O O   . GLU A 1 131 ? -9.224  0.579   -11.032 1.00 45.39  ? 174 GLU A O   1 
ATOM   854  C CB  . GLU A 1 131 ? -10.788 -1.221  -8.748  1.00 50.01  ? 174 GLU A CB  1 
ATOM   855  C CG  . GLU A 1 131 ? -11.711 -1.233  -9.976  1.00 50.53  ? 174 GLU A CG  1 
ATOM   856  C CD  . GLU A 1 131 ? -11.248 -2.172  -11.092 1.00 54.22  ? 174 GLU A CD  1 
ATOM   857  O OE1 . GLU A 1 131 ? -10.230 -2.882  -10.926 1.00 53.52  ? 174 GLU A OE1 1 
ATOM   858  O OE2 . GLU A 1 131 ? -11.917 -2.199  -12.148 1.00 53.27  ? 174 GLU A OE2 1 
ATOM   859  N N   . ALA A 1 132 ? -9.703  1.681   -9.130  1.00 44.87  ? 175 ALA A N   1 
ATOM   860  C CA  . ALA A 1 132 ? -9.775  2.982   -9.776  1.00 43.01  ? 175 ALA A CA  1 
ATOM   861  C C   . ALA A 1 132 ? -8.395  3.379   -10.287 1.00 44.03  ? 175 ALA A C   1 
ATOM   862  O O   . ALA A 1 132 ? -8.269  3.982   -11.355 1.00 45.51  ? 175 ALA A O   1 
ATOM   863  C CB  . ALA A 1 132 ? -10.292 4.031   -8.786  1.00 38.58  ? 175 ALA A CB  1 
ATOM   864  N N   . ALA A 1 133 ? -7.360  3.047   -9.516  1.00 41.46  ? 176 ALA A N   1 
ATOM   865  C CA  . ALA A 1 133 ? -5.991  3.372   -9.899  1.00 41.14  ? 176 ALA A CA  1 
ATOM   866  C C   . ALA A 1 133 ? -5.594  2.594   -11.150 1.00 41.43  ? 176 ALA A C   1 
ATOM   867  O O   . ALA A 1 133 ? -4.960  3.140   -12.052 1.00 40.97  ? 176 ALA A O   1 
ATOM   868  C CB  . ALA A 1 133 ? -5.037  3.044   -8.755  1.00 39.52  ? 176 ALA A CB  1 
ATOM   869  N N   . ALA A 1 134 ? -5.969  1.318   -11.183 1.00 42.63  ? 177 ALA A N   1 
ATOM   870  C CA  . ALA A 1 134 ? -5.682  0.432   -12.300 1.00 45.23  ? 177 ALA A CA  1 
ATOM   871  C C   . ALA A 1 134 ? -6.290  0.972   -13.593 1.00 48.51  ? 177 ALA A C   1 
ATOM   872  O O   . ALA A 1 134 ? -5.668  0.919   -14.653 1.00 52.05  ? 177 ALA A O   1 
ATOM   873  C CB  . ALA A 1 134 ? -6.230  -0.958  -12.006 1.00 43.09  ? 177 ALA A CB  1 
ATOM   874  N N   . GLN A 1 135 ? -7.508  1.492   -13.504 1.00 49.18  ? 178 GLN A N   1 
ATOM   875  C CA  . GLN A 1 135 ? -8.184  2.054   -14.669 1.00 50.44  ? 178 GLN A CA  1 
ATOM   876  C C   . GLN A 1 135 ? -7.538  3.367   -15.110 1.00 49.01  ? 178 GLN A C   1 
ATOM   877  O O   . GLN A 1 135 ? -7.265  3.567   -16.294 1.00 49.21  ? 178 GLN A O   1 
ATOM   878  C CB  . GLN A 1 135 ? -9.676  2.253   -14.365 1.00 50.93  ? 178 GLN A CB  1 
ATOM   879  C CG  . GLN A 1 135 ? -10.463 0.940   -14.418 1.00 54.83  ? 178 GLN A CG  1 
ATOM   880  C CD  . GLN A 1 135 ? -11.937 1.091   -14.069 1.00 58.63  ? 178 GLN A CD  1 
ATOM   881  O OE1 . GLN A 1 135 ? -12.592 2.060   -14.464 1.00 60.41  ? 178 GLN A OE1 1 
ATOM   882  N NE2 . GLN A 1 135 ? -12.473 0.114   -13.343 1.00 59.99  ? 178 GLN A NE2 1 
ATOM   883  N N   . VAL A 1 136 ? -7.275  4.254   -14.156 1.00 47.46  ? 179 VAL A N   1 
ATOM   884  C CA  . VAL A 1 136 ? -6.657  5.534   -14.472 1.00 46.34  ? 179 VAL A CA  1 
ATOM   885  C C   . VAL A 1 136 ? -5.226  5.419   -15.021 1.00 48.20  ? 179 VAL A C   1 
ATOM   886  O O   . VAL A 1 136 ? -4.867  6.119   -15.968 1.00 47.72  ? 179 VAL A O   1 
ATOM   887  C CB  . VAL A 1 136 ? -6.635  6.467   -13.238 1.00 45.42  ? 179 VAL A CB  1 
ATOM   888  C CG1 . VAL A 1 136 ? -5.940  7.763   -13.581 1.00 41.59  ? 179 VAL A CG1 1 
ATOM   889  C CG2 . VAL A 1 136 ? -8.065  6.755   -12.773 1.00 46.47  ? 179 VAL A CG2 1 
ATOM   890  N N   . TYR A 1 137 ? -4.414  4.538   -14.440 1.00 47.70  ? 180 TYR A N   1 
ATOM   891  C CA  . TYR A 1 137 ? -3.031  4.396   -14.886 1.00 46.63  ? 180 TYR A CA  1 
ATOM   892  C C   . TYR A 1 137 ? -2.777  3.336   -15.970 1.00 47.86  ? 180 TYR A C   1 
ATOM   893  O O   . TYR A 1 137 ? -1.802  3.436   -16.709 1.00 46.90  ? 180 TYR A O   1 
ATOM   894  C CB  . TYR A 1 137 ? -2.117  4.119   -13.679 1.00 42.82  ? 180 TYR A CB  1 
ATOM   895  C CG  . TYR A 1 137 ? -2.016  5.263   -12.683 1.00 42.09  ? 180 TYR A CG  1 
ATOM   896  C CD1 . TYR A 1 137 ? -2.405  5.089   -11.350 1.00 39.86  ? 180 TYR A CD1 1 
ATOM   897  C CD2 . TYR A 1 137 ? -1.534  6.515   -13.070 1.00 39.60  ? 180 TYR A CD2 1 
ATOM   898  C CE1 . TYR A 1 137 ? -2.317  6.134   -10.424 1.00 39.58  ? 180 TYR A CE1 1 
ATOM   899  C CE2 . TYR A 1 137 ? -1.438  7.566   -12.153 1.00 40.75  ? 180 TYR A CE2 1 
ATOM   900  C CZ  . TYR A 1 137 ? -1.832  7.367   -10.830 1.00 41.03  ? 180 TYR A CZ  1 
ATOM   901  O OH  . TYR A 1 137 ? -1.742  8.395   -9.918  1.00 41.84  ? 180 TYR A OH  1 
ATOM   902  N N   . PHE A 1 138 ? -3.642  2.332   -16.079 1.00 48.70  ? 181 PHE A N   1 
ATOM   903  C CA  . PHE A 1 138 ? -3.420  1.283   -17.073 1.00 50.93  ? 181 PHE A CA  1 
ATOM   904  C C   . PHE A 1 138 ? -4.644  0.903   -17.906 1.00 52.71  ? 181 PHE A C   1 
ATOM   905  O O   . PHE A 1 138 ? -4.584  -0.025  -18.717 1.00 53.90  ? 181 PHE A O   1 
ATOM   906  C CB  . PHE A 1 138 ? -2.868  0.033   -16.379 1.00 50.76  ? 181 PHE A CB  1 
ATOM   907  C CG  . PHE A 1 138 ? -1.723  0.318   -15.445 1.00 52.80  ? 181 PHE A CG  1 
ATOM   908  C CD1 . PHE A 1 138 ? -0.494  0.747   -15.937 1.00 52.11  ? 181 PHE A CD1 1 
ATOM   909  C CD2 . PHE A 1 138 ? -1.888  0.195   -14.066 1.00 52.16  ? 181 PHE A CD2 1 
ATOM   910  C CE1 . PHE A 1 138 ? 0.550   1.052   -15.070 1.00 53.66  ? 181 PHE A CE1 1 
ATOM   911  C CE2 . PHE A 1 138 ? -0.850  0.495   -13.191 1.00 52.36  ? 181 PHE A CE2 1 
ATOM   912  C CZ  . PHE A 1 138 ? 0.370   0.926   -13.692 1.00 53.70  ? 181 PHE A CZ  1 
ATOM   913  N N   . GLY A 1 139 ? -5.750  1.610   -17.710 1.00 53.35  ? 182 GLY A N   1 
ATOM   914  C CA  . GLY A 1 139 ? -6.951  1.313   -18.469 1.00 54.88  ? 182 GLY A CA  1 
ATOM   915  C C   . GLY A 1 139 ? -7.412  -0.134  -18.381 1.00 55.81  ? 182 GLY A C   1 
ATOM   916  O O   . GLY A 1 139 ? -7.799  -0.730  -19.386 1.00 56.08  ? 182 GLY A O   1 
ATOM   917  N N   . LYS A 1 140 ? -7.380  -0.701  -17.180 1.00 56.15  ? 183 LYS A N   1 
ATOM   918  C CA  . LYS A 1 140 ? -7.812  -2.077  -16.975 1.00 55.28  ? 183 LYS A CA  1 
ATOM   919  C C   . LYS A 1 140 ? -8.205  -2.344  -15.527 1.00 54.92  ? 183 LYS A C   1 
ATOM   920  O O   . LYS A 1 140 ? -8.024  -1.500  -14.654 1.00 57.53  ? 183 LYS A O   1 
ATOM   921  C CB  . LYS A 1 140 ? -6.708  -3.047  -17.400 1.00 55.95  ? 183 LYS A CB  1 
ATOM   922  C CG  . LYS A 1 140 ? -5.380  -2.801  -16.731 1.00 57.25  ? 183 LYS A CG  1 
ATOM   923  C CD  . LYS A 1 140 ? -4.358  -3.853  -17.112 1.00 58.38  ? 183 LYS A CD  1 
ATOM   924  C CE  . LYS A 1 140 ? -4.047  -3.813  -18.588 1.00 60.43  ? 183 LYS A CE  1 
ATOM   925  N NZ  . LYS A 1 140 ? -3.033  -4.838  -18.934 1.00 63.04  ? 183 LYS A NZ  1 
ATOM   926  N N   . HIS A 1 141 ? -8.755  -3.525  -15.288 1.00 53.53  ? 184 HIS A N   1 
ATOM   927  C CA  . HIS A 1 141 ? -9.179  -3.931  -13.961 1.00 53.76  ? 184 HIS A CA  1 
ATOM   928  C C   . HIS A 1 141 ? -7.967  -4.398  -13.166 1.00 53.36  ? 184 HIS A C   1 
ATOM   929  O O   . HIS A 1 141 ? -7.004  -4.918  -13.738 1.00 51.11  ? 184 HIS A O   1 
ATOM   930  C CB  . HIS A 1 141 ? -10.211 -5.057  -14.064 1.00 54.42  ? 184 HIS A CB  1 
ATOM   931  C CG  . HIS A 1 141 ? -11.439 -4.671  -14.825 1.00 57.56  ? 184 HIS A CG  1 
ATOM   932  N ND1 . HIS A 1 141 ? -12.316 -3.706  -14.382 1.00 58.79  ? 184 HIS A ND1 1 
ATOM   933  C CD2 . HIS A 1 141 ? -11.907 -5.079  -16.029 1.00 59.73  ? 184 HIS A CD2 1 
ATOM   934  C CE1 . HIS A 1 141 ? -13.269 -3.530  -15.279 1.00 59.86  ? 184 HIS A CE1 1 
ATOM   935  N NE2 . HIS A 1 141 ? -13.044 -4.351  -16.290 1.00 60.90  ? 184 HIS A NE2 1 
ATOM   936  N N   . VAL A 1 142 ? -8.023  -4.210  -11.849 1.00 51.70  ? 185 VAL A N   1 
ATOM   937  C CA  . VAL A 1 142 ? -6.917  -4.592  -10.984 1.00 50.35  ? 185 VAL A CA  1 
ATOM   938  C C   . VAL A 1 142 ? -6.530  -6.054  -11.185 1.00 50.89  ? 185 VAL A C   1 
ATOM   939  O O   . VAL A 1 142 ? -5.349  -6.400  -11.108 1.00 49.47  ? 185 VAL A O   1 
ATOM   940  C CB  . VAL A 1 142 ? -7.249  -4.325  -9.477  1.00 48.65  ? 185 VAL A CB  1 
ATOM   941  C CG1 . VAL A 1 142 ? -8.401  -5.199  -9.005  1.00 45.45  ? 185 VAL A CG1 1 
ATOM   942  C CG2 . VAL A 1 142 ? -6.014  -4.574  -8.622  1.00 49.06  ? 185 VAL A CG2 1 
ATOM   943  N N   . TRP A 1 143 ? -7.515  -6.902  -11.471 1.00 51.60  ? 186 TRP A N   1 
ATOM   944  C CA  . TRP A 1 143 ? -7.244  -8.322  -11.660 1.00 52.86  ? 186 TRP A CA  1 
ATOM   945  C C   . TRP A 1 143 ? -6.577  -8.662  -12.992 1.00 51.96  ? 186 TRP A C   1 
ATOM   946  O O   . TRP A 1 143 ? -6.264  -9.818  -13.256 1.00 53.49  ? 186 TRP A O   1 
ATOM   947  C CB  . TRP A 1 143 ? -8.527  -9.142  -11.468 1.00 54.20  ? 186 TRP A CB  1 
ATOM   948  C CG  . TRP A 1 143 ? -9.659  -8.762  -12.361 1.00 57.11  ? 186 TRP A CG  1 
ATOM   949  C CD1 . TRP A 1 143 ? -9.835  -9.129  -13.664 1.00 57.58  ? 186 TRP A CD1 1 
ATOM   950  C CD2 . TRP A 1 143 ? -10.778 -7.931  -12.023 1.00 58.01  ? 186 TRP A CD2 1 
ATOM   951  N NE1 . TRP A 1 143 ? -10.994 -8.581  -14.157 1.00 59.13  ? 186 TRP A NE1 1 
ATOM   952  C CE2 . TRP A 1 143 ? -11.593 -7.842  -13.172 1.00 58.15  ? 186 TRP A CE2 1 
ATOM   953  C CE3 . TRP A 1 143 ? -11.169 -7.253  -10.860 1.00 58.53  ? 186 TRP A CE3 1 
ATOM   954  C CZ2 . TRP A 1 143 ? -12.777 -7.102  -13.194 1.00 57.50  ? 186 TRP A CZ2 1 
ATOM   955  C CZ3 . TRP A 1 143 ? -12.349 -6.513  -10.883 1.00 58.60  ? 186 TRP A CZ3 1 
ATOM   956  C CH2 . TRP A 1 143 ? -13.139 -6.446  -12.045 1.00 58.69  ? 186 TRP A CH2 1 
ATOM   957  N N   . GLU A 1 144 ? -6.344  -7.654  -13.821 1.00 51.04  ? 187 GLU A N   1 
ATOM   958  C CA  . GLU A 1 144 ? -5.678  -7.865  -15.107 1.00 53.29  ? 187 GLU A CA  1 
ATOM   959  C C   . GLU A 1 144 ? -4.279  -7.247  -15.051 1.00 52.29  ? 187 GLU A C   1 
ATOM   960  O O   . GLU A 1 144 ? -3.595  -7.144  -16.071 1.00 51.91  ? 187 GLU A O   1 
ATOM   961  C CB  . GLU A 1 144 ? -6.460  -7.202  -16.251 1.00 52.80  ? 187 GLU A CB  1 
ATOM   962  C CG  . GLU A 1 144 ? -7.906  -7.633  -16.366 1.00 55.22  ? 187 GLU A CG  1 
ATOM   963  C CD  . GLU A 1 144 ? -8.635  -6.913  -17.481 1.00 57.42  ? 187 GLU A CD  1 
ATOM   964  O OE1 . GLU A 1 144 ? -8.604  -5.663  -17.521 1.00 58.73  ? 187 GLU A OE1 1 
ATOM   965  O OE2 . GLU A 1 144 ? -9.248  -7.597  -18.319 1.00 60.39  ? 187 GLU A OE2 1 
ATOM   966  N N   . LEU A 1 145 ? -3.856  -6.834  -13.858 1.00 51.86  ? 188 LEU A N   1 
ATOM   967  C CA  . LEU A 1 145 ? -2.547  -6.206  -13.702 1.00 50.78  ? 188 LEU A CA  1 
ATOM   968  C C   . LEU A 1 145 ? -1.378  -7.178  -13.691 1.00 50.08  ? 188 LEU A C   1 
ATOM   969  O O   . LEU A 1 145 ? -1.475  -8.281  -13.159 1.00 49.25  ? 188 LEU A O   1 
ATOM   970  C CB  . LEU A 1 145 ? -2.505  -5.351  -12.429 1.00 48.27  ? 188 LEU A CB  1 
ATOM   971  C CG  . LEU A 1 145 ? -3.395  -4.103  -12.423 1.00 49.42  ? 188 LEU A CG  1 
ATOM   972  C CD1 . LEU A 1 145 ? -3.157  -3.327  -11.146 1.00 48.32  ? 188 LEU A CD1 1 
ATOM   973  C CD2 . LEU A 1 145 ? -3.092  -3.228  -13.634 1.00 47.56  ? 188 LEU A CD2 1 
ATOM   974  N N   . SER A 1 146 ? -0.275  -6.753  -14.299 1.00 49.35  ? 189 SER A N   1 
ATOM   975  C CA  . SER A 1 146 ? 0.936   -7.557  -14.341 1.00 48.21  ? 189 SER A CA  1 
ATOM   976  C C   . SER A 1 146 ? 1.740   -7.210  -13.094 1.00 47.56  ? 189 SER A C   1 
ATOM   977  O O   . SER A 1 146 ? 1.378   -6.287  -12.367 1.00 48.03  ? 189 SER A O   1 
ATOM   978  C CB  . SER A 1 146 ? 1.750   -7.223  -15.591 1.00 47.06  ? 189 SER A CB  1 
ATOM   979  O OG  . SER A 1 146 ? 2.088   -5.849  -15.620 1.00 49.39  ? 189 SER A OG  1 
ATOM   980  N N   . LEU A 1 147 ? 2.827   -7.943  -12.859 1.00 47.18  ? 190 LEU A N   1 
ATOM   981  C CA  . LEU A 1 147 ? 3.687   -7.726  -11.701 1.00 44.45  ? 190 LEU A CA  1 
ATOM   982  C C   . LEU A 1 147 ? 4.310   -6.337  -11.663 1.00 44.69  ? 190 LEU A C   1 
ATOM   983  O O   . LEU A 1 147 ? 4.408   -5.735  -10.600 1.00 46.56  ? 190 LEU A O   1 
ATOM   984  C CB  . LEU A 1 147 ? 4.801   -8.777  -11.659 1.00 42.66  ? 190 LEU A CB  1 
ATOM   985  C CG  . LEU A 1 147 ? 5.971   -8.521  -10.687 1.00 43.68  ? 190 LEU A CG  1 
ATOM   986  C CD1 . LEU A 1 147 ? 5.462   -8.443  -9.251  1.00 39.00  ? 190 LEU A CD1 1 
ATOM   987  C CD2 . LEU A 1 147 ? 7.013   -9.631  -10.833 1.00 38.61  ? 190 LEU A CD2 1 
ATOM   988  N N   . ASP A 1 148 ? 4.734   -5.827  -12.813 1.00 43.95  ? 191 ASP A N   1 
ATOM   989  C CA  . ASP A 1 148 ? 5.348   -4.508  -12.857 1.00 42.80  ? 191 ASP A CA  1 
ATOM   990  C C   . ASP A 1 148 ? 4.314   -3.401  -12.651 1.00 43.77  ? 191 ASP A C   1 
ATOM   991  O O   . ASP A 1 148 ? 4.639   -2.326  -12.130 1.00 42.84  ? 191 ASP A O   1 
ATOM   992  C CB  . ASP A 1 148 ? 6.098   -4.299  -14.183 1.00 44.88  ? 191 ASP A CB  1 
ATOM   993  C CG  . ASP A 1 148 ? 5.186   -4.369  -15.406 1.00 46.71  ? 191 ASP A CG  1 
ATOM   994  O OD1 . ASP A 1 148 ? 4.822   -5.492  -15.814 1.00 49.67  ? 191 ASP A OD1 1 
ATOM   995  O OD2 . ASP A 1 148 ? 4.833   -3.300  -15.954 1.00 44.59  ? 191 ASP A OD2 1 
ATOM   996  N N   . GLU A 1 149 ? 3.071   -3.666  -13.054 1.00 43.07  ? 192 GLU A N   1 
ATOM   997  C CA  . GLU A 1 149 ? 1.987   -2.695  -12.897 1.00 44.08  ? 192 GLU A CA  1 
ATOM   998  C C   . GLU A 1 149 ? 1.542   -2.632  -11.427 1.00 42.06  ? 192 GLU A C   1 
ATOM   999  O O   . GLU A 1 149 ? 1.251   -1.561  -10.899 1.00 42.09  ? 192 GLU A O   1 
ATOM   1000 C CB  . GLU A 1 149 ? 0.800   -3.073  -13.801 1.00 45.77  ? 192 GLU A CB  1 
ATOM   1001 C CG  . GLU A 1 149 ? 1.029   -2.756  -15.275 1.00 49.46  ? 192 GLU A CG  1 
ATOM   1002 C CD  . GLU A 1 149 ? 0.072   -3.478  -16.209 1.00 50.93  ? 192 GLU A CD  1 
ATOM   1003 O OE1 . GLU A 1 149 ? -0.035  -3.052  -17.373 1.00 53.45  ? 192 GLU A OE1 1 
ATOM   1004 O OE2 . GLU A 1 149 ? -0.564  -4.472  -15.794 1.00 52.12  ? 192 GLU A OE2 1 
ATOM   1005 N N   . ALA A 1 150 ? 1.500   -3.787  -10.777 1.00 39.39  ? 193 ALA A N   1 
ATOM   1006 C CA  . ALA A 1 150 ? 1.120   -3.860  -9.374  1.00 39.99  ? 193 ALA A CA  1 
ATOM   1007 C C   . ALA A 1 150 ? 2.116   -3.067  -8.524  1.00 38.00  ? 193 ALA A C   1 
ATOM   1008 O O   . ALA A 1 150 ? 1.722   -2.301  -7.644  1.00 40.19  ? 193 ALA A O   1 
ATOM   1009 C CB  . ALA A 1 150 ? 1.075   -5.334  -8.917  1.00 35.95  ? 193 ALA A CB  1 
ATOM   1010 N N   . ALA A 1 151 ? 3.402   -3.241  -8.811  1.00 38.16  ? 194 ALA A N   1 
ATOM   1011 C CA  . ALA A 1 151 ? 4.472   -2.559  -8.085  1.00 37.81  ? 194 ALA A CA  1 
ATOM   1012 C C   . ALA A 1 151 ? 4.418   -1.038  -8.191  1.00 38.42  ? 194 ALA A C   1 
ATOM   1013 O O   . ALA A 1 151 ? 4.824   -0.331  -7.267  1.00 40.67  ? 194 ALA A O   1 
ATOM   1014 C CB  . ALA A 1 151 ? 5.840   -3.062  -8.575  1.00 35.01  ? 194 ALA A CB  1 
ATOM   1015 N N   . LEU A 1 152 ? 3.942   -0.526  -9.320  1.00 40.22  ? 195 LEU A N   1 
ATOM   1016 C CA  . LEU A 1 152 ? 3.845   0.916   -9.508  1.00 39.14  ? 195 LEU A CA  1 
ATOM   1017 C C   . LEU A 1 152 ? 2.807   1.506   -8.560  1.00 39.94  ? 195 LEU A C   1 
ATOM   1018 O O   . LEU A 1 152 ? 3.000   2.588   -8.004  1.00 41.60  ? 195 LEU A O   1 
ATOM   1019 C CB  . LEU A 1 152 ? 3.456   1.239   -10.945 1.00 41.67  ? 195 LEU A CB  1 
ATOM   1020 C CG  . LEU A 1 152 ? 3.252   2.722   -11.254 1.00 42.68  ? 195 LEU A CG  1 
ATOM   1021 C CD1 . LEU A 1 152 ? 4.517   3.523   -10.972 1.00 43.06  ? 195 LEU A CD1 1 
ATOM   1022 C CD2 . LEU A 1 152 ? 2.875   2.853   -12.703 1.00 47.63  ? 195 LEU A CD2 1 
ATOM   1023 N N   . LEU A 1 153 ? 1.701   0.796   -8.376  1.00 38.78  ? 196 LEU A N   1 
ATOM   1024 C CA  . LEU A 1 153 ? 0.660   1.272   -7.486  1.00 37.68  ? 196 LEU A CA  1 
ATOM   1025 C C   . LEU A 1 153 ? 1.160   1.308   -6.040  1.00 37.59  ? 196 LEU A C   1 
ATOM   1026 O O   . LEU A 1 153 ? 0.858   2.245   -5.306  1.00 38.07  ? 196 LEU A O   1 
ATOM   1027 C CB  . LEU A 1 153 ? -0.585  0.382   -7.587  1.00 38.56  ? 196 LEU A CB  1 
ATOM   1028 C CG  . LEU A 1 153 ? -1.349  0.313   -8.911  1.00 38.67  ? 196 LEU A CG  1 
ATOM   1029 C CD1 . LEU A 1 153 ? -2.640  -0.466  -8.686  1.00 35.90  ? 196 LEU A CD1 1 
ATOM   1030 C CD2 . LEU A 1 153 ? -1.652  1.722   -9.435  1.00 39.66  ? 196 LEU A CD2 1 
ATOM   1031 N N   . ALA A 1 154 ? 1.926   0.295   -5.635  1.00 36.15  ? 197 ALA A N   1 
ATOM   1032 C CA  . ALA A 1 154 ? 2.442   0.235   -4.272  1.00 35.55  ? 197 ALA A CA  1 
ATOM   1033 C C   . ALA A 1 154 ? 3.472   1.348   -3.961  1.00 36.77  ? 197 ALA A C   1 
ATOM   1034 O O   . ALA A 1 154 ? 3.779   1.631   -2.797  1.00 35.89  ? 197 ALA A O   1 
ATOM   1035 C CB  . ALA A 1 154 ? 3.046   -1.143  -4.003  1.00 28.39  ? 197 ALA A CB  1 
ATOM   1036 N N   . ALA A 1 155 ? 3.977   1.999   -4.999  1.00 37.18  ? 198 ALA A N   1 
ATOM   1037 C CA  . ALA A 1 155 ? 4.953   3.063   -4.819  1.00 37.33  ? 198 ALA A CA  1 
ATOM   1038 C C   . ALA A 1 155 ? 4.332   4.435   -4.530  1.00 38.86  ? 198 ALA A C   1 
ATOM   1039 O O   . ALA A 1 155 ? 5.011   5.349   -4.052  1.00 41.06  ? 198 ALA A O   1 
ATOM   1040 C CB  . ALA A 1 155 ? 5.836   3.154   -6.063  1.00 34.85  ? 198 ALA A CB  1 
ATOM   1041 N N   . LEU A 1 156 ? 3.040   4.572   -4.795  1.00 37.54  ? 199 LEU A N   1 
ATOM   1042 C CA  . LEU A 1 156 ? 2.357   5.846   -4.626  1.00 38.01  ? 199 LEU A CA  1 
ATOM   1043 C C   . LEU A 1 156 ? 1.957   6.323   -3.224  1.00 39.18  ? 199 LEU A C   1 
ATOM   1044 O O   . LEU A 1 156 ? 2.095   7.504   -2.913  1.00 39.78  ? 199 LEU A O   1 
ATOM   1045 C CB  . LEU A 1 156 ? 1.132   5.868   -5.556  1.00 36.80  ? 199 LEU A CB  1 
ATOM   1046 C CG  . LEU A 1 156 ? 1.511   5.495   -6.999  1.00 39.45  ? 199 LEU A CG  1 
ATOM   1047 C CD1 . LEU A 1 156 ? 0.287   5.424   -7.910  1.00 34.28  ? 199 LEU A CD1 1 
ATOM   1048 C CD2 . LEU A 1 156 ? 2.512   6.524   -7.514  1.00 40.15  ? 199 LEU A CD2 1 
ATOM   1049 N N   . PRO A 1 157 ? 1.458   5.427   -2.364  1.00 40.17  ? 200 PRO A N   1 
ATOM   1050 C CA  . PRO A 1 157 ? 1.049   5.840   -1.013  1.00 42.34  ? 200 PRO A CA  1 
ATOM   1051 C C   . PRO A 1 157 ? 1.993   6.785   -0.260  1.00 44.62  ? 200 PRO A C   1 
ATOM   1052 O O   . PRO A 1 157 ? 1.540   7.673   0.457   1.00 47.80  ? 200 PRO A O   1 
ATOM   1053 C CB  . PRO A 1 157 ? 0.857   4.510   -0.294  1.00 40.09  ? 200 PRO A CB  1 
ATOM   1054 C CG  . PRO A 1 157 ? 0.350   3.614   -1.403  1.00 40.07  ? 200 PRO A CG  1 
ATOM   1055 C CD  . PRO A 1 157 ? 1.278   3.976   -2.550  1.00 38.52  ? 200 PRO A CD  1 
ATOM   1056 N N   . LYS A 1 158 ? 3.297   6.590   -0.407  1.00 46.50  ? 201 LYS A N   1 
ATOM   1057 C CA  . LYS A 1 158 ? 4.279   7.442   0.263   1.00 49.64  ? 201 LYS A CA  1 
ATOM   1058 C C   . LYS A 1 158 ? 4.039   8.921   -0.043  1.00 50.29  ? 201 LYS A C   1 
ATOM   1059 O O   . LYS A 1 158 ? 4.167   9.778   0.831   1.00 51.71  ? 201 LYS A O   1 
ATOM   1060 C CB  . LYS A 1 158 ? 5.690   7.050   -0.181  1.00 50.33  ? 201 LYS A CB  1 
ATOM   1061 C CG  . LYS A 1 158 ? 6.797   7.917   0.379   1.00 51.11  ? 201 LYS A CG  1 
ATOM   1062 C CD  . LYS A 1 158 ? 8.131   7.528   -0.241  1.00 54.99  ? 201 LYS A CD  1 
ATOM   1063 C CE  . LYS A 1 158 ? 9.293   8.319   0.353   1.00 57.52  ? 201 LYS A CE  1 
ATOM   1064 N NZ  . LYS A 1 158 ? 9.506   7.971   1.791   1.00 58.03  ? 201 LYS A NZ  1 
ATOM   1065 N N   . ALA A 1 159 ? 3.700   9.208   -1.297  1.00 48.96  ? 202 ALA A N   1 
ATOM   1066 C CA  . ALA A 1 159 ? 3.429   10.566  -1.755  1.00 47.68  ? 202 ALA A CA  1 
ATOM   1067 C C   . ALA A 1 159 ? 2.974   10.474  -3.210  1.00 46.41  ? 202 ALA A C   1 
ATOM   1068 O O   . ALA A 1 159 ? 3.792   10.519  -4.122  1.00 46.86  ? 202 ALA A O   1 
ATOM   1069 C CB  . ALA A 1 159 ? 4.691   11.424  -1.642  1.00 45.99  ? 202 ALA A CB  1 
ATOM   1070 N N   . PRO A 1 160 ? 1.656   10.349  -3.437  1.00 46.81  ? 203 PRO A N   1 
ATOM   1071 C CA  . PRO A 1 160 ? 1.068   10.240  -4.779  1.00 46.80  ? 203 PRO A CA  1 
ATOM   1072 C C   . PRO A 1 160 ? 1.500   11.310  -5.780  1.00 49.22  ? 203 PRO A C   1 
ATOM   1073 O O   . PRO A 1 160 ? 1.841   10.987  -6.920  1.00 50.89  ? 203 PRO A O   1 
ATOM   1074 C CB  . PRO A 1 160 ? -0.433  10.276  -4.507  1.00 45.34  ? 203 PRO A CB  1 
ATOM   1075 C CG  . PRO A 1 160 ? -0.549  9.682   -3.132  1.00 45.47  ? 203 PRO A CG  1 
ATOM   1076 C CD  . PRO A 1 160 ? 0.608   10.325  -2.401  1.00 44.78  ? 203 PRO A CD  1 
ATOM   1077 N N   . ALA A 1 161 ? 1.492   12.575  -5.368  1.00 48.75  ? 204 ALA A N   1 
ATOM   1078 C CA  . ALA A 1 161 ? 1.876   13.663  -6.267  1.00 49.62  ? 204 ALA A CA  1 
ATOM   1079 C C   . ALA A 1 161 ? 3.378   13.741  -6.519  1.00 51.46  ? 204 ALA A C   1 
ATOM   1080 O O   . ALA A 1 161 ? 3.816   14.259  -7.547  1.00 52.97  ? 204 ALA A O   1 
ATOM   1081 C CB  . ALA A 1 161 ? 1.374   14.993  -5.723  1.00 46.75  ? 204 ALA A CB  1 
ATOM   1082 N N   . LYS A 1 162 ? 4.171   13.223  -5.588  1.00 53.23  ? 205 LYS A N   1 
ATOM   1083 C CA  . LYS A 1 162 ? 5.619   13.251  -5.733  1.00 53.45  ? 205 LYS A CA  1 
ATOM   1084 C C   . LYS A 1 162 ? 6.125   12.114  -6.618  1.00 54.05  ? 205 LYS A C   1 
ATOM   1085 O O   . LYS A 1 162 ? 7.140   12.256  -7.294  1.00 53.72  ? 205 LYS A O   1 
ATOM   1086 C CB  . LYS A 1 162 ? 6.271   13.188  -4.353  1.00 54.90  ? 205 LYS A CB  1 
ATOM   1087 C CG  . LYS A 1 162 ? 7.794   13.170  -4.342  1.00 57.48  ? 205 LYS A CG  1 
ATOM   1088 C CD  . LYS A 1 162 ? 8.316   13.338  -2.909  1.00 60.37  ? 205 LYS A CD  1 
ATOM   1089 C CE  . LYS A 1 162 ? 9.774   12.925  -2.766  1.00 61.37  ? 205 LYS A CE  1 
ATOM   1090 N NZ  . LYS A 1 162 ? 10.674  13.702  -3.657  1.00 65.97  ? 205 LYS A NZ  1 
ATOM   1091 N N   . TYR A 1 163 ? 5.401   10.998  -6.638  1.00 54.04  ? 206 TYR A N   1 
ATOM   1092 C CA  . TYR A 1 163 ? 5.808   9.844   -7.434  1.00 53.16  ? 206 TYR A CA  1 
ATOM   1093 C C   . TYR A 1 163 ? 4.867   9.525   -8.590  1.00 52.63  ? 206 TYR A C   1 
ATOM   1094 O O   . TYR A 1 163 ? 4.970   8.459   -9.200  1.00 51.85  ? 206 TYR A O   1 
ATOM   1095 C CB  . TYR A 1 163 ? 5.935   8.616   -6.530  1.00 53.74  ? 206 TYR A CB  1 
ATOM   1096 C CG  . TYR A 1 163 ? 7.035   8.730   -5.502  1.00 56.36  ? 206 TYR A CG  1 
ATOM   1097 C CD1 . TYR A 1 163 ? 8.376   8.557   -5.861  1.00 56.39  ? 206 TYR A CD1 1 
ATOM   1098 C CD2 . TYR A 1 163 ? 6.744   9.041   -4.174  1.00 56.09  ? 206 TYR A CD2 1 
ATOM   1099 C CE1 . TYR A 1 163 ? 9.396   8.689   -4.925  1.00 56.50  ? 206 TYR A CE1 1 
ATOM   1100 C CE2 . TYR A 1 163 ? 7.758   9.176   -3.231  1.00 56.70  ? 206 TYR A CE2 1 
ATOM   1101 C CZ  . TYR A 1 163 ? 9.082   8.998   -3.612  1.00 57.17  ? 206 TYR A CZ  1 
ATOM   1102 O OH  . TYR A 1 163 ? 10.090  9.119   -2.677  1.00 57.97  ? 206 TYR A OH  1 
ATOM   1103 N N   . ASN A 1 164 ? 3.964   10.449  -8.898  1.00 51.61  ? 207 ASN A N   1 
ATOM   1104 C CA  . ASN A 1 164 ? 2.993   10.243  -9.971  1.00 52.97  ? 207 ASN A CA  1 
ATOM   1105 C C   . ASN A 1 164 ? 3.628   9.999   -11.341 1.00 51.97  ? 207 ASN A C   1 
ATOM   1106 O O   . ASN A 1 164 ? 4.419   10.807  -11.819 1.00 50.21  ? 207 ASN A O   1 
ATOM   1107 C CB  . ASN A 1 164 ? 2.056   11.450  -10.061 1.00 54.15  ? 207 ASN A CB  1 
ATOM   1108 C CG  . ASN A 1 164 ? 0.811   11.157  -10.871 1.00 56.54  ? 207 ASN A CG  1 
ATOM   1109 O OD1 . ASN A 1 164 ? 0.887   10.822  -12.056 1.00 55.52  ? 207 ASN A OD1 1 
ATOM   1110 N ND2 . ASN A 1 164 ? -0.350  11.279  -10.233 1.00 56.91  ? 207 ASN A ND2 1 
ATOM   1111 N N   . PRO A 1 165 ? 3.284   8.878   -11.990 1.00 52.33  ? 208 PRO A N   1 
ATOM   1112 C CA  . PRO A 1 165 ? 3.868   8.613   -13.307 1.00 54.71  ? 208 PRO A CA  1 
ATOM   1113 C C   . PRO A 1 165 ? 3.478   9.665   -14.350 1.00 55.84  ? 208 PRO A C   1 
ATOM   1114 O O   . PRO A 1 165 ? 4.318   10.091  -15.141 1.00 57.24  ? 208 PRO A O   1 
ATOM   1115 C CB  . PRO A 1 165 ? 3.350   7.209   -13.647 1.00 52.40  ? 208 PRO A CB  1 
ATOM   1116 C CG  . PRO A 1 165 ? 2.054   7.122   -12.892 1.00 50.84  ? 208 PRO A CG  1 
ATOM   1117 C CD  . PRO A 1 165 ? 2.392   7.780   -11.574 1.00 52.35  ? 208 PRO A CD  1 
ATOM   1118 N N   . PHE A 1 166 ? 2.217   10.092  -14.331 1.00 56.03  ? 209 PHE A N   1 
ATOM   1119 C CA  . PHE A 1 166 ? 1.719   11.089  -15.281 1.00 55.62  ? 209 PHE A CA  1 
ATOM   1120 C C   . PHE A 1 166 ? 2.524   12.382  -15.381 1.00 58.04  ? 209 PHE A C   1 
ATOM   1121 O O   . PHE A 1 166 ? 2.281   13.179  -16.284 1.00 61.28  ? 209 PHE A O   1 
ATOM   1122 C CB  . PHE A 1 166 ? 0.264   11.459  -14.975 1.00 51.60  ? 209 PHE A CB  1 
ATOM   1123 C CG  . PHE A 1 166 ? -0.732  10.396  -15.345 1.00 47.20  ? 209 PHE A CG  1 
ATOM   1124 C CD1 . PHE A 1 166 ? -2.072  10.541  -15.003 1.00 42.46  ? 209 PHE A CD1 1 
ATOM   1125 C CD2 . PHE A 1 166 ? -0.334  9.242   -16.027 1.00 46.12  ? 209 PHE A CD2 1 
ATOM   1126 C CE1 . PHE A 1 166 ? -3.007  9.557   -15.330 1.00 44.28  ? 209 PHE A CE1 1 
ATOM   1127 C CE2 . PHE A 1 166 ? -1.269  8.245   -16.360 1.00 44.51  ? 209 PHE A CE2 1 
ATOM   1128 C CZ  . PHE A 1 166 ? -2.608  8.407   -16.008 1.00 42.67  ? 209 PHE A CZ  1 
ATOM   1129 N N   . TYR A 1 167 ? 3.461   12.619  -14.468 1.00 58.61  ? 210 TYR A N   1 
ATOM   1130 C CA  . TYR A 1 167 ? 4.258   13.842  -14.561 1.00 59.04  ? 210 TYR A CA  1 
ATOM   1131 C C   . TYR A 1 167 ? 5.572   13.856  -13.789 1.00 58.27  ? 210 TYR A C   1 
ATOM   1132 O O   . TYR A 1 167 ? 6.235   14.885  -13.689 1.00 58.15  ? 210 TYR A O   1 
ATOM   1133 C CB  . TYR A 1 167 ? 3.404   15.062  -14.198 1.00 59.71  ? 210 TYR A CB  1 
ATOM   1134 C CG  . TYR A 1 167 ? 2.662   14.977  -12.885 1.00 60.75  ? 210 TYR A CG  1 
ATOM   1135 C CD1 . TYR A 1 167 ? 3.288   15.299  -11.684 1.00 60.29  ? 210 TYR A CD1 1 
ATOM   1136 C CD2 . TYR A 1 167 ? 1.311   14.633  -12.855 1.00 59.98  ? 210 TYR A CD2 1 
ATOM   1137 C CE1 . TYR A 1 167 ? 2.583   15.289  -10.487 1.00 60.96  ? 210 TYR A CE1 1 
ATOM   1138 C CE2 . TYR A 1 167 ? 0.599   14.619  -11.667 1.00 61.36  ? 210 TYR A CE2 1 
ATOM   1139 C CZ  . TYR A 1 167 ? 1.240   14.951  -10.487 1.00 61.68  ? 210 TYR A CZ  1 
ATOM   1140 O OH  . TYR A 1 167 ? 0.525   14.966  -9.313  1.00 62.91  ? 210 TYR A OH  1 
ATOM   1141 N N   . HIS A 1 168 ? 5.936   12.699  -13.251 1.00 57.08  ? 211 HIS A N   1 
ATOM   1142 C CA  . HIS A 1 168 ? 7.190   12.501  -12.525 1.00 55.94  ? 211 HIS A CA  1 
ATOM   1143 C C   . HIS A 1 168 ? 7.532   11.045  -12.781 1.00 55.91  ? 211 HIS A C   1 
ATOM   1144 O O   . HIS A 1 168 ? 7.837   10.305  -11.848 1.00 54.41  ? 211 HIS A O   1 
ATOM   1145 C CB  . HIS A 1 168 ? 6.999   12.713  -11.030 1.00 56.54  ? 211 HIS A CB  1 
ATOM   1146 C CG  . HIS A 1 168 ? 6.983   14.148  -10.615 1.00 56.99  ? 211 HIS A CG  1 
ATOM   1147 N ND1 . HIS A 1 168 ? 6.109   14.634  -9.667  1.00 57.60  ? 211 HIS A ND1 1 
ATOM   1148 C CD2 . HIS A 1 168 ? 7.765   15.191  -10.979 1.00 57.71  ? 211 HIS A CD2 1 
ATOM   1149 C CE1 . HIS A 1 168 ? 6.355   15.916  -9.462  1.00 58.66  ? 211 HIS A CE1 1 
ATOM   1150 N NE2 . HIS A 1 168 ? 7.355   16.278  -10.246 1.00 57.96  ? 211 HIS A NE2 1 
ATOM   1151 N N   . PRO A 1 169 ? 7.470   10.614  -14.058 1.00 57.61  ? 212 PRO A N   1 
ATOM   1152 C CA  . PRO A 1 169 ? 7.759   9.236   -14.469 1.00 57.97  ? 212 PRO A CA  1 
ATOM   1153 C C   . PRO A 1 169 ? 9.153   8.766   -14.100 1.00 59.88  ? 212 PRO A C   1 
ATOM   1154 O O   . PRO A 1 169 ? 9.384   7.568   -13.944 1.00 59.67  ? 212 PRO A O   1 
ATOM   1155 C CB  . PRO A 1 169 ? 7.541   9.276   -15.975 1.00 57.41  ? 212 PRO A CB  1 
ATOM   1156 C CG  . PRO A 1 169 ? 7.985   10.661  -16.327 1.00 57.45  ? 212 PRO A CG  1 
ATOM   1157 C CD  . PRO A 1 169 ? 7.329   11.482  -15.244 1.00 57.33  ? 212 PRO A CD  1 
ATOM   1158 N N   . GLU A 1 170 ? 10.074  9.717   -13.958 1.00 62.73  ? 213 GLU A N   1 
ATOM   1159 C CA  . GLU A 1 170 ? 11.452  9.413   -13.601 1.00 64.70  ? 213 GLU A CA  1 
ATOM   1160 C C   . GLU A 1 170 ? 11.539  8.780   -12.215 1.00 62.95  ? 213 GLU A C   1 
ATOM   1161 O O   . GLU A 1 170 ? 12.088  7.691   -12.061 1.00 62.69  ? 213 GLU A O   1 
ATOM   1162 C CB  . GLU A 1 170 ? 12.307  10.683  -13.649 1.00 69.82  ? 213 GLU A CB  1 
ATOM   1163 C CG  . GLU A 1 170 ? 12.396  11.316  -15.032 1.00 77.57  ? 213 GLU A CG  1 
ATOM   1164 C CD  . GLU A 1 170 ? 13.428  12.429  -15.106 1.00 81.16  ? 213 GLU A CD  1 
ATOM   1165 O OE1 . GLU A 1 170 ? 14.624  12.152  -14.870 1.00 81.00  ? 213 GLU A OE1 1 
ATOM   1166 O OE2 . GLU A 1 170 ? 13.045  13.580  -15.404 1.00 82.91  ? 213 GLU A OE2 1 
ATOM   1167 N N   . ARG A 1 171 ? 11.002  9.449   -11.201 1.00 60.28  ? 214 ARG A N   1 
ATOM   1168 C CA  . ARG A 1 171 ? 11.064  8.867   -9.870  1.00 59.60  ? 214 ARG A CA  1 
ATOM   1169 C C   . ARG A 1 171 ? 9.980   7.824   -9.618  1.00 55.79  ? 214 ARG A C   1 
ATOM   1170 O O   . ARG A 1 171 ? 10.082  7.043   -8.683  1.00 56.70  ? 214 ARG A O   1 
ATOM   1171 C CB  . ARG A 1 171 ? 11.067  9.954   -8.784  1.00 62.16  ? 214 ARG A CB  1 
ATOM   1172 C CG  . ARG A 1 171 ? 10.085  11.079  -8.948  1.00 64.87  ? 214 ARG A CG  1 
ATOM   1173 C CD  . ARG A 1 171 ? 10.519  12.228  -8.054  1.00 67.87  ? 214 ARG A CD  1 
ATOM   1174 N NE  . ARG A 1 171 ? 9.588   13.353  -8.074  1.00 70.33  ? 214 ARG A NE  1 
ATOM   1175 C CZ  . ARG A 1 171 ? 9.843   14.533  -7.521  1.00 71.76  ? 214 ARG A CZ  1 
ATOM   1176 N NH1 . ARG A 1 171 ? 11.004  14.739  -6.910  1.00 72.61  ? 214 ARG A NH1 1 
ATOM   1177 N NH2 . ARG A 1 171 ? 8.937   15.504  -7.566  1.00 71.79  ? 214 ARG A NH2 1 
ATOM   1178 N N   . ALA A 1 172 ? 8.962   7.789   -10.470 1.00 51.75  ? 215 ALA A N   1 
ATOM   1179 C CA  . ALA A 1 172 ? 7.904   6.798   -10.327 1.00 48.53  ? 215 ALA A CA  1 
ATOM   1180 C C   . ALA A 1 172 ? 8.502   5.444   -10.682 1.00 48.08  ? 215 ALA A C   1 
ATOM   1181 O O   . ALA A 1 172 ? 8.248   4.431   -10.016 1.00 44.50  ? 215 ALA A O   1 
ATOM   1182 C CB  . ALA A 1 172 ? 6.751   7.117   -11.265 1.00 45.45  ? 215 ALA A CB  1 
ATOM   1183 N N   . LEU A 1 173 ? 9.301   5.446   -11.746 1.00 47.72  ? 216 LEU A N   1 
ATOM   1184 C CA  . LEU A 1 173 ? 9.970   4.246   -12.239 1.00 47.98  ? 216 LEU A CA  1 
ATOM   1185 C C   . LEU A 1 173 ? 11.014  3.775   -11.229 1.00 47.83  ? 216 LEU A C   1 
ATOM   1186 O O   . LEU A 1 173 ? 11.206  2.574   -11.003 1.00 45.27  ? 216 LEU A O   1 
ATOM   1187 C CB  . LEU A 1 173 ? 10.667  4.556   -13.562 1.00 51.31  ? 216 LEU A CB  1 
ATOM   1188 C CG  . LEU A 1 173 ? 10.976  3.347   -14.437 1.00 53.76  ? 216 LEU A CG  1 
ATOM   1189 C CD1 . LEU A 1 173 ? 9.705   2.949   -15.182 1.00 52.57  ? 216 LEU A CD1 1 
ATOM   1190 C CD2 . LEU A 1 173 ? 12.091  3.686   -15.414 1.00 54.58  ? 216 LEU A CD2 1 
ATOM   1191 N N   . GLN A 1 174 ? 11.703  4.745   -10.640 1.00 47.36  ? 217 GLN A N   1 
ATOM   1192 C CA  . GLN A 1 174 ? 12.719  4.463   -9.647  1.00 47.34  ? 217 GLN A CA  1 
ATOM   1193 C C   . GLN A 1 174 ? 12.054  3.806   -8.433  1.00 44.02  ? 217 GLN A C   1 
ATOM   1194 O O   . GLN A 1 174 ? 12.475  2.737   -7.986  1.00 43.26  ? 217 GLN A O   1 
ATOM   1195 C CB  . GLN A 1 174 ? 13.416  5.766   -9.242  1.00 50.69  ? 217 GLN A CB  1 
ATOM   1196 C CG  . GLN A 1 174 ? 14.487  5.604   -8.184  1.00 59.67  ? 217 GLN A CG  1 
ATOM   1197 C CD  . GLN A 1 174 ? 15.328  6.859   -8.003  1.00 65.48  ? 217 GLN A CD  1 
ATOM   1198 O OE1 . GLN A 1 174 ? 14.810  7.930   -7.677  1.00 68.61  ? 217 GLN A OE1 1 
ATOM   1199 N NE2 . GLN A 1 174 ? 16.637  6.730   -8.216  1.00 66.49  ? 217 GLN A NE2 1 
ATOM   1200 N N   . ARG A 1 175 ? 10.996  4.419   -7.913  1.00 40.30  ? 218 ARG A N   1 
ATOM   1201 C CA  . ARG A 1 175 ? 10.355  3.836   -6.753  1.00 39.95  ? 218 ARG A CA  1 
ATOM   1202 C C   . ARG A 1 175 ? 9.671   2.501   -7.069  1.00 39.50  ? 218 ARG A C   1 
ATOM   1203 O O   . ARG A 1 175 ? 9.601   1.630   -6.209  1.00 40.71  ? 218 ARG A O   1 
ATOM   1204 C CB  . ARG A 1 175 ? 9.386   4.827   -6.104  1.00 37.74  ? 218 ARG A CB  1 
ATOM   1205 C CG  . ARG A 1 175 ? 8.953   4.347   -4.718  1.00 36.51  ? 218 ARG A CG  1 
ATOM   1206 C CD  . ARG A 1 175 ? 8.357   5.455   -3.875  1.00 39.45  ? 218 ARG A CD  1 
ATOM   1207 N NE  . ARG A 1 175 ? 7.631   4.912   -2.730  1.00 40.29  ? 218 ARG A NE  1 
ATOM   1208 C CZ  . ARG A 1 175 ? 8.196   4.325   -1.682  1.00 39.87  ? 218 ARG A CZ  1 
ATOM   1209 N NH1 . ARG A 1 175 ? 9.512   4.204   -1.615  1.00 40.83  ? 218 ARG A NH1 1 
ATOM   1210 N NH2 . ARG A 1 175 ? 7.439   3.846   -0.705  1.00 39.66  ? 218 ARG A NH2 1 
ATOM   1211 N N   . ARG A 1 176 ? 9.188   2.337   -8.298  1.00 40.00  ? 219 ARG A N   1 
ATOM   1212 C CA  . ARG A 1 176 ? 8.569   1.075   -8.720  1.00 39.11  ? 219 ARG A CA  1 
ATOM   1213 C C   . ARG A 1 176 ? 9.608   -0.039  -8.624  1.00 36.72  ? 219 ARG A C   1 
ATOM   1214 O O   . ARG A 1 176 ? 9.334   -1.112  -8.099  1.00 36.41  ? 219 ARG A O   1 
ATOM   1215 C CB  . ARG A 1 176 ? 8.092   1.137   -10.181 1.00 38.24  ? 219 ARG A CB  1 
ATOM   1216 C CG  . ARG A 1 176 ? 7.467   -0.181  -10.649 1.00 38.92  ? 219 ARG A CG  1 
ATOM   1217 C CD  . ARG A 1 176 ? 7.427   -0.332  -12.161 1.00 38.25  ? 219 ARG A CD  1 
ATOM   1218 N NE  . ARG A 1 176 ? 8.750   -0.618  -12.720 1.00 40.64  ? 219 ARG A NE  1 
ATOM   1219 C CZ  . ARG A 1 176 ? 9.012   -0.694  -14.023 1.00 42.35  ? 219 ARG A CZ  1 
ATOM   1220 N NH1 . ARG A 1 176 ? 8.047   -0.511  -14.913 1.00 42.96  ? 219 ARG A NH1 1 
ATOM   1221 N NH2 . ARG A 1 176 ? 10.247  -0.931  -14.441 1.00 44.58  ? 219 ARG A NH2 1 
ATOM   1222 N N   . ASN A 1 177 ? 10.800  0.217   -9.160  1.00 36.01  ? 220 ASN A N   1 
ATOM   1223 C CA  . ASN A 1 177 ? 11.866  -0.777  -9.127  1.00 37.36  ? 220 ASN A CA  1 
ATOM   1224 C C   . ASN A 1 177 ? 12.310  -1.084  -7.694  1.00 38.71  ? 220 ASN A C   1 
ATOM   1225 O O   . ASN A 1 177 ? 12.776  -2.182  -7.399  1.00 37.36  ? 220 ASN A O   1 
ATOM   1226 C CB  . ASN A 1 177 ? 13.042  -0.313  -9.985  1.00 34.99  ? 220 ASN A CB  1 
ATOM   1227 C CG  . ASN A 1 177 ? 12.742  -0.423  -11.472 1.00 39.18  ? 220 ASN A CG  1 
ATOM   1228 O OD1 . ASN A 1 177 ? 11.635  -0.822  -11.864 1.00 39.72  ? 220 ASN A OD1 1 
ATOM   1229 N ND2 . ASN A 1 177 ? 13.719  -0.068  -12.310 1.00 31.91  ? 220 ASN A ND2 1 
ATOM   1230 N N   . LEU A 1 178 ? 12.145  -0.105  -6.811  1.00 40.25  ? 221 LEU A N   1 
ATOM   1231 C CA  . LEU A 1 178 ? 12.475  -0.262  -5.403  1.00 41.81  ? 221 LEU A CA  1 
ATOM   1232 C C   . LEU A 1 178 ? 11.423  -1.164  -4.731  1.00 40.80  ? 221 LEU A C   1 
ATOM   1233 O O   . LEU A 1 178 ? 11.733  -1.915  -3.811  1.00 40.80  ? 221 LEU A O   1 
ATOM   1234 C CB  . LEU A 1 178 ? 12.526  1.114   -4.735  1.00 44.65  ? 221 LEU A CB  1 
ATOM   1235 C CG  . LEU A 1 178 ? 12.590  1.187   -3.213  1.00 50.83  ? 221 LEU A CG  1 
ATOM   1236 C CD1 . LEU A 1 178 ? 13.649  0.237   -2.674  1.00 51.62  ? 221 LEU A CD1 1 
ATOM   1237 C CD2 . LEU A 1 178 ? 12.876  2.626   -2.813  1.00 51.58  ? 221 LEU A CD2 1 
ATOM   1238 N N   . VAL A 1 179 ? 10.181  -1.092  -5.202  1.00 38.11  ? 222 VAL A N   1 
ATOM   1239 C CA  . VAL A 1 179 ? 9.116   -1.934  -4.661  1.00 37.12  ? 222 VAL A CA  1 
ATOM   1240 C C   . VAL A 1 179 ? 9.401   -3.391  -5.045  1.00 39.03  ? 222 VAL A C   1 
ATOM   1241 O O   . VAL A 1 179 ? 9.307   -4.304  -4.206  1.00 39.19  ? 222 VAL A O   1 
ATOM   1242 C CB  . VAL A 1 179 ? 7.730   -1.507  -5.228  1.00 37.61  ? 222 VAL A CB  1 
ATOM   1243 C CG1 . VAL A 1 179 ? 6.669   -2.554  -4.911  1.00 36.06  ? 222 VAL A CG1 1 
ATOM   1244 C CG2 . VAL A 1 179 ? 7.328   -0.167  -4.642  1.00 35.35  ? 222 VAL A CG2 1 
ATOM   1245 N N   . LEU A 1 180 ? 9.755   -3.592  -6.320  1.00 38.61  ? 223 LEU A N   1 
ATOM   1246 C CA  . LEU A 1 180 ? 10.070  -4.913  -6.863  1.00 37.83  ? 223 LEU A CA  1 
ATOM   1247 C C   . LEU A 1 180 ? 11.220  -5.534  -6.095  1.00 37.56  ? 223 LEU A C   1 
ATOM   1248 O O   . LEU A 1 180 ? 11.252  -6.739  -5.859  1.00 38.99  ? 223 LEU A O   1 
ATOM   1249 C CB  . LEU A 1 180 ? 10.432  -4.805  -8.355  1.00 37.06  ? 223 LEU A CB  1 
ATOM   1250 C CG  . LEU A 1 180 ? 9.253   -4.448  -9.260  1.00 38.25  ? 223 LEU A CG  1 
ATOM   1251 C CD1 . LEU A 1 180 ? 9.723   -4.118  -10.665 1.00 37.61  ? 223 LEU A CD1 1 
ATOM   1252 C CD2 . LEU A 1 180 ? 8.265   -5.616  -9.256  1.00 36.42  ? 223 LEU A CD2 1 
ATOM   1253 N N   . LYS A 1 181 ? 12.169  -4.696  -5.714  1.00 38.80  ? 224 LYS A N   1 
ATOM   1254 C CA  . LYS A 1 181 ? 13.324  -5.125  -4.943  1.00 40.57  ? 224 LYS A CA  1 
ATOM   1255 C C   . LYS A 1 181 ? 12.822  -5.620  -3.567  1.00 40.20  ? 224 LYS A C   1 
ATOM   1256 O O   . LYS A 1 181 ? 13.240  -6.673  -3.076  1.00 38.62  ? 224 LYS A O   1 
ATOM   1257 C CB  . LYS A 1 181 ? 14.281  -3.931  -4.824  1.00 43.11  ? 224 LYS A CB  1 
ATOM   1258 C CG  . LYS A 1 181 ? 15.328  -3.995  -3.740  1.00 47.31  ? 224 LYS A CG  1 
ATOM   1259 C CD  . LYS A 1 181 ? 16.372  -5.050  -3.981  1.00 51.81  ? 224 LYS A CD  1 
ATOM   1260 C CE  . LYS A 1 181 ? 17.546  -4.808  -3.033  1.00 56.29  ? 224 LYS A CE  1 
ATOM   1261 N NZ  . LYS A 1 181 ? 18.444  -5.984  -2.897  1.00 58.52  ? 224 LYS A NZ  1 
ATOM   1262 N N   . ARG A 1 182 ? 11.909  -4.869  -2.956  1.00 40.74  ? 225 ARG A N   1 
ATOM   1263 C CA  . ARG A 1 182 ? 11.349  -5.264  -1.663  1.00 41.53  ? 225 ARG A CA  1 
ATOM   1264 C C   . ARG A 1 182 ? 10.576  -6.580  -1.797  1.00 40.83  ? 225 ARG A C   1 
ATOM   1265 O O   . ARG A 1 182 ? 10.616  -7.420  -0.908  1.00 42.81  ? 225 ARG A O   1 
ATOM   1266 C CB  . ARG A 1 182 ? 10.434  -4.159  -1.110  1.00 42.22  ? 225 ARG A CB  1 
ATOM   1267 C CG  . ARG A 1 182 ? 11.186  -2.929  -0.556  1.00 42.95  ? 225 ARG A CG  1 
ATOM   1268 C CD  . ARG A 1 182 ? 11.990  -3.295  0.699   1.00 45.47  ? 225 ARG A CD  1 
ATOM   1269 N NE  . ARG A 1 182 ? 11.111  -3.829  1.742   1.00 49.29  ? 225 ARG A NE  1 
ATOM   1270 C CZ  . ARG A 1 182 ? 11.313  -4.969  2.403   1.00 50.33  ? 225 ARG A CZ  1 
ATOM   1271 N NH1 . ARG A 1 182 ? 10.444  -5.358  3.326   1.00 49.21  ? 225 ARG A NH1 1 
ATOM   1272 N NH2 . ARG A 1 182 ? 12.376  -5.723  2.147   1.00 50.57  ? 225 ARG A NH2 1 
ATOM   1273 N N   . MET A 1 183 ? 9.880   -6.768  -2.911  1.00 41.45  ? 226 MET A N   1 
ATOM   1274 C CA  . MET A 1 183 ? 9.129   -8.001  -3.119  1.00 41.07  ? 226 MET A CA  1 
ATOM   1275 C C   . MET A 1 183 ? 10.095  -9.187  -3.265  1.00 43.17  ? 226 MET A C   1 
ATOM   1276 O O   . MET A 1 183 ? 9.862   -10.276 -2.722  1.00 43.01  ? 226 MET A O   1 
ATOM   1277 C CB  . MET A 1 183 ? 8.240   -7.872  -4.359  1.00 41.23  ? 226 MET A CB  1 
ATOM   1278 C CG  . MET A 1 183 ? 7.090   -6.867  -4.213  1.00 41.10  ? 226 MET A CG  1 
ATOM   1279 S SD  . MET A 1 183 ? 6.039   -6.739  -5.696  1.00 41.86  ? 226 MET A SD  1 
ATOM   1280 C CE  . MET A 1 183 ? 5.077   -8.287  -5.558  1.00 41.04  ? 226 MET A CE  1 
ATOM   1281 N N   . LEU A 1 184 ? 11.183  -8.970  -3.997  1.00 44.69  ? 227 LEU A N   1 
ATOM   1282 C CA  . LEU A 1 184 ? 12.192  -10.001 -4.196  1.00 45.48  ? 227 LEU A CA  1 
ATOM   1283 C C   . LEU A 1 184 ? 12.764  -10.424 -2.849  1.00 45.86  ? 227 LEU A C   1 
ATOM   1284 O O   . LEU A 1 184 ? 12.879  -11.613 -2.557  1.00 47.04  ? 227 LEU A O   1 
ATOM   1285 C CB  . LEU A 1 184 ? 13.332  -9.473  -5.075  1.00 45.71  ? 227 LEU A CB  1 
ATOM   1286 C CG  . LEU A 1 184 ? 14.525  -10.417 -5.257  1.00 46.72  ? 227 LEU A CG  1 
ATOM   1287 C CD1 . LEU A 1 184 ? 14.072  -11.675 -5.997  1.00 46.66  ? 227 LEU A CD1 1 
ATOM   1288 C CD2 . LEU A 1 184 ? 15.642  -9.704  -6.021  1.00 47.36  ? 227 LEU A CD2 1 
ATOM   1289 N N   . GLU A 1 185 ? 13.121  -9.435  -2.035  1.00 46.17  ? 228 GLU A N   1 
ATOM   1290 C CA  . GLU A 1 185 ? 13.693  -9.679  -0.718  1.00 45.76  ? 228 GLU A CA  1 
ATOM   1291 C C   . GLU A 1 185 ? 12.767  -10.456 0.206   1.00 47.04  ? 228 GLU A C   1 
ATOM   1292 O O   . GLU A 1 185 ? 13.222  -11.322 0.948   1.00 47.60  ? 228 GLU A O   1 
ATOM   1293 C CB  . GLU A 1 185 ? 14.070  -8.358  -0.058  1.00 44.37  ? 228 GLU A CB  1 
ATOM   1294 C CG  . GLU A 1 185 ? 15.156  -7.586  -0.775  1.00 43.98  ? 228 GLU A CG  1 
ATOM   1295 C CD  . GLU A 1 185 ? 15.472  -6.266  -0.084  1.00 43.55  ? 228 GLU A CD  1 
ATOM   1296 O OE1 . GLU A 1 185 ? 14.734  -5.905  0.853   1.00 42.49  ? 228 GLU A OE1 1 
ATOM   1297 O OE2 . GLU A 1 185 ? 16.448  -5.595  -0.478  1.00 41.70  ? 228 GLU A OE2 1 
ATOM   1298 N N   . GLU A 1 186 ? 11.474  -10.137 0.166   1.00 47.63  ? 229 GLU A N   1 
ATOM   1299 C CA  . GLU A 1 186 ? 10.480  -10.812 0.999   1.00 46.99  ? 229 GLU A CA  1 
ATOM   1300 C C   . GLU A 1 186 ? 10.116  -12.204 0.484   1.00 47.09  ? 229 GLU A C   1 
ATOM   1301 O O   . GLU A 1 186 ? 9.360   -12.928 1.132   1.00 47.91  ? 229 GLU A O   1 
ATOM   1302 C CB  . GLU A 1 186 ? 9.199   -9.973  1.085   1.00 46.88  ? 229 GLU A CB  1 
ATOM   1303 C CG  . GLU A 1 186 ? 9.329   -8.683  1.873   1.00 48.67  ? 229 GLU A CG  1 
ATOM   1304 C CD  . GLU A 1 186 ? 9.788   -8.914  3.304   1.00 50.05  ? 229 GLU A CD  1 
ATOM   1305 O OE1 . GLU A 1 186 ? 9.200   -9.778  3.993   1.00 50.54  ? 229 GLU A OE1 1 
ATOM   1306 O OE2 . GLU A 1 186 ? 10.735  -8.221  3.740   1.00 52.97  ? 229 GLU A OE2 1 
ATOM   1307 N N   . GLY A 1 187 ? 10.628  -12.563 -0.691  1.00 45.84  ? 230 GLY A N   1 
ATOM   1308 C CA  . GLY A 1 187 ? 10.333  -13.867 -1.260  1.00 43.80  ? 230 GLY A CA  1 
ATOM   1309 C C   . GLY A 1 187 ? 9.015   -13.965 -2.017  1.00 45.47  ? 230 GLY A C   1 
ATOM   1310 O O   . GLY A 1 187 ? 8.578   -15.075 -2.349  1.00 43.87  ? 230 GLY A O   1 
ATOM   1311 N N   . TYR A 1 188 ? 8.383   -12.828 -2.313  1.00 44.33  ? 231 TYR A N   1 
ATOM   1312 C CA  . TYR A 1 188 ? 7.101   -12.830 -3.034  1.00 44.01  ? 231 TYR A CA  1 
ATOM   1313 C C   . TYR A 1 188 ? 7.220   -13.063 -4.543  1.00 43.19  ? 231 TYR A C   1 
ATOM   1314 O O   . TYR A 1 188 ? 6.239   -13.416 -5.192  1.00 39.87  ? 231 TYR A O   1 
ATOM   1315 C CB  . TYR A 1 188 ? 6.334   -11.524 -2.786  1.00 42.25  ? 231 TYR A CB  1 
ATOM   1316 C CG  . TYR A 1 188 ? 5.940   -11.303 -1.340  1.00 44.41  ? 231 TYR A CG  1 
ATOM   1317 C CD1 . TYR A 1 188 ? 5.283   -12.302 -0.611  1.00 42.28  ? 231 TYR A CD1 1 
ATOM   1318 C CD2 . TYR A 1 188 ? 6.202   -10.088 -0.704  1.00 43.40  ? 231 TYR A CD2 1 
ATOM   1319 C CE1 . TYR A 1 188 ? 4.899   -12.096 0.715   1.00 41.66  ? 231 TYR A CE1 1 
ATOM   1320 C CE2 . TYR A 1 188 ? 5.818   -9.869  0.624   1.00 42.73  ? 231 TYR A CE2 1 
ATOM   1321 C CZ  . TYR A 1 188 ? 5.172   -10.878 1.326   1.00 44.11  ? 231 TYR A CZ  1 
ATOM   1322 O OH  . TYR A 1 188 ? 4.816   -10.670 2.642   1.00 45.87  ? 231 TYR A OH  1 
ATOM   1323 N N   . ILE A 1 189 ? 8.411   -12.840 -5.100  1.00 42.53  ? 232 ILE A N   1 
ATOM   1324 C CA  . ILE A 1 189 ? 8.648   -13.063 -6.525  1.00 41.28  ? 232 ILE A CA  1 
ATOM   1325 C C   . ILE A 1 189 ? 9.995   -13.751 -6.698  1.00 41.68  ? 232 ILE A C   1 
ATOM   1326 O O   . ILE A 1 189 ? 10.823  -13.723 -5.797  1.00 42.57  ? 232 ILE A O   1 
ATOM   1327 C CB  . ILE A 1 189 ? 8.660   -11.739 -7.355  1.00 39.92  ? 232 ILE A CB  1 
ATOM   1328 C CG1 . ILE A 1 189 ? 9.826   -10.838 -6.923  1.00 37.62  ? 232 ILE A CG1 1 
ATOM   1329 C CG2 . ILE A 1 189 ? 7.321   -11.054 -7.237  1.00 37.48  ? 232 ILE A CG2 1 
ATOM   1330 C CD1 . ILE A 1 189 ? 9.894   -9.517  -7.684  1.00 37.55  ? 232 ILE A CD1 1 
ATOM   1331 N N   . THR A 1 190 ? 10.207  -14.368 -7.855  1.00 42.56  ? 233 THR A N   1 
ATOM   1332 C CA  . THR A 1 190 ? 11.461  -15.064 -8.139  1.00 44.39  ? 233 THR A CA  1 
ATOM   1333 C C   . THR A 1 190 ? 12.467  -14.140 -8.815  1.00 44.21  ? 233 THR A C   1 
ATOM   1334 O O   . THR A 1 190 ? 12.107  -13.078 -9.332  1.00 45.70  ? 233 THR A O   1 
ATOM   1335 C CB  . THR A 1 190 ? 11.236  -16.273 -9.082  1.00 44.88  ? 233 THR A CB  1 
ATOM   1336 O OG1 . THR A 1 190 ? 10.775  -15.802 -10.353 1.00 46.60  ? 233 THR A OG1 1 
ATOM   1337 C CG2 . THR A 1 190 ? 10.197  -17.221 -8.505  1.00 43.62  ? 233 THR A CG2 1 
ATOM   1338 N N   . PRO A 1 191 ? 13.750  -14.530 -8.813  1.00 45.37  ? 234 PRO A N   1 
ATOM   1339 C CA  . PRO A 1 191 ? 14.780  -13.709 -9.450  1.00 45.40  ? 234 PRO A CA  1 
ATOM   1340 C C   . PRO A 1 191 ? 14.419  -13.449 -10.907 1.00 46.65  ? 234 PRO A C   1 
ATOM   1341 O O   . PRO A 1 191 ? 14.596  -12.348 -11.416 1.00 45.85  ? 234 PRO A O   1 
ATOM   1342 C CB  . PRO A 1 191 ? 16.023  -14.567 -9.302  1.00 44.20  ? 234 PRO A CB  1 
ATOM   1343 C CG  . PRO A 1 191 ? 15.807  -15.199 -7.962  1.00 43.49  ? 234 PRO A CG  1 
ATOM   1344 C CD  . PRO A 1 191 ? 14.363  -15.630 -8.044  1.00 43.48  ? 234 PRO A CD  1 
ATOM   1345 N N   . GLU A 1 192 ? 13.892  -14.473 -11.568 1.00 49.70  ? 235 GLU A N   1 
ATOM   1346 C CA  . GLU A 1 192 ? 13.492  -14.366 -12.967 1.00 51.26  ? 235 GLU A CA  1 
ATOM   1347 C C   . GLU A 1 192 ? 12.433  -13.287 -13.129 1.00 50.79  ? 235 GLU A C   1 
ATOM   1348 O O   . GLU A 1 192 ? 12.555  -12.406 -13.979 1.00 51.83  ? 235 GLU A O   1 
ATOM   1349 C CB  . GLU A 1 192 ? 12.940  -15.704 -13.468 1.00 55.07  ? 235 GLU A CB  1 
ATOM   1350 C CG  . GLU A 1 192 ? 13.948  -16.854 -13.482 1.00 59.95  ? 235 GLU A CG  1 
ATOM   1351 C CD  . GLU A 1 192 ? 14.434  -17.246 -12.095 1.00 62.74  ? 235 GLU A CD  1 
ATOM   1352 O OE1 . GLU A 1 192 ? 13.597  -17.593 -11.237 1.00 65.89  ? 235 GLU A OE1 1 
ATOM   1353 O OE2 . GLU A 1 192 ? 15.662  -17.213 -11.865 1.00 65.19  ? 235 GLU A OE2 1 
ATOM   1354 N N   . GLN A 1 193 ? 11.395  -13.363 -12.299 1.00 50.02  ? 236 GLN A N   1 
ATOM   1355 C CA  . GLN A 1 193 ? 10.304  -12.399 -12.337 1.00 47.81  ? 236 GLN A CA  1 
ATOM   1356 C C   . GLN A 1 193 ? 10.814  -10.986 -12.083 1.00 47.76  ? 236 GLN A C   1 
ATOM   1357 O O   . GLN A 1 193 ? 10.403  -10.042 -12.766 1.00 48.05  ? 236 GLN A O   1 
ATOM   1358 C CB  . GLN A 1 193 ? 9.245   -12.773 -11.302 1.00 48.48  ? 236 GLN A CB  1 
ATOM   1359 C CG  . GLN A 1 193 ? 8.633   -14.146 -11.536 1.00 48.07  ? 236 GLN A CG  1 
ATOM   1360 C CD  . GLN A 1 193 ? 7.631   -14.534 -10.469 1.00 47.60  ? 236 GLN A CD  1 
ATOM   1361 O OE1 . GLN A 1 193 ? 7.961   -14.626 -9.285  1.00 47.40  ? 236 GLN A OE1 1 
ATOM   1362 N NE2 . GLN A 1 193 ? 6.399   -14.767 -10.884 1.00 47.52  ? 236 GLN A NE2 1 
ATOM   1363 N N   . TYR A 1 194 ? 11.710  -10.847 -11.107 1.00 44.91  ? 237 TYR A N   1 
ATOM   1364 C CA  . TYR A 1 194 ? 12.297  -9.547  -10.782 1.00 43.56  ? 237 TYR A CA  1 
ATOM   1365 C C   . TYR A 1 194 ? 12.979  -8.943  -12.005 1.00 45.26  ? 237 TYR A C   1 
ATOM   1366 O O   . TYR A 1 194 ? 12.671  -7.815  -12.397 1.00 44.52  ? 237 TYR A O   1 
ATOM   1367 C CB  . TYR A 1 194 ? 13.321  -9.683  -9.655  1.00 39.98  ? 237 TYR A CB  1 
ATOM   1368 C CG  . TYR A 1 194 ? 14.140  -8.429  -9.398  1.00 40.76  ? 237 TYR A CG  1 
ATOM   1369 C CD1 . TYR A 1 194 ? 13.597  -7.332  -8.726  1.00 38.75  ? 237 TYR A CD1 1 
ATOM   1370 C CD2 . TYR A 1 194 ? 15.462  -8.343  -9.828  1.00 39.64  ? 237 TYR A CD2 1 
ATOM   1371 C CE1 . TYR A 1 194 ? 14.360  -6.182  -8.490  1.00 39.07  ? 237 TYR A CE1 1 
ATOM   1372 C CE2 . TYR A 1 194 ? 16.230  -7.199  -9.597  1.00 39.64  ? 237 TYR A CE2 1 
ATOM   1373 C CZ  . TYR A 1 194 ? 15.678  -6.123  -8.930  1.00 39.20  ? 237 TYR A CZ  1 
ATOM   1374 O OH  . TYR A 1 194 ? 16.454  -5.001  -8.701  1.00 38.76  ? 237 TYR A OH  1 
ATOM   1375 N N   . GLU A 1 195 ? 13.908  -9.693  -12.602 1.00 47.01  ? 238 GLU A N   1 
ATOM   1376 C CA  . GLU A 1 195 ? 14.635  -9.229  -13.780 1.00 48.42  ? 238 GLU A CA  1 
ATOM   1377 C C   . GLU A 1 195 ? 13.731  -8.813  -14.925 1.00 49.95  ? 238 GLU A C   1 
ATOM   1378 O O   . GLU A 1 195 ? 14.038  -7.857  -15.639 1.00 52.10  ? 238 GLU A O   1 
ATOM   1379 C CB  . GLU A 1 195 ? 15.599  -10.304 -14.283 1.00 50.13  ? 238 GLU A CB  1 
ATOM   1380 C CG  . GLU A 1 195 ? 16.995  -10.217 -13.709 1.00 52.84  ? 238 GLU A CG  1 
ATOM   1381 C CD  . GLU A 1 195 ? 17.706  -8.923  -14.081 1.00 54.86  ? 238 GLU A CD  1 
ATOM   1382 O OE1 . GLU A 1 195 ? 17.866  -8.647  -15.293 1.00 53.76  ? 238 GLU A OE1 1 
ATOM   1383 O OE2 . GLU A 1 195 ? 18.109  -8.187  -13.153 1.00 54.80  ? 238 GLU A OE2 1 
ATOM   1384 N N   . GLU A 1 196 ? 12.628  -9.526  -15.120 1.00 48.70  ? 239 GLU A N   1 
ATOM   1385 C CA  . GLU A 1 196 ? 11.712  -9.170  -16.198 1.00 50.46  ? 239 GLU A CA  1 
ATOM   1386 C C   . GLU A 1 196 ? 10.960  -7.865  -15.881 1.00 48.57  ? 239 GLU A C   1 
ATOM   1387 O O   . GLU A 1 196 ? 10.891  -6.960  -16.713 1.00 49.35  ? 239 GLU A O   1 
ATOM   1388 C CB  . GLU A 1 196 ? 10.707  -10.302 -16.439 1.00 54.51  ? 239 GLU A CB  1 
ATOM   1389 C CG  . GLU A 1 196 ? 9.888   -10.136 -17.712 1.00 63.26  ? 239 GLU A CG  1 
ATOM   1390 C CD  . GLU A 1 196 ? 8.785   -11.176 -17.855 1.00 69.47  ? 239 GLU A CD  1 
ATOM   1391 O OE1 . GLU A 1 196 ? 9.082   -12.388 -17.772 1.00 72.09  ? 239 GLU A OE1 1 
ATOM   1392 O OE2 . GLU A 1 196 ? 7.617   -10.782 -18.059 1.00 73.72  ? 239 GLU A OE2 1 
ATOM   1393 N N   . ALA A 1 197 ? 10.420  -7.770  -14.668 1.00 46.15  ? 240 ALA A N   1 
ATOM   1394 C CA  . ALA A 1 197 ? 9.659   -6.598  -14.235 1.00 44.00  ? 240 ALA A CA  1 
ATOM   1395 C C   . ALA A 1 197 ? 10.414  -5.253  -14.213 1.00 43.33  ? 240 ALA A C   1 
ATOM   1396 O O   . ALA A 1 197 ? 9.887   -4.241  -14.683 1.00 40.12  ? 240 ALA A O   1 
ATOM   1397 C CB  . ALA A 1 197 ? 9.044   -6.874  -12.858 1.00 43.76  ? 240 ALA A CB  1 
ATOM   1398 N N   . VAL A 1 198 ? 11.626  -5.230  -13.660 1.00 41.78  ? 241 VAL A N   1 
ATOM   1399 C CA  . VAL A 1 198 ? 12.399  -3.992  -13.600 1.00 42.94  ? 241 VAL A CA  1 
ATOM   1400 C C   . VAL A 1 198 ? 12.743  -3.442  -14.983 1.00 47.45  ? 241 VAL A C   1 
ATOM   1401 O O   . VAL A 1 198 ? 13.076  -2.257  -15.123 1.00 47.36  ? 241 VAL A O   1 
ATOM   1402 C CB  . VAL A 1 198 ? 13.724  -4.168  -12.806 1.00 40.24  ? 241 VAL A CB  1 
ATOM   1403 C CG1 . VAL A 1 198 ? 13.433  -4.264  -11.321 1.00 34.80  ? 241 VAL A CG1 1 
ATOM   1404 C CG2 . VAL A 1 198 ? 14.467  -5.412  -13.282 1.00 37.63  ? 241 VAL A CG2 1 
ATOM   1405 N N   . ASN A 1 199 ? 12.660  -4.302  -15.999 1.00 49.59  ? 242 ASN A N   1 
ATOM   1406 C CA  . ASN A 1 199 ? 12.963  -3.906  -17.371 1.00 50.29  ? 242 ASN A CA  1 
ATOM   1407 C C   . ASN A 1 199 ? 11.739  -3.477  -18.183 1.00 52.11  ? 242 ASN A C   1 
ATOM   1408 O O   . ASN A 1 199 ? 11.875  -3.033  -19.326 1.00 51.57  ? 242 ASN A O   1 
ATOM   1409 C CB  . ASN A 1 199 ? 13.706  -5.036  -18.087 1.00 49.32  ? 242 ASN A CB  1 
ATOM   1410 C CG  . ASN A 1 199 ? 15.179  -5.093  -17.709 1.00 49.17  ? 242 ASN A CG  1 
ATOM   1411 O OD1 . ASN A 1 199 ? 15.961  -4.215  -18.079 1.00 48.28  ? 242 ASN A OD1 1 
ATOM   1412 N ND2 . ASN A 1 199 ? 15.560  -6.119  -16.955 1.00 47.75  ? 242 ASN A ND2 1 
ATOM   1413 N N   . LYS A 1 200 ? 10.552  -3.617  -17.594 1.00 52.67  ? 243 LYS A N   1 
ATOM   1414 C CA  . LYS A 1 200 ? 9.309   -3.208  -18.245 1.00 54.20  ? 243 LYS A CA  1 
ATOM   1415 C C   . LYS A 1 200 ? 9.206   -1.684  -18.177 1.00 56.16  ? 243 LYS A C   1 
ATOM   1416 O O   . LYS A 1 200 ? 8.566   -1.083  -19.070 1.00 59.15  ? 243 LYS A O   1 
ATOM   1417 C CB  . LYS A 1 200 ? 8.099   -3.820  -17.542 1.00 53.93  ? 243 LYS A CB  1 
ATOM   1418 C CG  . LYS A 1 200 ? 8.007   -5.332  -17.607 1.00 57.57  ? 243 LYS A CG  1 
ATOM   1419 C CD  . LYS A 1 200 ? 7.576   -5.801  -18.985 1.00 61.62  ? 243 LYS A CD  1 
ATOM   1420 C CE  . LYS A 1 200 ? 7.334   -7.304  -19.014 1.00 62.82  ? 243 LYS A CE  1 
ATOM   1421 N NZ  . LYS A 1 200 ? 6.865   -7.753  -20.361 1.00 65.58  ? 243 LYS A NZ  1 
ATOM   1422 O OXT . LYS A 1 200 ? 9.752   -1.102  -17.214 1.00 56.02  ? 243 LYS A OXT 1 
HETATM 1423 O OAG . M4O B 2 .   ? 2.832   11.067  12.028  1.00 98.97  ? 1   M4O A OAG 1 
HETATM 1424 C CAG . M4O B 2 .   ? 3.431   10.512  10.847  1.00 97.04  ? 1   M4O A CAG 1 
HETATM 1425 C CBG . M4O B 2 .   ? 3.885   9.020   11.044  1.00 98.63  ? 1   M4O A CBG 1 
HETATM 1426 O OBG . M4O B 2 .   ? 4.373   8.669   12.158  1.00 100.02 ? 1   M4O A OBG 1 
HETATM 1427 O OCG . M4O B 2 .   ? 3.761   8.227   10.080  1.00 99.05  ? 1   M4O A OCG 1 
HETATM 1428 C CCG . M4O B 2 .   ? 2.433   10.655  9.689   1.00 93.04  ? 1   M4O A CCG 1 
HETATM 1429 O ODG . M4O B 2 .   ? 2.680   11.805  8.854   1.00 87.27  ? 1   M4O A ODG 1 
HETATM 1430 P PAG . M4O B 2 .   ? 1.905   11.893  7.427   1.00 82.91  ? 1   M4O A PAG 1 
HETATM 1431 O OEG . M4O B 2 .   ? 0.301   11.811  7.645   1.00 82.63  ? 1   M4O A OEG 1 
HETATM 1432 O OFG . M4O B 2 .   ? 2.228   13.194  6.765   1.00 82.45  ? 1   M4O A OFG 1 
HETATM 1433 O OGG . M4O B 2 .   ? 2.330   10.576  6.646   1.00 80.72  ? 1   M4O A OGG 1 
HETATM 1434 C C1F . M4O B 2 .   ? 3.396   10.567  5.680   1.00 77.15  ? 1   M4O A C1F 1 
HETATM 1435 O O1F . M4O B 2 .   ? 4.784   10.416  6.255   1.00 75.84  ? 1   M4O A O1F 1 
HETATM 1436 C C5F . M4O B 2 .   ? 5.003   9.146   7.031   1.00 75.26  ? 1   M4O A C5F 1 
HETATM 1437 C C6F . M4O B 2 .   ? 6.380   9.223   7.776   1.00 74.90  ? 1   M4O A C6F 1 
HETATM 1438 O O6F . M4O B 2 .   ? 6.741   8.275   8.470   1.00 74.32  ? 1   M4O A O6F 1 
HETATM 1439 N N6F . M4O B 2 .   ? 7.126   10.312  7.635   1.00 75.32  ? 1   M4O A N6F 1 
HETATM 1440 C C4F . M4O B 2 .   ? 4.876   7.940   5.956   1.00 75.20  ? 1   M4O A C4F 1 
HETATM 1441 O O4F . M4O B 2 .   ? 5.058   6.714   6.673   1.00 75.65  ? 1   M4O A O4F 1 
HETATM 1442 C CAF . M4O B 2 .   ? 5.974   7.998   4.831   1.00 75.54  ? 1   M4O A CAF 1 
HETATM 1443 C C3F . M4O B 2 .   ? 3.410   8.046   5.322   1.00 75.30  ? 1   M4O A C3F 1 
HETATM 1444 O O3F . M4O B 2 .   ? 3.074   7.060   4.286   1.00 73.60  ? 1   M4O A O3F 1 
HETATM 1445 C CBF . M4O B 2 .   ? 2.024   6.173   4.519   1.00 71.99  ? 1   M4O A CBF 1 
HETATM 1446 O OAF . M4O B 2 .   ? 1.362   6.193   5.578   1.00 72.38  ? 1   M4O A OAF 1 
HETATM 1447 N NAF . M4O B 2 .   ? 1.761   5.307   3.563   1.00 70.94  ? 1   M4O A NAF 1 
HETATM 1448 C C2F . M4O B 2 .   ? 3.078   9.440   4.677   1.00 76.00  ? 1   M4O A C2F 1 
HETATM 1449 O O1  . M4O B 2 .   ? 1.661   9.413   4.314   1.00 75.07  ? 1   M4O A O1  1 
HETATM 1450 C C1E . M4O B 2 .   ? 1.381   9.958   3.010   1.00 76.16  ? 1   M4O A C1E 1 
HETATM 1451 C C2E . M4O B 2 .   ? -0.142  9.818   2.745   1.00 76.21  ? 1   M4O A C2E 1 
HETATM 1452 C C3E . M4O B 2 .   ? -0.486  10.410  1.337   1.00 79.11  ? 1   M4O A C3E 1 
HETATM 1453 O O2E . M4O B 2 .   ? -1.887  10.278  1.070   1.00 78.10  ? 1   M4O A O2E 1 
HETATM 1454 N N2E . M4O B 2 .   ? -0.539  8.374   2.774   1.00 72.17  ? 1   M4O A N2E 1 
HETATM 1455 C CAE . M4O B 2 .   ? -1.540  7.854   3.500   1.00 70.66  ? 1   M4O A CAE 1 
HETATM 1456 C CBE . M4O B 2 .   ? -1.715  6.355   3.338   1.00 68.81  ? 1   M4O A CBE 1 
HETATM 1457 O OBE . M4O B 2 .   ? -2.288  8.486   4.254   1.00 71.51  ? 1   M4O A OBE 1 
HETATM 1458 O O1E . M4O B 2 .   ? 1.773   11.382  2.956   1.00 78.83  ? 1   M4O A O1E 1 
HETATM 1459 C C5E . M4O B 2 .   ? 1.495   11.991  1.606   1.00 82.79  ? 1   M4O A C5E 1 
HETATM 1460 C C6E . M4O B 2 .   ? 1.936   13.454  1.567   1.00 87.41  ? 1   M4O A C6E 1 
HETATM 1461 O O2  . M4O B 2 .   ? 2.508   13.982  2.775   1.00 94.10  ? 1   M4O A O2  1 
HETATM 1462 C C4E . M4O B 2 .   ? -0.055  11.928  1.297   1.00 82.11  ? 1   M4O A C4E 1 
HETATM 1463 O O3  . M4O B 2 .   ? -0.383  12.502  -0.034  1.00 85.00  ? 1   M4O A O3  1 
HETATM 1464 C C1D . M4O B 2 .   ? 2.635   15.410  2.626   1.00 97.63  ? 1   M4O A C1D 1 
HETATM 1465 O O1D . M4O B 2 .   ? 3.970   15.832  3.184   1.00 99.71  ? 1   M4O A O1D 1 
HETATM 1466 C C5D . M4O B 2 .   ? 4.264   17.301  2.916   1.00 100.71 ? 1   M4O A C5D 1 
HETATM 1467 C C6D . M4O B 2 .   ? 5.710   17.670  3.361   1.00 101.02 ? 1   M4O A C6D 1 
HETATM 1468 O O6D . M4O B 2 .   ? 6.455   16.495  3.728   1.00 101.36 ? 1   M4O A O6D 1 
HETATM 1469 C C4D . M4O B 2 .   ? 3.147   18.176  3.676   1.00 101.27 ? 1   M4O A C4D 1 
HETATM 1470 O O4D . M4O B 2 .   ? 3.346   19.586  3.475   1.00 102.38 ? 1   M4O A O4D 1 
HETATM 1471 C C3D . M4O B 2 .   ? 1.709   17.739  3.171   1.00 100.10 ? 1   M4O A C3D 1 
HETATM 1472 O O3D . M4O B 2 .   ? 0.674   18.455  3.866   1.00 100.16 ? 1   M4O A O3D 1 
HETATM 1473 C C2D . M4O B 2 .   ? 1.495   16.209  3.389   1.00 99.16  ? 1   M4O A C2D 1 
HETATM 1474 O O2D . M4O B 2 .   ? 0.172   15.848  2.894   1.00 98.74  ? 1   M4O A O2D 1 
HETATM 1475 C C1C . M4O B 2 .   ? -1.519  13.415  0.137   1.00 88.07  ? 1   M4O A C1C 1 
HETATM 1476 C C2C . M4O B 2 .   ? -1.523  14.432  -1.054  1.00 90.28  ? 1   M4O A C2C 1 
HETATM 1477 C C3C . M4O B 2 .   ? -2.757  15.373  -0.812  1.00 91.47  ? 1   M4O A C3C 1 
HETATM 1478 O O3C . M4O B 2 .   ? -2.762  16.319  -1.866  1.00 92.12  ? 1   M4O A O3C 1 
HETATM 1479 N N2C . M4O B 2 .   ? -0.217  15.209  -1.062  1.00 90.21  ? 1   M4O A N2C 1 
HETATM 1480 C CAC . M4O B 2 .   ? 0.951   14.896  -1.734  1.00 90.01  ? 1   M4O A CAC 1 
HETATM 1481 C CBC . M4O B 2 .   ? 2.075   15.913  -1.514  1.00 89.63  ? 1   M4O A CBC 1 
HETATM 1482 O O2C . M4O B 2 .   ? 1.160   13.907  -2.463  1.00 88.88  ? 1   M4O A O2C 1 
HETATM 1483 O O1C . M4O B 2 .   ? -2.825  12.642  0.182   1.00 89.75  ? 1   M4O A O1C 1 
HETATM 1484 C C5C . M4O B 2 .   ? -4.057  13.467  0.362   1.00 91.35  ? 1   M4O A C5C 1 
HETATM 1485 C C6C . M4O B 2 .   ? -5.297  12.548  0.431   1.00 90.41  ? 1   M4O A C6C 1 
HETATM 1486 C C4C . M4O B 2 .   ? -4.120  14.510  -0.830  1.00 92.63  ? 1   M4O A C4C 1 
HETATM 1487 O O4  . M4O B 2 .   ? -5.382  15.310  -0.582  1.00 95.92  ? 1   M4O A O4  1 
HETATM 1488 C C1B . M4O B 2 .   ? -6.177  15.764  -1.726  1.00 98.28  ? 1   M4O A C1B 1 
HETATM 1489 O O1B . M4O B 2 .   ? -5.372  16.704  -2.546  1.00 98.88  ? 1   M4O A O1B 1 
HETATM 1490 C C2B . M4O B 2 .   ? -7.522  16.600  -1.409  1.00 99.69  ? 1   M4O A C2B 1 
HETATM 1491 O O2B . M4O B 2 .   ? -8.426  15.826  -0.609  1.00 100.03 ? 1   M4O A O2B 1 
HETATM 1492 C C3B . M4O B 2 .   ? -8.226  17.020  -2.786  1.00 99.67  ? 1   M4O A C3B 1 
HETATM 1493 O O3B . M4O B 2 .   ? -9.429  17.760  -2.564  1.00 100.03 ? 1   M4O A O3B 1 
HETATM 1494 C C4B . M4O B 2 .   ? -7.220  17.873  -3.657  1.00 99.38  ? 1   M4O A C4B 1 
HETATM 1495 O O4B . M4O B 2 .   ? -6.946  19.151  -3.047  1.00 99.82  ? 1   M4O A O4B 1 
HETATM 1496 C C5B . M4O B 2 .   ? -5.940  16.989  -3.842  1.00 98.88  ? 1   M4O A C5B 1 
HETATM 1497 C C6B . M4O B 2 .   ? -4.766  17.577  -4.643  1.00 99.16  ? 1   M4O A C6B 1 
HETATM 1498 O O6B . M4O B 2 .   ? -3.799  16.721  -5.077  1.00 100.39 ? 1   M4O A O6B 1 
HETATM 1499 N N1A . M4O B 2 .   ? -4.739  18.912  -4.868  1.00 98.52  ? 1   M4O A N1A 1 
HETATM 1500 C C1H . M4O B 2 .   ? 3.287   12.940  13.564  1.00 103.13 ? 1   M4O A C1H 1 
HETATM 1501 C C2H . M4O B 2 .   ? 3.961   12.815  14.742  1.00 103.94 ? 1   M4O A C2H 1 
HETATM 1502 C C3H . M4O B 2 .   ? 6.529   8.916   16.366  1.00 109.47 ? 1   M4O A C3H 1 
HETATM 1503 C C4H . M4O B 2 .   ? 5.966   10.152  16.444  1.00 108.21 ? 1   M4O A C4H 1 
HETATM 1504 C C5H . M4O B 2 .   ? 7.653   8.559   17.299  1.00 109.71 ? 1   M4O A C5H 1 
HETATM 1505 C C6H . M4O B 2 .   ? 4.826   10.606  15.547  1.00 106.34 ? 1   M4O A C6H 1 
HETATM 1506 C C7H . M4O B 2 .   ? 6.052   7.889   15.363  1.00 109.71 ? 1   M4O A C7H 1 
HETATM 1507 C C8H . M4O B 2 .   ? 5.196   11.930  14.876  1.00 105.37 ? 1   M4O A C8H 1 
HETATM 1508 C C9H . M4O B 2 .   ? 3.698   12.221  12.282  1.00 101.63 ? 1   M4O A C9H 1 
HETATM 1509 C CAH . M4O B 2 .   ? 3.477   13.574  15.938  1.00 103.37 ? 1   M4O A CAH 1 
HETATM 1510 O O   . HOH C 3 .   ? -10.828 2.240   -6.270  1.00 40.94  ? 244 HOH A O   1 
HETATM 1511 O O   . HOH C 3 .   ? -7.003  -8.292  12.094  1.00 47.01  ? 245 HOH A O   1 
HETATM 1512 O O   . HOH C 3 .   ? 1.826   -10.254 1.785   1.00 43.46  ? 246 HOH A O   1 
HETATM 1513 O O   . HOH C 3 .   ? -11.644 7.204   -7.104  1.00 41.63  ? 247 HOH A O   1 
HETATM 1514 O O   . HOH C 3 .   ? 4.400   3.684   -0.927  1.00 42.15  ? 248 HOH A O   1 
HETATM 1515 O O   . HOH C 3 .   ? 6.442   -8.887  4.119   1.00 44.35  ? 249 HOH A O   1 
HETATM 1516 O O   . HOH C 3 .   ? 3.752   -11.840 -5.362  1.00 49.69  ? 250 HOH A O   1 
HETATM 1517 O O   . HOH C 3 .   ? -0.340  -11.821 -8.490  1.00 58.92  ? 251 HOH A O   1 
HETATM 1518 O O   . HOH C 3 .   ? -14.409 -10.078 1.653   1.00 60.44  ? 252 HOH A O   1 
HETATM 1519 O O   . HOH C 3 .   ? -5.721  11.514  10.668  1.00 59.68  ? 253 HOH A O   1 
HETATM 1520 O O   . HOH C 3 .   ? -12.693 5.219   -1.028  1.00 55.73  ? 254 HOH A O   1 
HETATM 1521 O O   . HOH C 3 .   ? -4.990  7.868   1.787   1.00 54.94  ? 255 HOH A O   1 
HETATM 1522 O O   . HOH C 3 .   ? 3.385   -10.118 6.960   1.00 51.15  ? 256 HOH A O   1 
HETATM 1523 O O   . HOH C 3 .   ? -0.987  -6.037  -18.194 1.00 69.93  ? 257 HOH A O   1 
HETATM 1524 O O   . HOH C 3 .   ? 16.144  1.399   -11.172 1.00 61.36  ? 258 HOH A O   1 
HETATM 1525 O O   . HOH C 3 .   ? -2.237  7.946   0.123   1.00 61.47  ? 259 HOH A O   1 
HETATM 1526 O O   . HOH C 3 .   ? 0.966   17.553  -8.478  1.00 53.67  ? 260 HOH A O   1 
HETATM 1527 O O   . HOH C 3 .   ? 8.230   2.416   1.707   1.00 71.61  ? 261 HOH A O   1 
HETATM 1528 O O   . HOH C 3 .   ? -7.167  -12.993 7.507   1.00 55.31  ? 262 HOH A O   1 
HETATM 1529 O O   . HOH C 3 .   ? 11.093  -7.099  -19.829 1.00 51.97  ? 263 HOH A O   1 
HETATM 1530 O O   . HOH C 3 .   ? -11.767 -4.860  22.366  1.00 60.81  ? 264 HOH A O   1 
HETATM 1531 O O   . HOH C 3 .   ? 17.637  4.084   -6.642  1.00 64.68  ? 265 HOH A O   1 
HETATM 1532 O O   . HOH C 3 .   ? 5.794   -0.060  -17.868 1.00 61.91  ? 266 HOH A O   1 
HETATM 1533 O O   . HOH C 3 .   ? -4.664  4.575   -19.603 1.00 58.41  ? 267 HOH A O   1 
HETATM 1534 O O   . HOH C 3 .   ? 5.616   2.664   -14.319 1.00 58.94  ? 268 HOH A O   1 
HETATM 1535 O O   . HOH C 3 .   ? 11.594  6.547   -2.545  1.00 47.70  ? 269 HOH A O   1 
HETATM 1536 O O   . HOH C 3 .   ? 10.485  3.956   1.500   1.00 58.40  ? 270 HOH A O   1 
HETATM 1537 O O   . HOH C 3 .   ? -6.525  -12.053 10.805  1.00 58.19  ? 271 HOH A O   1 
HETATM 1538 O O   . HOH C 3 .   ? -2.061  -14.193 9.202   1.00 62.54  ? 272 HOH A O   1 
HETATM 1539 O O   . HOH C 3 .   ? -12.109 13.753  12.217  1.00 66.06  ? 273 HOH A O   1 
HETATM 1540 O O   . HOH C 3 .   ? -4.424  -9.476  14.959  1.00 52.13  ? 274 HOH A O   1 
HETATM 1541 O O   . HOH C 3 .   ? -2.158  -11.853 13.834  1.00 64.70  ? 275 HOH A O   1 
HETATM 1542 O O   . HOH C 3 .   ? -14.809 -9.457  11.890  1.00 62.50  ? 276 HOH A O   1 
HETATM 1543 O O   . HOH C 3 .   ? -4.430  -0.152  -22.120 1.00 73.96  ? 277 HOH A O   1 
HETATM 1544 O O   . HOH C 3 .   ? 3.139   -3.988  -18.652 1.00 61.93  ? 278 HOH A O   1 
HETATM 1545 O O   . HOH C 3 .   ? 5.894   -7.854  -15.452 1.00 58.79  ? 279 HOH A O   1 
HETATM 1546 O O   . HOH C 3 .   ? 4.875   -0.156  -14.861 1.00 59.87  ? 280 HOH A O   1 
HETATM 1547 O O   . HOH C 3 .   ? 13.238  -14.791 -3.445  1.00 65.23  ? 281 HOH A O   1 
HETATM 1548 O O   . HOH C 3 .   ? 8.334   -12.485 4.047   1.00 57.73  ? 282 HOH A O   1 
HETATM 1549 O O   . HOH C 3 .   ? 7.360   -14.954 -18.983 1.00 76.56  ? 283 HOH A O   1 
HETATM 1550 O O   . HOH C 3 .   ? -0.949  13.000  5.394   1.00 72.84  ? 284 HOH A O   1 
HETATM 1551 O O   . HOH C 3 .   ? 6.793   4.750   -15.281 1.00 59.64  ? 285 HOH A O   1 
HETATM 1552 O O   . HOH C 3 .   ? -11.093 7.754   0.784   1.00 64.45  ? 286 HOH A O   1 
HETATM 1553 O O   . HOH C 3 .   ? 7.666   -16.606 -5.310  1.00 66.91  ? 287 HOH A O   1 
HETATM 1554 O O   . HOH C 3 .   ? 10.228  -3.407  9.481   1.00 62.87  ? 288 HOH A O   1 
HETATM 1555 O O   . HOH C 3 .   ? 16.748  -2.375  0.472   1.00 70.83  ? 289 HOH A O   1 
HETATM 1556 O O   . HOH C 3 .   ? 15.447  -2.333  -7.988  1.00 46.56  ? 290 HOH A O   1 
HETATM 1557 O O   . HOH C 3 .   ? 0.980   7.568   8.939   1.00 75.53  ? 291 HOH A O   1 
# 
loop_
_pdbx_poly_seq_scheme.asym_id 
_pdbx_poly_seq_scheme.entity_id 
_pdbx_poly_seq_scheme.seq_id 
_pdbx_poly_seq_scheme.mon_id 
_pdbx_poly_seq_scheme.ndb_seq_num 
_pdbx_poly_seq_scheme.pdb_seq_num 
_pdbx_poly_seq_scheme.auth_seq_num 
_pdbx_poly_seq_scheme.pdb_mon_id 
_pdbx_poly_seq_scheme.auth_mon_id 
_pdbx_poly_seq_scheme.pdb_strand_id 
_pdbx_poly_seq_scheme.pdb_ins_code 
_pdbx_poly_seq_scheme.hetero 
A 1 1   GLY 1   44  ?   ?   ?   A . n 
A 1 2   PRO 2   45  ?   ?   ?   A . n 
A 1 3   GLY 3   46  ?   ?   ?   A . n 
A 1 4   TYR 4   47  ?   ?   ?   A . n 
A 1 5   GLN 5   48  ?   ?   ?   A . n 
A 1 6   ASP 6   49  ?   ?   ?   A . n 
A 1 7   PRO 7   50  ?   ?   ?   A . n 
A 1 8   LYS 8   51  ?   ?   ?   A . n 
A 1 9   GLY 9   52  ?   ?   ?   A . n 
A 1 10  ARG 10  53  ?   ?   ?   A . n 
A 1 11  LEU 11  54  ?   ?   ?   A . n 
A 1 12  TYR 12  55  ?   ?   ?   A . n 
A 1 13  GLY 13  56  ?   ?   ?   A . n 
A 1 14  THR 14  57  ?   ?   ?   A . n 
A 1 15  ILE 15  58  ?   ?   ?   A . n 
A 1 16  GLY 16  59  ?   ?   ?   A . n 
A 1 17  ILE 17  60  ?   ?   ?   A . n 
A 1 18  GLN 18  61  61  GLN GLN A . n 
A 1 19  LYS 19  62  62  LYS LYS A . n 
A 1 20  ARG 20  63  63  ARG ARG A . n 
A 1 21  PHE 21  64  64  PHE PHE A . n 
A 1 22  TYR 22  65  65  TYR TYR A . n 
A 1 23  VAL 23  66  66  VAL VAL A . n 
A 1 24  SER 24  67  67  SER SER A . n 
A 1 25  ILE 25  68  68  ILE ILE A . n 
A 1 26  ASP 26  69  69  ASP ASP A . n 
A 1 27  LYS 27  70  70  LYS LYS A . n 
A 1 28  ILE 28  71  71  ILE ILE A . n 
A 1 29  PRO 29  72  72  PRO PRO A . n 
A 1 30  GLU 30  73  73  GLU GLU A . n 
A 1 31  HIS 31  74  74  HIS HIS A . n 
A 1 32  VAL 32  75  75  VAL VAL A . n 
A 1 33  ILE 33  76  76  ILE ILE A . n 
A 1 34  ASN 34  77  77  ASN ASN A . n 
A 1 35  ALA 35  78  78  ALA ALA A . n 
A 1 36  PHE 36  79  79  PHE PHE A . n 
A 1 37  VAL 37  80  80  VAL VAL A . n 
A 1 38  ALA 38  81  81  ALA ALA A . n 
A 1 39  THR 39  82  82  THR THR A . n 
A 1 40  GLU 40  83  83  GLU GLU A . n 
A 1 41  ASP 41  84  84  ASP ASP A . n 
A 1 42  ARG 42  85  85  ARG ARG A . n 
A 1 43  ASN 43  86  86  ASN ASN A . n 
A 1 44  PHE 44  87  87  PHE PHE A . n 
A 1 45  TRP 45  88  88  TRP TRP A . n 
A 1 46  HIS 46  89  89  HIS HIS A . n 
A 1 47  HIS 47  90  90  HIS HIS A . n 
A 1 48  PHE 48  91  91  PHE PHE A . n 
A 1 49  GLY 49  92  92  GLY GLY A . n 
A 1 50  ILE 50  93  93  ILE ILE A . n 
A 1 51  ASP 51  94  94  ASP ASP A . n 
A 1 52  PRO 52  95  95  PRO PRO A . n 
A 1 53  VAL 53  96  96  VAL VAL A . n 
A 1 54  ALA 54  97  97  ALA ALA A . n 
A 1 55  ILE 55  98  98  ILE ILE A . n 
A 1 56  VAL 56  99  99  VAL VAL A . n 
A 1 57  ARG 57  100 100 ARG ARG A . n 
A 1 58  ALA 58  101 101 ALA ALA A . n 
A 1 59  ALA 59  102 102 ALA ALA A . n 
A 1 60  ILE 60  103 103 ILE ILE A . n 
A 1 61  VAL 61  104 ?   ?   ?   A . n 
A 1 62  ASN 62  105 ?   ?   ?   A . n 
A 1 63  TYR 63  106 ?   ?   ?   A . n 
A 1 64  ARG 64  107 ?   ?   ?   A . n 
A 1 65  ALA 65  108 ?   ?   ?   A . n 
A 1 66  GLY 66  109 ?   ?   ?   A . n 
A 1 67  ARG 67  110 ?   ?   ?   A . n 
A 1 68  ILE 68  111 ?   ?   ?   A . n 
A 1 69  VAL 69  112 ?   ?   ?   A . n 
A 1 70  GLN 70  113 113 GLN GLN A . n 
A 1 71  GLY 71  114 114 GLY GLY A . n 
A 1 72  GLY 72  115 115 GLY GLY A . n 
A 1 73  SER 73  116 116 SER SER A . n 
A 1 74  THR 74  117 117 THR THR A . n 
A 1 75  ILE 75  118 118 ILE ILE A . n 
A 1 76  THR 76  119 119 THR THR A . n 
A 1 77  GLN 77  120 120 GLN GLN A . n 
A 1 78  GLN 78  121 121 GLN GLN A . n 
A 1 79  LEU 79  122 122 LEU LEU A . n 
A 1 80  ALA 80  123 123 ALA ALA A . n 
A 1 81  LYS 81  124 124 LYS LYS A . n 
A 1 82  ASN 82  125 125 ASN ASN A . n 
A 1 83  LEU 83  126 126 LEU LEU A . n 
A 1 84  PHE 84  127 127 PHE PHE A . n 
A 1 85  LEU 85  128 128 LEU LEU A . n 
A 1 86  THR 86  129 129 THR THR A . n 
A 1 87  ARG 87  130 130 ARG ARG A . n 
A 1 88  GLU 88  131 131 GLU GLU A . n 
A 1 89  ARG 89  132 132 ARG ARG A . n 
A 1 90  THR 90  133 133 THR THR A . n 
A 1 91  LEU 91  134 134 LEU LEU A . n 
A 1 92  GLU 92  135 135 GLU GLU A . n 
A 1 93  ARG 93  136 136 ARG ARG A . n 
A 1 94  LYS 94  137 137 LYS LYS A . n 
A 1 95  ILE 95  138 138 ILE ILE A . n 
A 1 96  LYS 96  139 139 LYS LYS A . n 
A 1 97  GLU 97  140 140 GLU GLU A . n 
A 1 98  ALA 98  141 141 ALA ALA A . n 
A 1 99  LEU 99  142 142 LEU LEU A . n 
A 1 100 LEU 100 143 143 LEU LEU A . n 
A 1 101 ALA 101 144 144 ALA ALA A . n 
A 1 102 ILE 102 145 145 ILE ILE A . n 
A 1 103 LYS 103 146 146 LYS LYS A . n 
A 1 104 ILE 104 147 147 ILE ILE A . n 
A 1 105 GLU 105 148 148 GLU GLU A . n 
A 1 106 ARG 106 149 149 ARG ARG A . n 
A 1 107 THR 107 150 150 THR THR A . n 
A 1 108 PHE 108 151 151 PHE PHE A . n 
A 1 109 ASP 109 152 152 ASP ASP A . n 
A 1 110 LYS 110 153 153 LYS LYS A . n 
A 1 111 LYS 111 154 154 LYS LYS A . n 
A 1 112 LYS 112 155 155 LYS LYS A . n 
A 1 113 ILE 113 156 156 ILE ILE A . n 
A 1 114 MET 114 157 157 MET MET A . n 
A 1 115 GLU 115 158 158 GLU GLU A . n 
A 1 116 LEU 116 159 159 LEU LEU A . n 
A 1 117 TYR 117 160 160 TYR TYR A . n 
A 1 118 LEU 118 161 161 LEU LEU A . n 
A 1 119 ASN 119 162 162 ASN ASN A . n 
A 1 120 GLN 120 163 163 GLN GLN A . n 
A 1 121 ILE 121 164 164 ILE ILE A . n 
A 1 122 TYR 122 165 165 TYR TYR A . n 
A 1 123 LEU 123 166 166 LEU LEU A . n 
A 1 124 GLY 124 167 167 GLY GLY A . n 
A 1 125 SER 125 168 168 SER SER A . n 
A 1 126 GLY 126 169 169 GLY GLY A . n 
A 1 127 ALA 127 170 170 ALA ALA A . n 
A 1 128 TYR 128 171 171 TYR TYR A . n 
A 1 129 GLY 129 172 172 GLY GLY A . n 
A 1 130 VAL 130 173 173 VAL VAL A . n 
A 1 131 GLU 131 174 174 GLU GLU A . n 
A 1 132 ALA 132 175 175 ALA ALA A . n 
A 1 133 ALA 133 176 176 ALA ALA A . n 
A 1 134 ALA 134 177 177 ALA ALA A . n 
A 1 135 GLN 135 178 178 GLN GLN A . n 
A 1 136 VAL 136 179 179 VAL VAL A . n 
A 1 137 TYR 137 180 180 TYR TYR A . n 
A 1 138 PHE 138 181 181 PHE PHE A . n 
A 1 139 GLY 139 182 182 GLY GLY A . n 
A 1 140 LYS 140 183 183 LYS LYS A . n 
A 1 141 HIS 141 184 184 HIS HIS A . n 
A 1 142 VAL 142 185 185 VAL VAL A . n 
A 1 143 TRP 143 186 186 TRP TRP A . n 
A 1 144 GLU 144 187 187 GLU GLU A . n 
A 1 145 LEU 145 188 188 LEU LEU A . n 
A 1 146 SER 146 189 189 SER SER A . n 
A 1 147 LEU 147 190 190 LEU LEU A . n 
A 1 148 ASP 148 191 191 ASP ASP A . n 
A 1 149 GLU 149 192 192 GLU GLU A . n 
A 1 150 ALA 150 193 193 ALA ALA A . n 
A 1 151 ALA 151 194 194 ALA ALA A . n 
A 1 152 LEU 152 195 195 LEU LEU A . n 
A 1 153 LEU 153 196 196 LEU LEU A . n 
A 1 154 ALA 154 197 197 ALA ALA A . n 
A 1 155 ALA 155 198 198 ALA ALA A . n 
A 1 156 LEU 156 199 199 LEU LEU A . n 
A 1 157 PRO 157 200 200 PRO PRO A . n 
A 1 158 LYS 158 201 201 LYS LYS A . n 
A 1 159 ALA 159 202 202 ALA ALA A . n 
A 1 160 PRO 160 203 203 PRO PRO A . n 
A 1 161 ALA 161 204 204 ALA ALA A . n 
A 1 162 LYS 162 205 205 LYS LYS A . n 
A 1 163 TYR 163 206 206 TYR TYR A . n 
A 1 164 ASN 164 207 207 ASN ASN A . n 
A 1 165 PRO 165 208 208 PRO PRO A . n 
A 1 166 PHE 166 209 209 PHE PHE A . n 
A 1 167 TYR 167 210 210 TYR TYR A . n 
A 1 168 HIS 168 211 211 HIS HIS A . n 
A 1 169 PRO 169 212 212 PRO PRO A . n 
A 1 170 GLU 170 213 213 GLU GLU A . n 
A 1 171 ARG 171 214 214 ARG ARG A . n 
A 1 172 ALA 172 215 215 ALA ALA A . n 
A 1 173 LEU 173 216 216 LEU LEU A . n 
A 1 174 GLN 174 217 217 GLN GLN A . n 
A 1 175 ARG 175 218 218 ARG ARG A . n 
A 1 176 ARG 176 219 219 ARG ARG A . n 
A 1 177 ASN 177 220 220 ASN ASN A . n 
A 1 178 LEU 178 221 221 LEU LEU A . n 
A 1 179 VAL 179 222 222 VAL VAL A . n 
A 1 180 LEU 180 223 223 LEU LEU A . n 
A 1 181 LYS 181 224 224 LYS LYS A . n 
A 1 182 ARG 182 225 225 ARG ARG A . n 
A 1 183 MET 183 226 226 MET MET A . n 
A 1 184 LEU 184 227 227 LEU LEU A . n 
A 1 185 GLU 185 228 228 GLU GLU A . n 
A 1 186 GLU 186 229 229 GLU GLU A . n 
A 1 187 GLY 187 230 230 GLY GLY A . n 
A 1 188 TYR 188 231 231 TYR TYR A . n 
A 1 189 ILE 189 232 232 ILE ILE A . n 
A 1 190 THR 190 233 233 THR THR A . n 
A 1 191 PRO 191 234 234 PRO PRO A . n 
A 1 192 GLU 192 235 235 GLU GLU A . n 
A 1 193 GLN 193 236 236 GLN GLN A . n 
A 1 194 TYR 194 237 237 TYR TYR A . n 
A 1 195 GLU 195 238 238 GLU GLU A . n 
A 1 196 GLU 196 239 239 GLU GLU A . n 
A 1 197 ALA 197 240 240 ALA ALA A . n 
A 1 198 VAL 198 241 241 VAL VAL A . n 
A 1 199 ASN 199 242 242 ASN ASN A . n 
A 1 200 LYS 200 243 243 LYS LYS A . n 
# 
loop_
_pdbx_nonpoly_scheme.asym_id 
_pdbx_nonpoly_scheme.entity_id 
_pdbx_nonpoly_scheme.mon_id 
_pdbx_nonpoly_scheme.ndb_seq_num 
_pdbx_nonpoly_scheme.pdb_seq_num 
_pdbx_nonpoly_scheme.auth_seq_num 
_pdbx_nonpoly_scheme.pdb_mon_id 
_pdbx_nonpoly_scheme.auth_mon_id 
_pdbx_nonpoly_scheme.pdb_strand_id 
_pdbx_nonpoly_scheme.pdb_ins_code 
B 2 M4O 1  1   1  M4O M4O A . 
C 3 HOH 1  244 1  HOH WAT A . 
C 3 HOH 2  245 2  HOH WAT A . 
C 3 HOH 3  246 3  HOH WAT A . 
C 3 HOH 4  247 4  HOH WAT A . 
C 3 HOH 5  248 5  HOH WAT A . 
C 3 HOH 6  249 6  HOH WAT A . 
C 3 HOH 7  250 7  HOH WAT A . 
C 3 HOH 8  251 8  HOH WAT A . 
C 3 HOH 9  252 9  HOH WAT A . 
C 3 HOH 10 253 10 HOH WAT A . 
C 3 HOH 11 254 11 HOH WAT A . 
C 3 HOH 12 255 12 HOH WAT A . 
C 3 HOH 13 256 13 HOH WAT A . 
C 3 HOH 14 257 14 HOH WAT A . 
C 3 HOH 15 258 15 HOH WAT A . 
C 3 HOH 16 259 16 HOH WAT A . 
C 3 HOH 17 260 17 HOH WAT A . 
C 3 HOH 18 261 18 HOH WAT A . 
C 3 HOH 19 262 19 HOH WAT A . 
C 3 HOH 20 263 20 HOH WAT A . 
C 3 HOH 21 264 21 HOH WAT A . 
C 3 HOH 22 265 22 HOH WAT A . 
C 3 HOH 23 266 23 HOH WAT A . 
C 3 HOH 24 267 24 HOH WAT A . 
C 3 HOH 25 268 25 HOH WAT A . 
C 3 HOH 26 269 26 HOH WAT A . 
C 3 HOH 27 270 27 HOH WAT A . 
C 3 HOH 28 271 28 HOH WAT A . 
C 3 HOH 29 272 29 HOH WAT A . 
C 3 HOH 30 273 30 HOH WAT A . 
C 3 HOH 31 274 31 HOH WAT A . 
C 3 HOH 32 275 32 HOH WAT A . 
C 3 HOH 33 276 33 HOH WAT A . 
C 3 HOH 34 277 34 HOH WAT A . 
C 3 HOH 35 278 35 HOH WAT A . 
C 3 HOH 36 279 36 HOH WAT A . 
C 3 HOH 37 280 37 HOH WAT A . 
C 3 HOH 38 281 38 HOH WAT A . 
C 3 HOH 39 282 39 HOH WAT A . 
C 3 HOH 40 283 40 HOH WAT A . 
C 3 HOH 41 284 41 HOH WAT A . 
C 3 HOH 42 285 42 HOH WAT A . 
C 3 HOH 43 286 43 HOH WAT A . 
C 3 HOH 44 287 44 HOH WAT A . 
C 3 HOH 45 288 45 HOH WAT A . 
C 3 HOH 46 289 46 HOH WAT A . 
C 3 HOH 47 290 47 HOH WAT A . 
C 3 HOH 48 291 48 HOH WAT A . 
# 
_pdbx_struct_assembly.id                   1 
_pdbx_struct_assembly.details              author_and_software_defined_assembly 
_pdbx_struct_assembly.method_details       PISA 
_pdbx_struct_assembly.oligomeric_details   dimeric 
_pdbx_struct_assembly.oligomeric_count     2 
# 
_pdbx_struct_assembly_gen.assembly_id       1 
_pdbx_struct_assembly_gen.oper_expression   1,2 
_pdbx_struct_assembly_gen.asym_id_list      A,B,C 
# 
loop_
_pdbx_struct_assembly_prop.biol_id 
_pdbx_struct_assembly_prop.type 
_pdbx_struct_assembly_prop.value 
_pdbx_struct_assembly_prop.details 
1 'ABSA (A^2)' 2220  ? 
1 MORE         -16.6 ? 
1 'SSA (A^2)'  17870 ? 
# 
loop_
_pdbx_struct_oper_list.id 
_pdbx_struct_oper_list.type 
_pdbx_struct_oper_list.name 
_pdbx_struct_oper_list.symmetry_operation 
_pdbx_struct_oper_list.matrix[1][1] 
_pdbx_struct_oper_list.matrix[1][2] 
_pdbx_struct_oper_list.matrix[1][3] 
_pdbx_struct_oper_list.vector[1] 
_pdbx_struct_oper_list.matrix[2][1] 
_pdbx_struct_oper_list.matrix[2][2] 
_pdbx_struct_oper_list.matrix[2][3] 
_pdbx_struct_oper_list.vector[2] 
_pdbx_struct_oper_list.matrix[3][1] 
_pdbx_struct_oper_list.matrix[3][2] 
_pdbx_struct_oper_list.matrix[3][3] 
_pdbx_struct_oper_list.vector[3] 
1 'identity operation'         1_555 x,y,z       1.0000000000  0.0000000000 0.0000000000 0.0000000000   0.0000000000 1.0000000000 0.0000000000 0.0000000000  0.0000000000 0.0000000000 1.0000000000  0.0000000000  
2 'crystal symmetry operation' 2_665 -x+1,-y+1,z -0.8963667636 0.3276407366 0.2986271469 -29.1238041309 0.3276407366 0.0358496556 0.9441219995 -3.5879145294 0.2986271469 0.9441219995 -0.1394828921 14.0434018844 
# 
loop_
_pdbx_audit_revision_history.ordinal 
_pdbx_audit_revision_history.data_content_type 
_pdbx_audit_revision_history.major_revision 
_pdbx_audit_revision_history.minor_revision 
_pdbx_audit_revision_history.revision_date 
1 'Structure model' 1 0 2008-07-22 
2 'Structure model' 1 1 2011-07-13 
3 'Structure model' 1 2 2023-08-30 
# 
_pdbx_audit_revision_details.ordinal             1 
_pdbx_audit_revision_details.revision_ordinal    1 
_pdbx_audit_revision_details.data_content_type   'Structure model' 
_pdbx_audit_revision_details.provider            repository 
_pdbx_audit_revision_details.type                'Initial release' 
_pdbx_audit_revision_details.description         ? 
_pdbx_audit_revision_details.details             ? 
# 
loop_
_pdbx_audit_revision_group.ordinal 
_pdbx_audit_revision_group.revision_ordinal 
_pdbx_audit_revision_group.data_content_type 
_pdbx_audit_revision_group.group 
1 2 'Structure model' 'Non-polymer description'   
2 2 'Structure model' 'Version format compliance' 
3 3 'Structure model' 'Data collection'           
4 3 'Structure model' 'Database references'       
5 3 'Structure model' 'Derived calculations'      
6 3 'Structure model' 'Refinement description'    
# 
loop_
_pdbx_audit_revision_category.ordinal 
_pdbx_audit_revision_category.revision_ordinal 
_pdbx_audit_revision_category.data_content_type 
_pdbx_audit_revision_category.category 
1 3 'Structure model' chem_comp_atom                
2 3 'Structure model' chem_comp_bond                
3 3 'Structure model' database_2                    
4 3 'Structure model' pdbx_initial_refinement_model 
5 3 'Structure model' struct_ref_seq_dif            
6 3 'Structure model' struct_site                   
# 
loop_
_pdbx_audit_revision_item.ordinal 
_pdbx_audit_revision_item.revision_ordinal 
_pdbx_audit_revision_item.data_content_type 
_pdbx_audit_revision_item.item 
1 3 'Structure model' '_database_2.pdbx_DOI'                
2 3 'Structure model' '_database_2.pdbx_database_accession' 
3 3 'Structure model' '_struct_ref_seq_dif.details'         
4 3 'Structure model' '_struct_site.pdbx_auth_asym_id'      
5 3 'Structure model' '_struct_site.pdbx_auth_comp_id'      
6 3 'Structure model' '_struct_site.pdbx_auth_seq_id'       
# 
loop_
_software.name 
_software.classification 
_software.version 
_software.citation_id 
_software.pdbx_ordinal 
CNS      refinement        1.2 ? 1 
HKL-2000 'data collection' .   ? 2 
HKL-2000 'data reduction'  .   ? 3 
HKL-2000 'data scaling'    .   ? 4 
CNS      phasing           .   ? 5 
# 
loop_
_pdbx_validate_torsion.id 
_pdbx_validate_torsion.PDB_model_num 
_pdbx_validate_torsion.auth_comp_id 
_pdbx_validate_torsion.auth_asym_id 
_pdbx_validate_torsion.auth_seq_id 
_pdbx_validate_torsion.PDB_ins_code 
_pdbx_validate_torsion.label_alt_id 
_pdbx_validate_torsion.phi 
_pdbx_validate_torsion.psi 
1 1 LYS A 62  ? ? -75.27  36.29 
2 1 PHE A 64  ? ? 156.96  48.51 
3 1 ASP A 84  ? ? -161.69 78.26 
4 1 ARG A 130 ? ? -109.58 77.75 
5 1 ALA A 202 ? ? -175.73 90.81 
6 1 TYR A 210 ? ? -161.21 8.17  
7 1 HIS A 211 ? ? -149.67 48.34 
# 
loop_
_pdbx_unobs_or_zero_occ_residues.id 
_pdbx_unobs_or_zero_occ_residues.PDB_model_num 
_pdbx_unobs_or_zero_occ_residues.polymer_flag 
_pdbx_unobs_or_zero_occ_residues.occupancy_flag 
_pdbx_unobs_or_zero_occ_residues.auth_asym_id 
_pdbx_unobs_or_zero_occ_residues.auth_comp_id 
_pdbx_unobs_or_zero_occ_residues.auth_seq_id 
_pdbx_unobs_or_zero_occ_residues.PDB_ins_code 
_pdbx_unobs_or_zero_occ_residues.label_asym_id 
_pdbx_unobs_or_zero_occ_residues.label_comp_id 
_pdbx_unobs_or_zero_occ_residues.label_seq_id 
1  1 Y 1 A GLY 44  ? A GLY 1  
2  1 Y 1 A PRO 45  ? A PRO 2  
3  1 Y 1 A GLY 46  ? A GLY 3  
4  1 Y 1 A TYR 47  ? A TYR 4  
5  1 Y 1 A GLN 48  ? A GLN 5  
6  1 Y 1 A ASP 49  ? A ASP 6  
7  1 Y 1 A PRO 50  ? A PRO 7  
8  1 Y 1 A LYS 51  ? A LYS 8  
9  1 Y 1 A GLY 52  ? A GLY 9  
10 1 Y 1 A ARG 53  ? A ARG 10 
11 1 Y 1 A LEU 54  ? A LEU 11 
12 1 Y 1 A TYR 55  ? A TYR 12 
13 1 Y 1 A GLY 56  ? A GLY 13 
14 1 Y 1 A THR 57  ? A THR 14 
15 1 Y 1 A ILE 58  ? A ILE 15 
16 1 Y 1 A GLY 59  ? A GLY 16 
17 1 Y 1 A ILE 60  ? A ILE 17 
18 1 Y 1 A VAL 104 ? A VAL 61 
19 1 Y 1 A ASN 105 ? A ASN 62 
20 1 Y 1 A TYR 106 ? A TYR 63 
21 1 Y 1 A ARG 107 ? A ARG 64 
22 1 Y 1 A ALA 108 ? A ALA 65 
23 1 Y 1 A GLY 109 ? A GLY 66 
24 1 Y 1 A ARG 110 ? A ARG 67 
25 1 Y 1 A ILE 111 ? A ILE 68 
26 1 Y 1 A VAL 112 ? A VAL 69 
# 
loop_
_chem_comp_atom.comp_id 
_chem_comp_atom.atom_id 
_chem_comp_atom.type_symbol 
_chem_comp_atom.pdbx_aromatic_flag 
_chem_comp_atom.pdbx_stereo_config 
_chem_comp_atom.pdbx_ordinal 
ALA N    N N N 1   
ALA CA   C N S 2   
ALA C    C N N 3   
ALA O    O N N 4   
ALA CB   C N N 5   
ALA OXT  O N N 6   
ALA H    H N N 7   
ALA H2   H N N 8   
ALA HA   H N N 9   
ALA HB1  H N N 10  
ALA HB2  H N N 11  
ALA HB3  H N N 12  
ALA HXT  H N N 13  
ARG N    N N N 14  
ARG CA   C N S 15  
ARG C    C N N 16  
ARG O    O N N 17  
ARG CB   C N N 18  
ARG CG   C N N 19  
ARG CD   C N N 20  
ARG NE   N N N 21  
ARG CZ   C N N 22  
ARG NH1  N N N 23  
ARG NH2  N N N 24  
ARG OXT  O N N 25  
ARG H    H N N 26  
ARG H2   H N N 27  
ARG HA   H N N 28  
ARG HB2  H N N 29  
ARG HB3  H N N 30  
ARG HG2  H N N 31  
ARG HG3  H N N 32  
ARG HD2  H N N 33  
ARG HD3  H N N 34  
ARG HE   H N N 35  
ARG HH11 H N N 36  
ARG HH12 H N N 37  
ARG HH21 H N N 38  
ARG HH22 H N N 39  
ARG HXT  H N N 40  
ASN N    N N N 41  
ASN CA   C N S 42  
ASN C    C N N 43  
ASN O    O N N 44  
ASN CB   C N N 45  
ASN CG   C N N 46  
ASN OD1  O N N 47  
ASN ND2  N N N 48  
ASN OXT  O N N 49  
ASN H    H N N 50  
ASN H2   H N N 51  
ASN HA   H N N 52  
ASN HB2  H N N 53  
ASN HB3  H N N 54  
ASN HD21 H N N 55  
ASN HD22 H N N 56  
ASN HXT  H N N 57  
ASP N    N N N 58  
ASP CA   C N S 59  
ASP C    C N N 60  
ASP O    O N N 61  
ASP CB   C N N 62  
ASP CG   C N N 63  
ASP OD1  O N N 64  
ASP OD2  O N N 65  
ASP OXT  O N N 66  
ASP H    H N N 67  
ASP H2   H N N 68  
ASP HA   H N N 69  
ASP HB2  H N N 70  
ASP HB3  H N N 71  
ASP HD2  H N N 72  
ASP HXT  H N N 73  
GLN N    N N N 74  
GLN CA   C N S 75  
GLN C    C N N 76  
GLN O    O N N 77  
GLN CB   C N N 78  
GLN CG   C N N 79  
GLN CD   C N N 80  
GLN OE1  O N N 81  
GLN NE2  N N N 82  
GLN OXT  O N N 83  
GLN H    H N N 84  
GLN H2   H N N 85  
GLN HA   H N N 86  
GLN HB2  H N N 87  
GLN HB3  H N N 88  
GLN HG2  H N N 89  
GLN HG3  H N N 90  
GLN HE21 H N N 91  
GLN HE22 H N N 92  
GLN HXT  H N N 93  
GLU N    N N N 94  
GLU CA   C N S 95  
GLU C    C N N 96  
GLU O    O N N 97  
GLU CB   C N N 98  
GLU CG   C N N 99  
GLU CD   C N N 100 
GLU OE1  O N N 101 
GLU OE2  O N N 102 
GLU OXT  O N N 103 
GLU H    H N N 104 
GLU H2   H N N 105 
GLU HA   H N N 106 
GLU HB2  H N N 107 
GLU HB3  H N N 108 
GLU HG2  H N N 109 
GLU HG3  H N N 110 
GLU HE2  H N N 111 
GLU HXT  H N N 112 
GLY N    N N N 113 
GLY CA   C N N 114 
GLY C    C N N 115 
GLY O    O N N 116 
GLY OXT  O N N 117 
GLY H    H N N 118 
GLY H2   H N N 119 
GLY HA2  H N N 120 
GLY HA3  H N N 121 
GLY HXT  H N N 122 
HIS N    N N N 123 
HIS CA   C N S 124 
HIS C    C N N 125 
HIS O    O N N 126 
HIS CB   C N N 127 
HIS CG   C Y N 128 
HIS ND1  N Y N 129 
HIS CD2  C Y N 130 
HIS CE1  C Y N 131 
HIS NE2  N Y N 132 
HIS OXT  O N N 133 
HIS H    H N N 134 
HIS H2   H N N 135 
HIS HA   H N N 136 
HIS HB2  H N N 137 
HIS HB3  H N N 138 
HIS HD1  H N N 139 
HIS HD2  H N N 140 
HIS HE1  H N N 141 
HIS HE2  H N N 142 
HIS HXT  H N N 143 
HOH O    O N N 144 
HOH H1   H N N 145 
HOH H2   H N N 146 
ILE N    N N N 147 
ILE CA   C N S 148 
ILE C    C N N 149 
ILE O    O N N 150 
ILE CB   C N S 151 
ILE CG1  C N N 152 
ILE CG2  C N N 153 
ILE CD1  C N N 154 
ILE OXT  O N N 155 
ILE H    H N N 156 
ILE H2   H N N 157 
ILE HA   H N N 158 
ILE HB   H N N 159 
ILE HG12 H N N 160 
ILE HG13 H N N 161 
ILE HG21 H N N 162 
ILE HG22 H N N 163 
ILE HG23 H N N 164 
ILE HD11 H N N 165 
ILE HD12 H N N 166 
ILE HD13 H N N 167 
ILE HXT  H N N 168 
LEU N    N N N 169 
LEU CA   C N S 170 
LEU C    C N N 171 
LEU O    O N N 172 
LEU CB   C N N 173 
LEU CG   C N N 174 
LEU CD1  C N N 175 
LEU CD2  C N N 176 
LEU OXT  O N N 177 
LEU H    H N N 178 
LEU H2   H N N 179 
LEU HA   H N N 180 
LEU HB2  H N N 181 
LEU HB3  H N N 182 
LEU HG   H N N 183 
LEU HD11 H N N 184 
LEU HD12 H N N 185 
LEU HD13 H N N 186 
LEU HD21 H N N 187 
LEU HD22 H N N 188 
LEU HD23 H N N 189 
LEU HXT  H N N 190 
LYS N    N N N 191 
LYS CA   C N S 192 
LYS C    C N N 193 
LYS O    O N N 194 
LYS CB   C N N 195 
LYS CG   C N N 196 
LYS CD   C N N 197 
LYS CE   C N N 198 
LYS NZ   N N N 199 
LYS OXT  O N N 200 
LYS H    H N N 201 
LYS H2   H N N 202 
LYS HA   H N N 203 
LYS HB2  H N N 204 
LYS HB3  H N N 205 
LYS HG2  H N N 206 
LYS HG3  H N N 207 
LYS HD2  H N N 208 
LYS HD3  H N N 209 
LYS HE2  H N N 210 
LYS HE3  H N N 211 
LYS HZ1  H N N 212 
LYS HZ2  H N N 213 
LYS HZ3  H N N 214 
LYS HXT  H N N 215 
M4O OAG  O N N 216 
M4O CAG  C N R 217 
M4O CBG  C N N 218 
M4O OBG  O N N 219 
M4O OCG  O N N 220 
M4O CCG  C N N 221 
M4O ODG  O N N 222 
M4O PAG  P N N 223 
M4O OEG  O N N 224 
M4O OFG  O N N 225 
M4O OGG  O N N 226 
M4O C1F  C N R 227 
M4O O1F  O N N 228 
M4O C5F  C N S 229 
M4O C6F  C N N 230 
M4O O6F  O N N 231 
M4O N6F  N N N 232 
M4O C4F  C N S 233 
M4O O4F  O N N 234 
M4O CAF  C N N 235 
M4O C3F  C N R 236 
M4O O3F  O N N 237 
M4O CBF  C N N 238 
M4O OAF  O N N 239 
M4O NAF  N N N 240 
M4O C2F  C N R 241 
M4O O1   O N N 242 
M4O C1E  C N S 243 
M4O C2E  C N R 244 
M4O C3E  C N R 245 
M4O O2E  O N N 246 
M4O N2E  N N N 247 
M4O CAE  C N N 248 
M4O CBE  C N N 249 
M4O OBE  O N N 250 
M4O O1E  O N N 251 
M4O C5E  C N R 252 
M4O C6E  C N N 253 
M4O O2   O N N 254 
M4O C4E  C N S 255 
M4O O3   O N N 256 
M4O C1D  C N R 257 
M4O O1D  O N N 258 
M4O C5D  C N R 259 
M4O C6D  C N N 260 
M4O O6D  O N N 261 
M4O C4D  C N S 262 
M4O O4D  O N N 263 
M4O C3D  C N S 264 
M4O O3D  O N N 265 
M4O C2D  C N R 266 
M4O O2D  O N N 267 
M4O C1C  C N S 268 
M4O C2C  C N R 269 
M4O C3C  C N R 270 
M4O O3C  O N N 271 
M4O N2C  N N N 272 
M4O CAC  C N N 273 
M4O CBC  C N N 274 
M4O O2C  O N N 275 
M4O O1C  O N N 276 
M4O C5C  C N R 277 
M4O C6C  C N N 278 
M4O C4C  C N S 279 
M4O O4   O N N 280 
M4O C1B  C N R 281 
M4O O1B  O N N 282 
M4O C2B  C N R 283 
M4O O2B  O N N 284 
M4O C3B  C N S 285 
M4O O3B  O N N 286 
M4O C4B  C N R 287 
M4O O4B  O N N 288 
M4O C5B  C N S 289 
M4O C6B  C N N 290 
M4O O6B  O N N 291 
M4O N1A  N N N 292 
M4O C1H  C N N 293 
M4O C2H  C N N 294 
M4O C3H  C N N 295 
M4O C4H  C N N 296 
M4O C5H  C N N 297 
M4O C6H  C N N 298 
M4O C7H  C N N 299 
M4O C8H  C N N 300 
M4O C9H  C N N 301 
M4O CAH  C N N 302 
M4O HAG  H N N 303 
M4O HOCG H N N 304 
M4O HCG  H N N 305 
M4O HCGA H N N 306 
M4O HOEG H N N 307 
M4O H1F  H N N 308 
M4O H5F  H N N 309 
M4O HN6F H N N 310 
M4O HN6A H N N 311 
M4O HO4F H N N 312 
M4O HAF  H N N 313 
M4O HAFA H N N 314 
M4O HAFB H N N 315 
M4O H3F  H N N 316 
M4O HNAF H N N 317 
M4O HNAA H N N 318 
M4O H2F  H N N 319 
M4O H1E  H N N 320 
M4O H2E  H N N 321 
M4O H3E  H N N 322 
M4O HO2E H N N 323 
M4O HN2E H N N 324 
M4O HBE  H N N 325 
M4O HBEA H N N 326 
M4O HBEB H N N 327 
M4O H5E  H N N 328 
M4O H6E  H N N 329 
M4O H6EA H N N 330 
M4O H4E  H N N 331 
M4O H1D  H N N 332 
M4O H5D  H N N 333 
M4O H6D  H N N 334 
M4O H6DA H N N 335 
M4O HO6D H N N 336 
M4O H4D  H N N 337 
M4O HO4D H N N 338 
M4O H3D  H N N 339 
M4O HO3D H N N 340 
M4O H2D  H N N 341 
M4O HO2D H N N 342 
M4O H1C  H N N 343 
M4O H2C  H N N 344 
M4O H3C  H N N 345 
M4O HO3C H N N 346 
M4O HN2C H N N 347 
M4O HBC  H N N 348 
M4O HBCA H N N 349 
M4O HBCB H N N 350 
M4O H5C  H N N 351 
M4O H6C  H N N 352 
M4O H6CA H N N 353 
M4O H6CB H N N 354 
M4O H4C  H N N 355 
M4O H1B  H N N 356 
M4O H2B  H N N 357 
M4O HO2B H N N 358 
M4O H3B  H N N 359 
M4O HO3B H N N 360 
M4O H4B  H N N 361 
M4O HO4B H N N 362 
M4O H5B  H N N 363 
M4O HN1A H N N 364 
M4O HN1B H N N 365 
M4O H1H  H N N 366 
M4O H4H  H N N 367 
M4O H5H  H N N 368 
M4O H5HA H N N 369 
M4O H5HB H N N 370 
M4O H6H  H N N 371 
M4O H6HA H N N 372 
M4O H7H  H N N 373 
M4O H7HA H N N 374 
M4O H7HB H N N 375 
M4O H8H  H N N 376 
M4O H8HA H N N 377 
M4O H9H  H N N 378 
M4O H9HA H N N 379 
M4O HAH  H N N 380 
M4O HAHA H N N 381 
M4O HAHB H N N 382 
MET N    N N N 383 
MET CA   C N S 384 
MET C    C N N 385 
MET O    O N N 386 
MET CB   C N N 387 
MET CG   C N N 388 
MET SD   S N N 389 
MET CE   C N N 390 
MET OXT  O N N 391 
MET H    H N N 392 
MET H2   H N N 393 
MET HA   H N N 394 
MET HB2  H N N 395 
MET HB3  H N N 396 
MET HG2  H N N 397 
MET HG3  H N N 398 
MET HE1  H N N 399 
MET HE2  H N N 400 
MET HE3  H N N 401 
MET HXT  H N N 402 
PHE N    N N N 403 
PHE CA   C N S 404 
PHE C    C N N 405 
PHE O    O N N 406 
PHE CB   C N N 407 
PHE CG   C Y N 408 
PHE CD1  C Y N 409 
PHE CD2  C Y N 410 
PHE CE1  C Y N 411 
PHE CE2  C Y N 412 
PHE CZ   C Y N 413 
PHE OXT  O N N 414 
PHE H    H N N 415 
PHE H2   H N N 416 
PHE HA   H N N 417 
PHE HB2  H N N 418 
PHE HB3  H N N 419 
PHE HD1  H N N 420 
PHE HD2  H N N 421 
PHE HE1  H N N 422 
PHE HE2  H N N 423 
PHE HZ   H N N 424 
PHE HXT  H N N 425 
PRO N    N N N 426 
PRO CA   C N S 427 
PRO C    C N N 428 
PRO O    O N N 429 
PRO CB   C N N 430 
PRO CG   C N N 431 
PRO CD   C N N 432 
PRO OXT  O N N 433 
PRO H    H N N 434 
PRO HA   H N N 435 
PRO HB2  H N N 436 
PRO HB3  H N N 437 
PRO HG2  H N N 438 
PRO HG3  H N N 439 
PRO HD2  H N N 440 
PRO HD3  H N N 441 
PRO HXT  H N N 442 
SER N    N N N 443 
SER CA   C N S 444 
SER C    C N N 445 
SER O    O N N 446 
SER CB   C N N 447 
SER OG   O N N 448 
SER OXT  O N N 449 
SER H    H N N 450 
SER H2   H N N 451 
SER HA   H N N 452 
SER HB2  H N N 453 
SER HB3  H N N 454 
SER HG   H N N 455 
SER HXT  H N N 456 
THR N    N N N 457 
THR CA   C N S 458 
THR C    C N N 459 
THR O    O N N 460 
THR CB   C N R 461 
THR OG1  O N N 462 
THR CG2  C N N 463 
THR OXT  O N N 464 
THR H    H N N 465 
THR H2   H N N 466 
THR HA   H N N 467 
THR HB   H N N 468 
THR HG1  H N N 469 
THR HG21 H N N 470 
THR HG22 H N N 471 
THR HG23 H N N 472 
THR HXT  H N N 473 
TRP N    N N N 474 
TRP CA   C N S 475 
TRP C    C N N 476 
TRP O    O N N 477 
TRP CB   C N N 478 
TRP CG   C Y N 479 
TRP CD1  C Y N 480 
TRP CD2  C Y N 481 
TRP NE1  N Y N 482 
TRP CE2  C Y N 483 
TRP CE3  C Y N 484 
TRP CZ2  C Y N 485 
TRP CZ3  C Y N 486 
TRP CH2  C Y N 487 
TRP OXT  O N N 488 
TRP H    H N N 489 
TRP H2   H N N 490 
TRP HA   H N N 491 
TRP HB2  H N N 492 
TRP HB3  H N N 493 
TRP HD1  H N N 494 
TRP HE1  H N N 495 
TRP HE3  H N N 496 
TRP HZ2  H N N 497 
TRP HZ3  H N N 498 
TRP HH2  H N N 499 
TRP HXT  H N N 500 
TYR N    N N N 501 
TYR CA   C N S 502 
TYR C    C N N 503 
TYR O    O N N 504 
TYR CB   C N N 505 
TYR CG   C Y N 506 
TYR CD1  C Y N 507 
TYR CD2  C Y N 508 
TYR CE1  C Y N 509 
TYR CE2  C Y N 510 
TYR CZ   C Y N 511 
TYR OH   O N N 512 
TYR OXT  O N N 513 
TYR H    H N N 514 
TYR H2   H N N 515 
TYR HA   H N N 516 
TYR HB2  H N N 517 
TYR HB3  H N N 518 
TYR HD1  H N N 519 
TYR HD2  H N N 520 
TYR HE1  H N N 521 
TYR HE2  H N N 522 
TYR HH   H N N 523 
TYR HXT  H N N 524 
VAL N    N N N 525 
VAL CA   C N S 526 
VAL C    C N N 527 
VAL O    O N N 528 
VAL CB   C N N 529 
VAL CG1  C N N 530 
VAL CG2  C N N 531 
VAL OXT  O N N 532 
VAL H    H N N 533 
VAL H2   H N N 534 
VAL HA   H N N 535 
VAL HB   H N N 536 
VAL HG11 H N N 537 
VAL HG12 H N N 538 
VAL HG13 H N N 539 
VAL HG21 H N N 540 
VAL HG22 H N N 541 
VAL HG23 H N N 542 
VAL HXT  H N N 543 
# 
loop_
_chem_comp_bond.comp_id 
_chem_comp_bond.atom_id_1 
_chem_comp_bond.atom_id_2 
_chem_comp_bond.value_order 
_chem_comp_bond.pdbx_aromatic_flag 
_chem_comp_bond.pdbx_stereo_config 
_chem_comp_bond.pdbx_ordinal 
ALA N   CA   sing N N 1   
ALA N   H    sing N N 2   
ALA N   H2   sing N N 3   
ALA CA  C    sing N N 4   
ALA CA  CB   sing N N 5   
ALA CA  HA   sing N N 6   
ALA C   O    doub N N 7   
ALA C   OXT  sing N N 8   
ALA CB  HB1  sing N N 9   
ALA CB  HB2  sing N N 10  
ALA CB  HB3  sing N N 11  
ALA OXT HXT  sing N N 12  
ARG N   CA   sing N N 13  
ARG N   H    sing N N 14  
ARG N   H2   sing N N 15  
ARG CA  C    sing N N 16  
ARG CA  CB   sing N N 17  
ARG CA  HA   sing N N 18  
ARG C   O    doub N N 19  
ARG C   OXT  sing N N 20  
ARG CB  CG   sing N N 21  
ARG CB  HB2  sing N N 22  
ARG CB  HB3  sing N N 23  
ARG CG  CD   sing N N 24  
ARG CG  HG2  sing N N 25  
ARG CG  HG3  sing N N 26  
ARG CD  NE   sing N N 27  
ARG CD  HD2  sing N N 28  
ARG CD  HD3  sing N N 29  
ARG NE  CZ   sing N N 30  
ARG NE  HE   sing N N 31  
ARG CZ  NH1  sing N N 32  
ARG CZ  NH2  doub N N 33  
ARG NH1 HH11 sing N N 34  
ARG NH1 HH12 sing N N 35  
ARG NH2 HH21 sing N N 36  
ARG NH2 HH22 sing N N 37  
ARG OXT HXT  sing N N 38  
ASN N   CA   sing N N 39  
ASN N   H    sing N N 40  
ASN N   H2   sing N N 41  
ASN CA  C    sing N N 42  
ASN CA  CB   sing N N 43  
ASN CA  HA   sing N N 44  
ASN C   O    doub N N 45  
ASN C   OXT  sing N N 46  
ASN CB  CG   sing N N 47  
ASN CB  HB2  sing N N 48  
ASN CB  HB3  sing N N 49  
ASN CG  OD1  doub N N 50  
ASN CG  ND2  sing N N 51  
ASN ND2 HD21 sing N N 52  
ASN ND2 HD22 sing N N 53  
ASN OXT HXT  sing N N 54  
ASP N   CA   sing N N 55  
ASP N   H    sing N N 56  
ASP N   H2   sing N N 57  
ASP CA  C    sing N N 58  
ASP CA  CB   sing N N 59  
ASP CA  HA   sing N N 60  
ASP C   O    doub N N 61  
ASP C   OXT  sing N N 62  
ASP CB  CG   sing N N 63  
ASP CB  HB2  sing N N 64  
ASP CB  HB3  sing N N 65  
ASP CG  OD1  doub N N 66  
ASP CG  OD2  sing N N 67  
ASP OD2 HD2  sing N N 68  
ASP OXT HXT  sing N N 69  
GLN N   CA   sing N N 70  
GLN N   H    sing N N 71  
GLN N   H2   sing N N 72  
GLN CA  C    sing N N 73  
GLN CA  CB   sing N N 74  
GLN CA  HA   sing N N 75  
GLN C   O    doub N N 76  
GLN C   OXT  sing N N 77  
GLN CB  CG   sing N N 78  
GLN CB  HB2  sing N N 79  
GLN CB  HB3  sing N N 80  
GLN CG  CD   sing N N 81  
GLN CG  HG2  sing N N 82  
GLN CG  HG3  sing N N 83  
GLN CD  OE1  doub N N 84  
GLN CD  NE2  sing N N 85  
GLN NE2 HE21 sing N N 86  
GLN NE2 HE22 sing N N 87  
GLN OXT HXT  sing N N 88  
GLU N   CA   sing N N 89  
GLU N   H    sing N N 90  
GLU N   H2   sing N N 91  
GLU CA  C    sing N N 92  
GLU CA  CB   sing N N 93  
GLU CA  HA   sing N N 94  
GLU C   O    doub N N 95  
GLU C   OXT  sing N N 96  
GLU CB  CG   sing N N 97  
GLU CB  HB2  sing N N 98  
GLU CB  HB3  sing N N 99  
GLU CG  CD   sing N N 100 
GLU CG  HG2  sing N N 101 
GLU CG  HG3  sing N N 102 
GLU CD  OE1  doub N N 103 
GLU CD  OE2  sing N N 104 
GLU OE2 HE2  sing N N 105 
GLU OXT HXT  sing N N 106 
GLY N   CA   sing N N 107 
GLY N   H    sing N N 108 
GLY N   H2   sing N N 109 
GLY CA  C    sing N N 110 
GLY CA  HA2  sing N N 111 
GLY CA  HA3  sing N N 112 
GLY C   O    doub N N 113 
GLY C   OXT  sing N N 114 
GLY OXT HXT  sing N N 115 
HIS N   CA   sing N N 116 
HIS N   H    sing N N 117 
HIS N   H2   sing N N 118 
HIS CA  C    sing N N 119 
HIS CA  CB   sing N N 120 
HIS CA  HA   sing N N 121 
HIS C   O    doub N N 122 
HIS C   OXT  sing N N 123 
HIS CB  CG   sing N N 124 
HIS CB  HB2  sing N N 125 
HIS CB  HB3  sing N N 126 
HIS CG  ND1  sing Y N 127 
HIS CG  CD2  doub Y N 128 
HIS ND1 CE1  doub Y N 129 
HIS ND1 HD1  sing N N 130 
HIS CD2 NE2  sing Y N 131 
HIS CD2 HD2  sing N N 132 
HIS CE1 NE2  sing Y N 133 
HIS CE1 HE1  sing N N 134 
HIS NE2 HE2  sing N N 135 
HIS OXT HXT  sing N N 136 
HOH O   H1   sing N N 137 
HOH O   H2   sing N N 138 
ILE N   CA   sing N N 139 
ILE N   H    sing N N 140 
ILE N   H2   sing N N 141 
ILE CA  C    sing N N 142 
ILE CA  CB   sing N N 143 
ILE CA  HA   sing N N 144 
ILE C   O    doub N N 145 
ILE C   OXT  sing N N 146 
ILE CB  CG1  sing N N 147 
ILE CB  CG2  sing N N 148 
ILE CB  HB   sing N N 149 
ILE CG1 CD1  sing N N 150 
ILE CG1 HG12 sing N N 151 
ILE CG1 HG13 sing N N 152 
ILE CG2 HG21 sing N N 153 
ILE CG2 HG22 sing N N 154 
ILE CG2 HG23 sing N N 155 
ILE CD1 HD11 sing N N 156 
ILE CD1 HD12 sing N N 157 
ILE CD1 HD13 sing N N 158 
ILE OXT HXT  sing N N 159 
LEU N   CA   sing N N 160 
LEU N   H    sing N N 161 
LEU N   H2   sing N N 162 
LEU CA  C    sing N N 163 
LEU CA  CB   sing N N 164 
LEU CA  HA   sing N N 165 
LEU C   O    doub N N 166 
LEU C   OXT  sing N N 167 
LEU CB  CG   sing N N 168 
LEU CB  HB2  sing N N 169 
LEU CB  HB3  sing N N 170 
LEU CG  CD1  sing N N 171 
LEU CG  CD2  sing N N 172 
LEU CG  HG   sing N N 173 
LEU CD1 HD11 sing N N 174 
LEU CD1 HD12 sing N N 175 
LEU CD1 HD13 sing N N 176 
LEU CD2 HD21 sing N N 177 
LEU CD2 HD22 sing N N 178 
LEU CD2 HD23 sing N N 179 
LEU OXT HXT  sing N N 180 
LYS N   CA   sing N N 181 
LYS N   H    sing N N 182 
LYS N   H2   sing N N 183 
LYS CA  C    sing N N 184 
LYS CA  CB   sing N N 185 
LYS CA  HA   sing N N 186 
LYS C   O    doub N N 187 
LYS C   OXT  sing N N 188 
LYS CB  CG   sing N N 189 
LYS CB  HB2  sing N N 190 
LYS CB  HB3  sing N N 191 
LYS CG  CD   sing N N 192 
LYS CG  HG2  sing N N 193 
LYS CG  HG3  sing N N 194 
LYS CD  CE   sing N N 195 
LYS CD  HD2  sing N N 196 
LYS CD  HD3  sing N N 197 
LYS CE  NZ   sing N N 198 
LYS CE  HE2  sing N N 199 
LYS CE  HE3  sing N N 200 
LYS NZ  HZ1  sing N N 201 
LYS NZ  HZ2  sing N N 202 
LYS NZ  HZ3  sing N N 203 
LYS OXT HXT  sing N N 204 
M4O C9H OAG  sing N N 205 
M4O OAG CAG  sing N N 206 
M4O CAG CBG  sing N N 207 
M4O CAG CCG  sing N N 208 
M4O CAG HAG  sing N N 209 
M4O OBG CBG  doub N N 210 
M4O CBG OCG  sing N N 211 
M4O OCG HOCG sing N N 212 
M4O ODG CCG  sing N N 213 
M4O CCG HCG  sing N N 214 
M4O CCG HCGA sing N N 215 
M4O ODG PAG  sing N N 216 
M4O OFG PAG  doub N N 217 
M4O PAG OEG  sing N N 218 
M4O PAG OGG  sing N N 219 
M4O OEG HOEG sing N N 220 
M4O OGG C1F  sing N N 221 
M4O O1F C1F  sing N N 222 
M4O C1F C2F  sing N N 223 
M4O C1F H1F  sing N N 224 
M4O O1F C5F  sing N N 225 
M4O C6F C5F  sing N N 226 
M4O C5F C4F  sing N N 227 
M4O C5F H5F  sing N N 228 
M4O N6F C6F  sing N N 229 
M4O C6F O6F  doub N N 230 
M4O N6F HN6F sing N N 231 
M4O N6F HN6A sing N N 232 
M4O C4F CAF  sing N N 233 
M4O C4F O4F  sing N N 234 
M4O C4F C3F  sing N N 235 
M4O O4F HO4F sing N N 236 
M4O CAF HAF  sing N N 237 
M4O CAF HAFA sing N N 238 
M4O CAF HAFB sing N N 239 
M4O C2F C3F  sing N N 240 
M4O C3F O3F  sing N N 241 
M4O C3F H3F  sing N N 242 
M4O O3F CBF  sing N N 243 
M4O OAF CBF  doub N N 244 
M4O CBF NAF  sing N N 245 
M4O NAF HNAF sing N N 246 
M4O NAF HNAA sing N N 247 
M4O C2F O1   sing N N 248 
M4O C2F H2F  sing N N 249 
M4O O1  C1E  sing N N 250 
M4O O1E C1E  sing N N 251 
M4O C1E C2E  sing N N 252 
M4O C1E H1E  sing N N 253 
M4O C2E C3E  sing N N 254 
M4O C2E N2E  sing N N 255 
M4O C2E H2E  sing N N 256 
M4O C4E C3E  sing N N 257 
M4O C3E O2E  sing N N 258 
M4O C3E H3E  sing N N 259 
M4O O2E HO2E sing N N 260 
M4O N2E CAE  sing N N 261 
M4O N2E HN2E sing N N 262 
M4O OBE CAE  doub N N 263 
M4O CAE CBE  sing N N 264 
M4O CBE HBE  sing N N 265 
M4O CBE HBEA sing N N 266 
M4O CBE HBEB sing N N 267 
M4O O1E C5E  sing N N 268 
M4O C6E C5E  sing N N 269 
M4O C5E C4E  sing N N 270 
M4O C5E H5E  sing N N 271 
M4O O2  C6E  sing N N 272 
M4O C6E H6E  sing N N 273 
M4O C6E H6EA sing N N 274 
M4O C1D O2   sing N N 275 
M4O C4E O3   sing N N 276 
M4O C4E H4E  sing N N 277 
M4O C1C O3   sing N N 278 
M4O O1D C1D  sing N N 279 
M4O C2D C1D  sing N N 280 
M4O C1D H1D  sing N N 281 
M4O C5D O1D  sing N N 282 
M4O C6D C5D  sing N N 283 
M4O C4D C5D  sing N N 284 
M4O C5D H5D  sing N N 285 
M4O C6D O6D  sing N N 286 
M4O C6D H6D  sing N N 287 
M4O C6D H6DA sing N N 288 
M4O O6D HO6D sing N N 289 
M4O O4D C4D  sing N N 290 
M4O C4D C3D  sing N N 291 
M4O C4D H4D  sing N N 292 
M4O O4D HO4D sing N N 293 
M4O O3D C3D  sing N N 294 
M4O C3D C2D  sing N N 295 
M4O C3D H3D  sing N N 296 
M4O O3D HO3D sing N N 297 
M4O C2D O2D  sing N N 298 
M4O C2D H2D  sing N N 299 
M4O O2D HO2D sing N N 300 
M4O C2C C1C  sing N N 301 
M4O C1C O1C  sing N N 302 
M4O C1C H1C  sing N N 303 
M4O N2C C2C  sing N N 304 
M4O C3C C2C  sing N N 305 
M4O C2C H2C  sing N N 306 
M4O O3C C3C  sing N N 307 
M4O C3C C4C  sing N N 308 
M4O C3C H3C  sing N N 309 
M4O O3C HO3C sing N N 310 
M4O N2C CAC  sing N N 311 
M4O N2C HN2C sing N N 312 
M4O CBC CAC  sing N N 313 
M4O CAC O2C  doub N N 314 
M4O CBC HBC  sing N N 315 
M4O CBC HBCA sing N N 316 
M4O CBC HBCB sing N N 317 
M4O C5C O1C  sing N N 318 
M4O C4C C5C  sing N N 319 
M4O C5C C6C  sing N N 320 
M4O C5C H5C  sing N N 321 
M4O C6C H6C  sing N N 322 
M4O C6C H6CA sing N N 323 
M4O C6C H6CB sing N N 324 
M4O O4  C4C  sing N N 325 
M4O C4C H4C  sing N N 326 
M4O O4  C1B  sing N N 327 
M4O C2B C1B  sing N N 328 
M4O O1B C1B  sing N N 329 
M4O C1B H1B  sing N N 330 
M4O O1B C5B  sing N N 331 
M4O C2B O2B  sing N N 332 
M4O C2B C3B  sing N N 333 
M4O C2B H2B  sing N N 334 
M4O O2B HO2B sing N N 335 
M4O C4B C3B  sing N N 336 
M4O O3B C3B  sing N N 337 
M4O C3B H3B  sing N N 338 
M4O O3B HO3B sing N N 339 
M4O O4B C4B  sing N N 340 
M4O C4B C5B  sing N N 341 
M4O C4B H4B  sing N N 342 
M4O O4B HO4B sing N N 343 
M4O C6B C5B  sing N N 344 
M4O C5B H5B  sing N N 345 
M4O N1A C6B  sing N N 346 
M4O C6B O6B  doub N N 347 
M4O N1A HN1A sing N N 348 
M4O N1A HN1B sing N N 349 
M4O C2H C1H  doub N N 350 
M4O C1H C9H  sing N Z 351 
M4O C1H H1H  sing N N 352 
M4O CAH C2H  sing N N 353 
M4O C2H C8H  sing N N 354 
M4O C4H C3H  doub N N 355 
M4O C5H C3H  sing N N 356 
M4O C3H C7H  sing N N 357 
M4O C4H C6H  sing N N 358 
M4O C4H H4H  sing N N 359 
M4O C5H H5H  sing N N 360 
M4O C5H H5HA sing N N 361 
M4O C5H H5HB sing N N 362 
M4O C8H C6H  sing N N 363 
M4O C6H H6H  sing N N 364 
M4O C6H H6HA sing N N 365 
M4O C7H H7H  sing N N 366 
M4O C7H H7HA sing N N 367 
M4O C7H H7HB sing N N 368 
M4O C8H H8H  sing N N 369 
M4O C8H H8HA sing N N 370 
M4O C9H H9H  sing N N 371 
M4O C9H H9HA sing N N 372 
M4O CAH HAH  sing N N 373 
M4O CAH HAHA sing N N 374 
M4O CAH HAHB sing N N 375 
MET N   CA   sing N N 376 
MET N   H    sing N N 377 
MET N   H2   sing N N 378 
MET CA  C    sing N N 379 
MET CA  CB   sing N N 380 
MET CA  HA   sing N N 381 
MET C   O    doub N N 382 
MET C   OXT  sing N N 383 
MET CB  CG   sing N N 384 
MET CB  HB2  sing N N 385 
MET CB  HB3  sing N N 386 
MET CG  SD   sing N N 387 
MET CG  HG2  sing N N 388 
MET CG  HG3  sing N N 389 
MET SD  CE   sing N N 390 
MET CE  HE1  sing N N 391 
MET CE  HE2  sing N N 392 
MET CE  HE3  sing N N 393 
MET OXT HXT  sing N N 394 
PHE N   CA   sing N N 395 
PHE N   H    sing N N 396 
PHE N   H2   sing N N 397 
PHE CA  C    sing N N 398 
PHE CA  CB   sing N N 399 
PHE CA  HA   sing N N 400 
PHE C   O    doub N N 401 
PHE C   OXT  sing N N 402 
PHE CB  CG   sing N N 403 
PHE CB  HB2  sing N N 404 
PHE CB  HB3  sing N N 405 
PHE CG  CD1  doub Y N 406 
PHE CG  CD2  sing Y N 407 
PHE CD1 CE1  sing Y N 408 
PHE CD1 HD1  sing N N 409 
PHE CD2 CE2  doub Y N 410 
PHE CD2 HD2  sing N N 411 
PHE CE1 CZ   doub Y N 412 
PHE CE1 HE1  sing N N 413 
PHE CE2 CZ   sing Y N 414 
PHE CE2 HE2  sing N N 415 
PHE CZ  HZ   sing N N 416 
PHE OXT HXT  sing N N 417 
PRO N   CA   sing N N 418 
PRO N   CD   sing N N 419 
PRO N   H    sing N N 420 
PRO CA  C    sing N N 421 
PRO CA  CB   sing N N 422 
PRO CA  HA   sing N N 423 
PRO C   O    doub N N 424 
PRO C   OXT  sing N N 425 
PRO CB  CG   sing N N 426 
PRO CB  HB2  sing N N 427 
PRO CB  HB3  sing N N 428 
PRO CG  CD   sing N N 429 
PRO CG  HG2  sing N N 430 
PRO CG  HG3  sing N N 431 
PRO CD  HD2  sing N N 432 
PRO CD  HD3  sing N N 433 
PRO OXT HXT  sing N N 434 
SER N   CA   sing N N 435 
SER N   H    sing N N 436 
SER N   H2   sing N N 437 
SER CA  C    sing N N 438 
SER CA  CB   sing N N 439 
SER CA  HA   sing N N 440 
SER C   O    doub N N 441 
SER C   OXT  sing N N 442 
SER CB  OG   sing N N 443 
SER CB  HB2  sing N N 444 
SER CB  HB3  sing N N 445 
SER OG  HG   sing N N 446 
SER OXT HXT  sing N N 447 
THR N   CA   sing N N 448 
THR N   H    sing N N 449 
THR N   H2   sing N N 450 
THR CA  C    sing N N 451 
THR CA  CB   sing N N 452 
THR CA  HA   sing N N 453 
THR C   O    doub N N 454 
THR C   OXT  sing N N 455 
THR CB  OG1  sing N N 456 
THR CB  CG2  sing N N 457 
THR CB  HB   sing N N 458 
THR OG1 HG1  sing N N 459 
THR CG2 HG21 sing N N 460 
THR CG2 HG22 sing N N 461 
THR CG2 HG23 sing N N 462 
THR OXT HXT  sing N N 463 
TRP N   CA   sing N N 464 
TRP N   H    sing N N 465 
TRP N   H2   sing N N 466 
TRP CA  C    sing N N 467 
TRP CA  CB   sing N N 468 
TRP CA  HA   sing N N 469 
TRP C   O    doub N N 470 
TRP C   OXT  sing N N 471 
TRP CB  CG   sing N N 472 
TRP CB  HB2  sing N N 473 
TRP CB  HB3  sing N N 474 
TRP CG  CD1  doub Y N 475 
TRP CG  CD2  sing Y N 476 
TRP CD1 NE1  sing Y N 477 
TRP CD1 HD1  sing N N 478 
TRP CD2 CE2  doub Y N 479 
TRP CD2 CE3  sing Y N 480 
TRP NE1 CE2  sing Y N 481 
TRP NE1 HE1  sing N N 482 
TRP CE2 CZ2  sing Y N 483 
TRP CE3 CZ3  doub Y N 484 
TRP CE3 HE3  sing N N 485 
TRP CZ2 CH2  doub Y N 486 
TRP CZ2 HZ2  sing N N 487 
TRP CZ3 CH2  sing Y N 488 
TRP CZ3 HZ3  sing N N 489 
TRP CH2 HH2  sing N N 490 
TRP OXT HXT  sing N N 491 
TYR N   CA   sing N N 492 
TYR N   H    sing N N 493 
TYR N   H2   sing N N 494 
TYR CA  C    sing N N 495 
TYR CA  CB   sing N N 496 
TYR CA  HA   sing N N 497 
TYR C   O    doub N N 498 
TYR C   OXT  sing N N 499 
TYR CB  CG   sing N N 500 
TYR CB  HB2  sing N N 501 
TYR CB  HB3  sing N N 502 
TYR CG  CD1  doub Y N 503 
TYR CG  CD2  sing Y N 504 
TYR CD1 CE1  sing Y N 505 
TYR CD1 HD1  sing N N 506 
TYR CD2 CE2  doub Y N 507 
TYR CD2 HD2  sing N N 508 
TYR CE1 CZ   doub Y N 509 
TYR CE1 HE1  sing N N 510 
TYR CE2 CZ   sing Y N 511 
TYR CE2 HE2  sing N N 512 
TYR CZ  OH   sing N N 513 
TYR OH  HH   sing N N 514 
TYR OXT HXT  sing N N 515 
VAL N   CA   sing N N 516 
VAL N   H    sing N N 517 
VAL N   H2   sing N N 518 
VAL CA  C    sing N N 519 
VAL CA  CB   sing N N 520 
VAL CA  HA   sing N N 521 
VAL C   O    doub N N 522 
VAL C   OXT  sing N N 523 
VAL CB  CG1  sing N N 524 
VAL CB  CG2  sing N N 525 
VAL CB  HB   sing N N 526 
VAL CG1 HG11 sing N N 527 
VAL CG1 HG12 sing N N 528 
VAL CG1 HG13 sing N N 529 
VAL CG2 HG21 sing N N 530 
VAL CG2 HG22 sing N N 531 
VAL CG2 HG23 sing N N 532 
VAL OXT HXT  sing N N 533 
# 
loop_
_pdbx_entity_nonpoly.entity_id 
_pdbx_entity_nonpoly.name 
_pdbx_entity_nonpoly.comp_id 
2 
;(2R)-3-{[(S)-{[(2R,3R,4R,5S,6S)-3-{[(2S,3R,4R,5S,6R)-3-(acetylamino)-5-{[(2S,3R,4R,5S,6R)-3-(acetylamino)-5-{[(2R,3R,4S,5R,6S)-6-carbamoyl-3,4,5-trihydroxytetrahydro-2H-pyran-2-yl]oxy}-4-hydroxy-6-methyltetrahydro-2H-pyran-2-yl]oxy}-4-hydroxy-6-({[(2R,3R,4S,5S,6R)-3,4,5-trihydroxy-6-(hydroxymethyl)tetrahydro-2H-pyran-2-yl]oxy}methyl)tetrahydro-2H-pyran-2-yl]oxy}-6-carbamoyl-4-(carbamoyloxy)-5-hydroxy-5-methyltetrahydro-2H-pyran-2-yl]oxy}(hydroxy)phosphoryl]oxy}-2-{[(2Z)-3,7-dimethylocta-2,6-dien-1-yl]oxy}propanoic acid
;
M4O 
3 water HOH 
# 
_pdbx_initial_refinement_model.id               1 
_pdbx_initial_refinement_model.entity_id_list   ? 
_pdbx_initial_refinement_model.type             'experimental model' 
_pdbx_initial_refinement_model.source_name      PDB 
_pdbx_initial_refinement_model.accession_code   2OQO 
_pdbx_initial_refinement_model.details          'pdb entry 2OQO' 
# 
